data_4KHZ
#
_entry.id   4KHZ
#
_cell.length_a   76.253
_cell.length_b   92.221
_cell.length_c   117.814
_cell.angle_alpha   90.73
_cell.angle_beta   101.68
_cell.angle_gamma   103.60
#
_symmetry.space_group_name_H-M   'P 1'
#
loop_
_entity.id
_entity.type
_entity.pdbx_description
1 polymer 'Maltose-binding periplasmic protein'
2 polymer 'Maltose transport system permease protein MalF'
3 polymer 'Binding-protein-dependent transport systems inner membrane component'
4 polymer 'Binding-protein-dependent transport systems inner membrane component'
5 branched alpha-D-glucopyranose-(1-4)-alpha-D-glucopyranose-(1-4)-alpha-D-glucopyranose-(1-4)-alpha-D-glucopyranose
6 branched alpha-D-glucopyranose-(1-4)-alpha-D-glucopyranose-(1-4)-alpha-D-glucopyranose
7 non-polymer '(1R)-2-{[{[(2S)-2,3-DIHYDROXYPROPYL]OXY}(HYDROXY)PHOSPHORYL]OXY}-1-[(PALMITOYLOXY)METHYL]ETHYL (11E)-OCTADEC-11-ENOATE'
8 water water
#
loop_
_entity_poly.entity_id
_entity_poly.type
_entity_poly.pdbx_seq_one_letter_code
_entity_poly.pdbx_strand_id
1 'polypeptide(L)'
;KIEEGKLVIWINGDKGYNGLAEVGKKFEKDTGIKVTVEHPDKLEEKFPQVAATGDGPDIIFWAHDRFGGYAQSGLLAEIT
PDKAFQDKLYPFTWDAVRYNGKLIAYPIAVEALSLIYNKDLLPNPPKTWEEIPALDKELKAKGKSALMFNLQEPYFTWPL
IAADGGYAFKYENGKYDIKDVGVDNAGAKAGLTFLVDLIKNKHMNADTDYSIAEAAFNKGETAMTINGPWAWSNIDTSKV
NYGVTVLPTFKGQPSKPFVGVLSAGINAASPNKELAKEFLENYLLTDEGLEAVNKDKPLGAVALKSYEEELAKDPRIAAT
MENAQKGEIMPNIPQMSAFWYAVRTAVINAASGRQTVDEALKDAQTRITKASASHHHHHH
;
E
2 'polypeptide(L)'
;MDVIKKKHWWQSDALKWSVLGLLGLLVGYLVVLMYAQGEYLFAITTLILSSAGLYIFANRKAYAWRYVYPGMAGMGLFVL
FPLVCTIAIAFTNYSSTNQLTFERAQEVLLDRSWQAGKTYNFGLYPAGDEWQLALSDGETGKNYLSDAFKFGGEQKLQLK
ETTAQPEGERANLRVITQNRQALSDITAILPDGNKVMMSSLRQFSGTQPLYTLDGDGTLTNNQSGVKYRPNNQIGFYQSI
TADGNWGDEKLSPGYTVTTGWKNFTRVFTDEGIQKPFLAIFVWTVVFSLITVFLTVAVGMVLACLVQWEALRGKAVYRVL
LILPYAVPSFISILIFKGLFNQSFGEINMMLSALFGVKPAWFSDPTTARTMLIIVNTWLGYPYMMILCMGLLKAIPDDLY
EASAMDGAGPFQNFFKITLPLLIKPLTPLMIASFAFNFNNFVLIQLLTNGGPDRLGTTTPAGYTDLLVNYTYRIAFEGGG
GQDFGLAAAIATLIFLLVGALAIVNLKATRMKFD
;
F
3 'polypeptide(L)'
;MAMVQPKSQKARLFITHLLLLLFIAAIMFPLLMVVAISLRQGNFATGSLIPEQISWDHWKLALGFSVEQADGRITPPPFP
VLLWLWNSVKVAGISAIGIVALSTTCAYAFARMRFPGKATLLKGMLIFQMFPAVLSLVALYALFDRLGEYIPFIGLNTHG
GVIFAYLGGIALHVWTIKGYFETIDSSLEEAAALDGATPWQAFRLVLLPLSVPILAVVFILSFIAAITEVPVASLLLRDV
NSYTLAVGMQQYLNPQNYLWGDFAAAAVMSALPITIVFLLAQRWLVNGLTAGGVKG
;
G
4 'polypeptide(L)'
;MASVQLQNVTKAWGEVVVSKDINLDIHEGEFVVFVGPSGCGKSTLLRMIAGLETITSGDLFIGEKRMNDTPPAERGVGMV
FQSYALYPHLSVAENMSFGLKLAGAKKEVINQRVNQVAEVLQLAHLLDRKPKALSGGQRQRVAIGRTLVAEPSVFLLDEP
LSNLDAALRVQMRIEISRLHKRLGRTMIYVTHDQVEAMTLADKIVVLDAGRVAQVGKPLELYHYPADRFVAGFIGSPKMN
FLPVKVTATAIDQVQVELPMPNRQQVWLPVESRDVQVGANMSLGIRPEHLLPSDIADVILEGEVQVVEQLGNETQIHIQI
PSIRQNLVYRQNDVVLVEEGATFAIGLPPERCHLFREDGTACRRLHKEPGVASASHHHHHH
;
A,B
#
loop_
_chem_comp.id
_chem_comp.type
_chem_comp.name
_chem_comp.formula
GLC D-saccharide, alpha linking alpha-D-glucopyranose 'C6 H12 O6'
PGV non-polymer '(1R)-2-{[{[(2S)-2,3-DIHYDROXYPROPYL]OXY}(HYDROXY)PHOSPHORYL]OXY}-1-[(PALMITOYLOXY)METHYL]ETHYL (11E)-OCTADEC-11-ENOATE' 'C40 H77 O10 P'
#
# COMPACT_ATOMS: atom_id res chain seq x y z
N LYS A 1 26.10 14.37 22.43
CA LYS A 1 26.42 15.41 23.45
C LYS A 1 25.93 14.99 24.83
N ILE A 2 26.86 14.82 25.77
CA ILE A 2 26.52 14.37 27.13
C ILE A 2 25.96 15.54 27.94
N GLU A 3 24.90 15.26 28.70
CA GLU A 3 24.20 16.29 29.46
C GLU A 3 24.91 16.62 30.78
N GLU A 4 25.07 17.92 31.04
CA GLU A 4 25.63 18.40 32.29
C GLU A 4 24.52 18.45 33.35
N GLY A 5 24.88 18.26 34.61
CA GLY A 5 23.93 18.33 35.72
C GLY A 5 23.55 16.97 36.28
N LYS A 6 23.73 15.91 35.49
CA LYS A 6 23.45 14.55 35.96
C LYS A 6 24.58 13.59 35.58
N LEU A 7 24.48 12.37 36.11
CA LEU A 7 25.47 11.33 35.86
C LEU A 7 24.83 10.11 35.21
N VAL A 8 25.17 9.85 33.96
CA VAL A 8 24.74 8.64 33.27
C VAL A 8 25.83 7.58 33.45
N ILE A 9 25.43 6.42 33.99
CA ILE A 9 26.35 5.31 34.22
C ILE A 9 25.96 4.11 33.36
N TRP A 10 26.96 3.46 32.76
CA TRP A 10 26.77 2.25 31.99
C TRP A 10 27.46 1.09 32.69
N ILE A 11 26.74 -0.02 32.87
CA ILE A 11 27.28 -1.20 33.54
C ILE A 11 26.56 -2.44 33.02
N ASN A 12 27.28 -3.55 32.89
CA ASN A 12 26.71 -4.74 32.27
C ASN A 12 25.59 -5.35 33.11
N GLY A 13 24.59 -5.90 32.42
CA GLY A 13 23.37 -6.40 33.05
C GLY A 13 23.59 -7.49 34.09
N ASP A 14 24.65 -8.28 33.92
CA ASP A 14 24.97 -9.34 34.89
C ASP A 14 25.44 -8.78 36.24
N LYS A 15 25.93 -7.54 36.27
CA LYS A 15 26.31 -6.89 37.51
C LYS A 15 25.08 -6.33 38.23
N GLY A 16 25.26 -5.98 39.50
CA GLY A 16 24.17 -5.48 40.33
C GLY A 16 23.88 -4.02 40.07
N TYR A 17 23.26 -3.75 38.93
CA TYR A 17 22.97 -2.37 38.51
C TYR A 17 21.91 -1.69 39.39
N ASN A 18 20.91 -2.44 39.82
CA ASN A 18 19.91 -1.90 40.75
C ASN A 18 20.53 -1.49 42.08
N GLY A 19 21.50 -2.28 42.54
CA GLY A 19 22.26 -1.94 43.74
C GLY A 19 23.05 -0.66 43.54
N LEU A 20 23.69 -0.54 42.39
CA LEU A 20 24.46 0.67 42.04
C LEU A 20 23.57 1.90 41.89
N ALA A 21 22.31 1.68 41.50
CA ALA A 21 21.33 2.76 41.41
C ALA A 21 20.98 3.33 42.79
N GLU A 22 21.02 2.47 43.81
CA GLU A 22 20.77 2.88 45.19
C GLU A 22 21.91 3.73 45.73
N VAL A 23 23.12 3.47 45.23
CA VAL A 23 24.27 4.33 45.51
C VAL A 23 24.09 5.67 44.78
N GLY A 24 23.38 5.62 43.65
CA GLY A 24 22.97 6.81 42.92
C GLY A 24 21.95 7.67 43.67
N LYS A 25 21.00 7.02 44.36
CA LYS A 25 20.02 7.74 45.17
C LYS A 25 20.72 8.44 46.34
N LYS A 26 21.63 7.70 46.98
CA LYS A 26 22.47 8.23 48.06
C LYS A 26 23.29 9.43 47.59
N PHE A 27 23.76 9.38 46.34
CA PHE A 27 24.48 10.50 45.74
C PHE A 27 23.54 11.69 45.53
N GLU A 28 22.35 11.41 45.02
CA GLU A 28 21.32 12.43 44.78
C GLU A 28 20.78 13.04 46.08
N LYS A 29 20.73 12.25 47.15
CA LYS A 29 20.22 12.72 48.44
C LYS A 29 21.10 13.83 49.04
N ASP A 30 22.42 13.72 48.84
CA ASP A 30 23.38 14.66 49.41
C ASP A 30 23.68 15.82 48.47
N THR A 31 23.81 15.53 47.18
CA THR A 31 24.21 16.53 46.18
C THR A 31 23.04 17.14 45.42
N GLY A 32 21.92 16.42 45.32
CA GLY A 32 20.77 16.85 44.54
C GLY A 32 20.86 16.44 43.08
N ILE A 33 21.93 15.73 42.71
CA ILE A 33 22.17 15.35 41.33
C ILE A 33 21.72 13.92 41.04
N LYS A 34 20.88 13.78 40.02
CA LYS A 34 20.31 12.50 39.65
C LYS A 34 21.34 11.61 38.95
N VAL A 35 21.43 10.37 39.39
CA VAL A 35 22.33 9.39 38.81
C VAL A 35 21.51 8.35 38.05
N THR A 36 21.78 8.20 36.75
CA THR A 36 21.05 7.27 35.90
C THR A 36 21.94 6.10 35.49
N VAL A 37 21.68 4.94 36.08
CA VAL A 37 22.41 3.72 35.75
C VAL A 37 21.66 2.93 34.69
N GLU A 38 22.16 2.98 33.45
CA GLU A 38 21.63 2.14 32.37
C GLU A 38 22.52 0.91 32.25
N HIS A 39 22.03 -0.10 31.53
CA HIS A 39 22.81 -1.33 31.34
C HIS A 39 22.62 -1.90 29.93
N PRO A 40 22.97 -1.11 28.90
CA PRO A 40 22.69 -1.50 27.51
C PRO A 40 23.41 -2.77 27.05
N ASP A 41 22.74 -3.56 26.22
CA ASP A 41 23.34 -4.75 25.64
C ASP A 41 24.49 -4.36 24.73
N LYS A 42 25.52 -5.20 24.67
CA LYS A 42 26.75 -4.90 23.93
C LYS A 42 27.28 -3.52 24.33
N LEU A 43 27.24 -3.28 25.63
CA LEU A 43 27.65 -2.01 26.25
C LEU A 43 29.10 -1.65 25.92
N GLU A 44 29.99 -2.64 26.04
CA GLU A 44 31.42 -2.46 25.78
C GLU A 44 31.69 -2.23 24.29
N GLU A 45 30.77 -2.68 23.45
CA GLU A 45 30.85 -2.48 22.01
C GLU A 45 30.40 -1.06 21.64
N LYS A 46 29.33 -0.61 22.29
CA LYS A 46 28.68 0.66 21.97
C LYS A 46 29.48 1.88 22.42
N PHE A 47 30.10 1.79 23.59
CA PHE A 47 30.83 2.93 24.17
C PHE A 47 31.92 3.51 23.25
N PRO A 48 32.80 2.66 22.69
CA PRO A 48 33.80 3.14 21.74
C PRO A 48 33.22 4.07 20.66
N GLN A 49 32.07 3.69 20.10
CA GLN A 49 31.50 4.41 18.97
C GLN A 49 30.84 5.72 19.39
N VAL A 50 30.09 5.68 20.50
CA VAL A 50 29.41 6.89 20.99
C VAL A 50 30.39 7.88 21.64
N ALA A 51 31.39 7.36 22.35
CA ALA A 51 32.35 8.19 23.06
C ALA A 51 33.17 9.10 22.14
N ALA A 52 33.57 8.57 20.99
CA ALA A 52 34.43 9.29 20.03
C ALA A 52 33.73 10.50 19.40
N THR A 53 32.40 10.43 19.29
CA THR A 53 31.61 11.52 18.71
C THR A 53 31.10 12.50 19.77
N GLY A 54 31.42 12.25 21.04
CA GLY A 54 30.99 13.11 22.15
C GLY A 54 29.87 12.52 22.98
N ASP A 55 29.14 11.55 22.42
CA ASP A 55 28.05 10.87 23.14
C ASP A 55 28.59 9.96 24.25
N GLY A 56 27.68 9.23 24.89
CA GLY A 56 28.06 8.19 25.83
C GLY A 56 27.65 8.53 27.24
N PRO A 57 27.93 7.62 28.19
CA PRO A 57 27.66 7.86 29.59
C PRO A 57 28.75 8.73 30.20
N ASP A 58 28.53 9.16 31.44
CA ASP A 58 29.58 9.83 32.20
C ASP A 58 30.54 8.80 32.77
N ILE A 59 30.01 7.66 33.19
CA ILE A 59 30.82 6.59 33.79
C ILE A 59 30.57 5.25 33.08
N ILE A 60 31.64 4.47 32.89
CA ILE A 60 31.59 3.26 32.07
C ILE A 60 32.23 2.08 32.82
N PHE A 61 31.44 1.04 33.07
CA PHE A 61 31.87 -0.13 33.85
C PHE A 61 32.12 -1.36 32.98
N TRP A 62 33.34 -1.88 33.05
CA TRP A 62 33.69 -3.15 32.42
C TRP A 62 34.90 -3.74 33.15
N ALA A 63 35.28 -4.96 32.81
CA ALA A 63 36.55 -5.50 33.27
C ALA A 63 37.69 -4.68 32.66
N HIS A 64 38.80 -4.59 33.37
CA HIS A 64 39.92 -3.72 32.99
C HIS A 64 40.55 -3.98 31.61
N ASP A 65 40.24 -5.14 31.01
CA ASP A 65 40.89 -5.54 29.76
C ASP A 65 40.56 -4.66 28.56
N ARG A 66 39.39 -4.04 28.56
CA ARG A 66 38.95 -3.18 27.45
C ARG A 66 39.27 -1.70 27.65
N PHE A 67 39.97 -1.36 28.73
CA PHE A 67 40.19 0.05 29.07
C PHE A 67 41.43 0.65 28.41
N GLY A 68 42.42 -0.18 28.11
CA GLY A 68 43.61 0.29 27.39
C GLY A 68 43.22 0.82 26.03
N GLY A 69 42.40 0.04 25.31
CA GLY A 69 41.89 0.44 24.00
C GLY A 69 41.02 1.68 24.05
N TYR A 70 40.22 1.82 25.10
CA TYR A 70 39.40 3.01 25.31
C TYR A 70 40.30 4.21 25.58
N ALA A 71 41.23 4.05 26.52
CA ALA A 71 42.18 5.10 26.88
C ALA A 71 43.03 5.52 25.70
N GLN A 72 43.51 4.53 24.92
CA GLN A 72 44.34 4.81 23.75
C GLN A 72 43.55 5.55 22.66
N SER A 73 42.29 5.20 22.48
CA SER A 73 41.42 5.90 21.52
C SER A 73 41.11 7.33 21.94
N GLY A 74 41.43 7.68 23.19
CA GLY A 74 41.24 9.03 23.72
C GLY A 74 39.87 9.25 24.29
N LEU A 75 39.22 8.14 24.69
CA LEU A 75 37.82 8.17 25.12
C LEU A 75 37.71 8.39 26.63
N LEU A 76 38.65 7.82 27.38
CA LEU A 76 38.66 7.93 28.83
C LEU A 76 39.45 9.15 29.29
N ALA A 77 38.92 9.84 30.29
CA ALA A 77 39.65 10.90 30.97
C ALA A 77 40.54 10.26 32.02
N GLU A 78 41.77 10.73 32.15
CA GLU A 78 42.68 10.21 33.15
C GLU A 78 42.16 10.57 34.54
N ILE A 79 42.01 9.57 35.40
CA ILE A 79 41.53 9.79 36.76
C ILE A 79 42.65 10.34 37.65
N THR A 80 42.27 11.07 38.70
CA THR A 80 43.23 11.81 39.52
C THR A 80 43.07 11.52 41.02
N PRO A 81 43.18 10.24 41.43
CA PRO A 81 43.06 9.92 42.85
C PRO A 81 44.33 10.28 43.62
N ASP A 82 44.18 10.96 44.75
CA ASP A 82 45.32 11.34 45.58
C ASP A 82 45.98 10.12 46.23
N LYS A 83 47.10 10.35 46.90
CA LYS A 83 47.82 9.28 47.60
C LYS A 83 46.95 8.57 48.64
N ALA A 84 46.07 9.34 49.30
CA ALA A 84 45.22 8.81 50.37
C ALA A 84 44.18 7.83 49.85
N PHE A 85 43.70 8.06 48.63
CA PHE A 85 42.72 7.16 48.02
C PHE A 85 43.36 5.90 47.45
N GLN A 86 44.52 6.05 46.80
CA GLN A 86 45.21 4.91 46.22
C GLN A 86 45.55 3.85 47.27
N ASP A 87 45.89 4.30 48.47
CA ASP A 87 46.22 3.41 49.58
C ASP A 87 44.99 2.74 50.22
N LYS A 88 43.79 3.10 49.76
CA LYS A 88 42.56 2.44 50.22
C LYS A 88 42.30 1.12 49.49
N LEU A 89 42.79 1.01 48.25
CA LEU A 89 42.65 -0.22 47.45
C LEU A 89 43.96 -0.99 47.39
N TYR A 90 43.88 -2.25 46.94
CA TYR A 90 45.06 -3.10 46.80
C TYR A 90 45.90 -2.66 45.60
N PRO A 91 47.23 -2.55 45.77
CA PRO A 91 48.14 -2.12 44.70
C PRO A 91 47.96 -2.79 43.34
N PHE A 92 47.76 -4.11 43.33
CA PHE A 92 47.68 -4.86 42.07
C PHE A 92 46.44 -4.52 41.25
N THR A 93 45.37 -4.08 41.93
CA THR A 93 44.16 -3.65 41.24
C THR A 93 44.41 -2.37 40.46
N TRP A 94 45.19 -1.45 41.04
CA TRP A 94 45.60 -0.23 40.34
C TRP A 94 46.43 -0.56 39.11
N ASP A 95 47.30 -1.57 39.23
CA ASP A 95 48.18 -1.98 38.14
C ASP A 95 47.41 -2.56 36.95
N ALA A 96 46.23 -3.12 37.23
CA ALA A 96 45.33 -3.60 36.19
C ALA A 96 44.75 -2.43 35.37
N VAL A 97 44.56 -1.29 36.03
CA VAL A 97 43.98 -0.09 35.40
C VAL A 97 45.03 1.01 35.17
N ARG A 98 46.26 0.60 34.90
CA ARG A 98 47.34 1.52 34.57
C ARG A 98 47.68 1.33 33.10
N TYR A 99 47.64 2.43 32.33
CA TYR A 99 47.97 2.38 30.91
C TYR A 99 48.94 3.50 30.55
N ASN A 100 50.15 3.11 30.14
CA ASN A 100 51.26 4.05 29.94
C ASN A 100 51.51 4.90 31.19
N GLY A 101 51.60 4.22 32.34
CA GLY A 101 51.91 4.86 33.62
C GLY A 101 50.88 5.87 34.08
N LYS A 102 49.63 5.70 33.65
CA LYS A 102 48.55 6.61 34.00
C LYS A 102 47.30 5.82 34.37
N LEU A 103 46.69 6.18 35.49
CA LEU A 103 45.47 5.52 35.95
C LEU A 103 44.30 5.96 35.06
N ILE A 104 43.65 4.97 34.44
CA ILE A 104 42.59 5.23 33.45
C ILE A 104 41.20 4.77 33.89
N ALA A 105 41.10 4.23 35.10
CA ALA A 105 39.83 3.75 35.64
C ALA A 105 39.97 3.39 37.11
N TYR A 106 38.88 3.53 37.86
CA TYR A 106 38.84 3.09 39.25
C TYR A 106 38.55 1.60 39.27
N PRO A 107 39.46 0.80 39.86
CA PRO A 107 39.17 -0.62 39.99
C PRO A 107 38.17 -0.83 41.12
N ILE A 108 37.17 -1.69 40.88
CA ILE A 108 36.07 -1.88 41.82
C ILE A 108 36.18 -3.22 42.54
N ALA A 109 36.31 -4.30 41.78
CA ALA A 109 36.35 -5.65 42.36
C ALA A 109 37.04 -6.65 41.46
N VAL A 110 37.55 -7.72 42.06
CA VAL A 110 38.28 -8.77 41.34
C VAL A 110 37.36 -9.94 41.04
N GLU A 111 37.17 -10.20 39.75
CA GLU A 111 36.31 -11.28 39.25
C GLU A 111 37.16 -12.50 38.92
N ALA A 112 36.59 -13.69 39.08
CA ALA A 112 37.30 -14.93 38.76
C ALA A 112 36.33 -16.11 38.69
N LEU A 113 36.50 -16.94 37.66
CA LEU A 113 35.64 -18.11 37.47
C LEU A 113 35.96 -19.19 38.48
N SER A 114 34.91 -19.89 38.92
CA SER A 114 35.05 -21.01 39.83
C SER A 114 34.07 -22.12 39.45
N LEU A 115 34.39 -23.35 39.84
CA LEU A 115 33.49 -24.47 39.65
C LEU A 115 32.37 -24.36 40.67
N ILE A 116 31.14 -24.22 40.19
CA ILE A 116 29.98 -24.16 41.06
C ILE A 116 29.26 -25.49 40.96
N TYR A 117 29.26 -26.26 42.05
CA TYR A 117 28.69 -27.61 42.05
C TYR A 117 27.45 -27.70 42.95
N ASN A 118 26.62 -28.70 42.65
CA ASN A 118 25.42 -28.99 43.43
C ASN A 118 25.71 -30.08 44.46
N LYS A 119 25.51 -29.78 45.74
CA LYS A 119 25.87 -30.69 46.82
C LYS A 119 24.95 -31.90 46.90
N ASP A 120 23.65 -31.69 46.68
CA ASP A 120 22.66 -32.77 46.77
C ASP A 120 22.83 -33.82 45.67
N LEU A 121 23.30 -33.37 44.49
CA LEU A 121 23.62 -34.28 43.39
C LEU A 121 25.05 -34.77 43.47
N LEU A 122 25.98 -33.85 43.77
CA LEU A 122 27.41 -34.11 43.70
C LEU A 122 28.12 -33.63 44.97
N PRO A 123 28.14 -34.46 46.02
CA PRO A 123 28.79 -34.06 47.28
C PRO A 123 30.31 -33.94 47.14
N ASN A 124 30.89 -34.76 46.26
CA ASN A 124 32.33 -34.76 46.01
C ASN A 124 32.66 -34.26 44.60
N PRO A 125 32.89 -32.93 44.46
CA PRO A 125 33.12 -32.36 43.14
C PRO A 125 34.51 -32.69 42.57
N PRO A 126 34.60 -32.99 41.25
CA PRO A 126 35.85 -33.32 40.56
C PRO A 126 37.00 -32.36 40.82
N LYS A 127 38.19 -32.91 41.04
CA LYS A 127 39.43 -32.14 41.06
C LYS A 127 40.06 -32.10 39.66
N THR A 128 39.56 -32.95 38.77
CA THR A 128 40.12 -33.11 37.43
C THR A 128 39.04 -32.90 36.37
N TRP A 129 39.46 -32.44 35.19
CA TRP A 129 38.59 -32.39 34.01
C TRP A 129 38.33 -33.80 33.47
N GLU A 130 39.35 -34.65 33.57
CA GLU A 130 39.32 -35.99 32.97
C GLU A 130 38.26 -36.92 33.58
N GLU A 131 37.87 -36.67 34.83
CA GLU A 131 36.88 -37.50 35.51
C GLU A 131 35.43 -37.01 35.34
N ILE A 132 35.22 -35.99 34.51
CA ILE A 132 33.87 -35.49 34.23
C ILE A 132 33.10 -36.37 33.24
N PRO A 133 33.75 -36.86 32.17
CA PRO A 133 33.07 -37.83 31.31
C PRO A 133 32.49 -39.03 32.08
N ALA A 134 33.29 -39.61 32.97
CA ALA A 134 32.84 -40.69 33.83
C ALA A 134 31.68 -40.23 34.72
N LEU A 135 31.85 -39.05 35.33
CA LEU A 135 30.81 -38.46 36.18
C LEU A 135 29.54 -38.11 35.40
N ASP A 136 29.69 -37.77 34.12
CA ASP A 136 28.57 -37.43 33.28
C ASP A 136 27.66 -38.64 33.07
N LYS A 137 28.26 -39.77 32.71
CA LYS A 137 27.52 -41.01 32.51
C LYS A 137 26.80 -41.45 33.78
N GLU A 138 27.47 -41.30 34.93
CA GLU A 138 26.86 -41.58 36.23
C GLU A 138 25.58 -40.78 36.41
N LEU A 139 25.64 -39.49 36.10
CA LEU A 139 24.50 -38.59 36.25
C LEU A 139 23.52 -38.66 35.08
N LYS A 140 23.99 -39.12 33.91
CA LYS A 140 23.15 -39.18 32.72
C LYS A 140 22.03 -40.21 32.87
N ALA A 141 22.41 -41.43 33.26
CA ALA A 141 21.45 -42.50 33.51
C ALA A 141 20.55 -42.19 34.72
N LYS A 142 21.05 -41.35 35.62
CA LYS A 142 20.27 -40.86 36.75
C LYS A 142 19.22 -39.82 36.31
N GLY A 143 19.42 -39.24 35.12
CA GLY A 143 18.48 -38.26 34.55
C GLY A 143 18.98 -36.83 34.55
N LYS A 144 20.22 -36.62 34.98
CA LYS A 144 20.83 -35.29 35.07
C LYS A 144 22.03 -35.22 34.11
N SER A 145 22.87 -34.19 34.28
CA SER A 145 24.12 -34.06 33.53
C SER A 145 25.24 -33.59 34.45
N ALA A 146 26.48 -33.76 34.03
CA ALA A 146 27.64 -33.47 34.87
C ALA A 146 27.96 -31.98 34.92
N LEU A 147 28.12 -31.39 33.74
CA LEU A 147 28.59 -30.00 33.64
C LEU A 147 27.96 -29.27 32.46
N MET A 148 27.26 -28.18 32.76
CA MET A 148 26.78 -27.25 31.74
C MET A 148 27.25 -25.84 32.06
N PHE A 149 27.97 -25.23 31.11
CA PHE A 149 28.41 -23.85 31.23
C PHE A 149 28.51 -23.19 29.85
N ASN A 150 28.79 -21.89 29.83
CA ASN A 150 28.80 -21.12 28.58
C ASN A 150 29.98 -21.49 27.69
N LEU A 151 29.68 -22.03 26.51
CA LEU A 151 30.70 -22.34 25.51
C LEU A 151 30.77 -21.28 24.42
N GLN A 152 29.88 -20.29 24.48
CA GLN A 152 29.78 -19.26 23.44
C GLN A 152 30.80 -18.14 23.65
N GLU A 153 31.30 -17.98 24.87
CA GLU A 153 32.23 -16.91 25.21
C GLU A 153 33.56 -17.45 25.74
N PRO A 154 34.69 -17.10 25.09
CA PRO A 154 36.04 -17.49 25.48
C PRO A 154 36.33 -17.41 26.97
N TYR A 155 35.91 -16.32 27.60
CA TYR A 155 36.09 -16.13 29.05
C TYR A 155 35.84 -17.42 29.82
N PHE A 156 34.76 -18.12 29.47
CA PHE A 156 34.34 -19.33 30.17
C PHE A 156 35.09 -20.59 29.72
N THR A 157 35.51 -20.64 28.45
CA THR A 157 36.18 -21.82 27.89
C THR A 157 37.71 -21.71 27.89
N TRP A 158 38.24 -20.51 28.13
CA TRP A 158 39.69 -20.29 28.12
C TRP A 158 40.47 -20.96 29.28
N PRO A 159 39.87 -21.02 30.48
CA PRO A 159 40.56 -21.67 31.60
C PRO A 159 41.07 -23.09 31.28
N LEU A 160 40.24 -23.87 30.59
CA LEU A 160 40.61 -25.21 30.16
C LEU A 160 41.73 -25.19 29.12
N ILE A 161 41.64 -24.23 28.20
CA ILE A 161 42.59 -24.09 27.10
C ILE A 161 43.98 -23.75 27.64
N ALA A 162 44.05 -22.65 28.41
CA ALA A 162 45.32 -22.14 28.91
C ALA A 162 45.97 -23.01 29.98
N ALA A 163 45.20 -23.91 30.57
CA ALA A 163 45.69 -24.78 31.66
C ALA A 163 47.00 -25.48 31.30
N ASP A 164 47.01 -26.23 30.20
CA ASP A 164 48.15 -27.06 29.84
C ASP A 164 49.32 -26.26 29.23
N GLY A 165 49.07 -25.03 28.79
CA GLY A 165 50.13 -24.22 28.20
C GLY A 165 49.74 -22.94 27.49
N GLY A 166 48.49 -22.83 27.04
CA GLY A 166 48.02 -21.66 26.29
C GLY A 166 48.13 -20.35 27.05
N TYR A 167 48.30 -19.25 26.31
CA TYR A 167 48.38 -17.91 26.88
C TYR A 167 48.04 -16.85 25.85
N ALA A 168 47.63 -15.67 26.30
CA ALA A 168 47.28 -14.57 25.40
C ALA A 168 48.54 -13.87 24.89
N PHE A 169 49.18 -13.10 25.76
CA PHE A 169 50.41 -12.39 25.42
C PHE A 169 51.47 -12.70 26.45
N LYS A 170 52.66 -13.09 25.99
CA LYS A 170 53.78 -13.40 26.90
C LYS A 170 54.29 -12.10 27.52
N TYR A 171 54.36 -12.08 28.85
CA TYR A 171 54.75 -10.87 29.59
C TYR A 171 56.27 -10.71 29.65
N GLU A 172 56.80 -9.94 28.71
CA GLU A 172 58.23 -9.63 28.65
C GLU A 172 58.62 -8.68 29.78
N ASN A 173 59.21 -9.23 30.83
CA ASN A 173 59.59 -8.48 32.05
C ASN A 173 59.27 -6.99 32.05
N GLY A 174 58.00 -6.67 32.29
CA GLY A 174 57.52 -5.29 32.35
C GLY A 174 56.47 -4.92 31.32
N LYS A 175 56.44 -5.65 30.20
CA LYS A 175 55.53 -5.34 29.09
C LYS A 175 55.06 -6.60 28.37
N TYR A 176 53.90 -6.51 27.72
CA TYR A 176 53.35 -7.61 26.93
C TYR A 176 53.82 -7.53 25.48
N ASP A 177 54.58 -8.54 25.04
CA ASP A 177 55.01 -8.63 23.65
C ASP A 177 53.80 -9.08 22.80
N ILE A 178 53.21 -8.12 22.09
CA ILE A 178 51.95 -8.36 21.38
C ILE A 178 52.07 -9.31 20.18
N LYS A 179 53.26 -9.44 19.62
CA LYS A 179 53.51 -10.36 18.52
C LYS A 179 53.71 -11.81 19.00
N ASP A 180 53.92 -11.99 20.30
CA ASP A 180 54.05 -13.32 20.88
C ASP A 180 52.69 -13.76 21.45
N VAL A 181 52.07 -14.74 20.79
CA VAL A 181 50.73 -15.21 21.15
C VAL A 181 50.75 -16.73 21.34
N GLY A 182 49.97 -17.22 22.31
CA GLY A 182 49.94 -18.63 22.64
C GLY A 182 48.56 -19.27 22.54
N VAL A 183 47.90 -19.09 21.40
CA VAL A 183 46.64 -19.80 21.11
C VAL A 183 46.88 -20.97 20.16
N ASP A 184 47.93 -20.87 19.34
CA ASP A 184 48.26 -21.90 18.37
C ASP A 184 48.94 -23.13 19.02
N ASN A 185 49.63 -22.90 20.14
CA ASN A 185 50.48 -23.95 20.74
C ASN A 185 49.74 -25.19 21.25
N ALA A 186 50.52 -26.23 21.56
CA ALA A 186 49.98 -27.55 21.94
C ALA A 186 49.21 -27.54 23.26
N GLY A 187 49.54 -26.61 24.15
CA GLY A 187 48.82 -26.46 25.41
C GLY A 187 47.39 -26.01 25.20
N ALA A 188 47.20 -25.05 24.30
CA ALA A 188 45.87 -24.55 23.98
C ALA A 188 45.06 -25.58 23.20
N LYS A 189 45.69 -26.20 22.20
CA LYS A 189 45.05 -27.24 21.41
C LYS A 189 44.60 -28.40 22.29
N ALA A 190 45.43 -28.78 23.26
CA ALA A 190 45.11 -29.88 24.18
C ALA A 190 43.78 -29.63 24.89
N GLY A 191 43.68 -28.50 25.59
CA GLY A 191 42.47 -28.13 26.32
C GLY A 191 41.27 -27.96 25.42
N LEU A 192 41.50 -27.42 24.22
CA LEU A 192 40.42 -27.22 23.25
C LEU A 192 39.98 -28.56 22.63
N THR A 193 40.94 -29.41 22.29
CA THR A 193 40.64 -30.73 21.74
C THR A 193 39.91 -31.61 22.75
N PHE A 194 40.21 -31.41 24.04
CA PHE A 194 39.49 -32.08 25.11
C PHE A 194 38.03 -31.62 25.13
N LEU A 195 37.83 -30.31 25.09
CA LEU A 195 36.49 -29.73 25.08
C LEU A 195 35.67 -30.21 23.89
N VAL A 196 36.30 -30.29 22.72
CA VAL A 196 35.64 -30.80 21.52
C VAL A 196 35.22 -32.26 21.74
N ASP A 197 36.11 -33.06 22.32
CA ASP A 197 35.83 -34.47 22.60
C ASP A 197 34.72 -34.68 23.64
N LEU A 198 34.51 -33.67 24.48
CA LEU A 198 33.37 -33.67 25.40
C LEU A 198 32.05 -33.51 24.63
N ILE A 199 32.07 -32.66 23.60
CA ILE A 199 30.90 -32.46 22.74
C ILE A 199 30.71 -33.64 21.79
N LYS A 200 31.81 -34.18 21.26
CA LYS A 200 31.75 -35.34 20.36
C LYS A 200 31.25 -36.61 21.05
N ASN A 201 31.48 -36.71 22.36
CA ASN A 201 30.99 -37.85 23.14
C ASN A 201 29.70 -37.53 23.90
N LYS A 202 29.00 -36.49 23.46
CA LYS A 202 27.66 -36.13 23.94
C LYS A 202 27.62 -35.71 25.42
N HIS A 203 28.75 -35.27 25.96
CA HIS A 203 28.80 -34.83 27.35
C HIS A 203 28.33 -33.38 27.48
N MET A 204 28.43 -32.61 26.40
CA MET A 204 27.95 -31.24 26.34
C MET A 204 27.44 -30.90 24.93
N ASN A 205 26.83 -29.73 24.80
CA ASN A 205 26.38 -29.22 23.50
C ASN A 205 27.19 -27.99 23.10
N ALA A 206 27.64 -27.97 21.85
CA ALA A 206 28.42 -26.84 21.33
C ALA A 206 27.63 -25.54 21.36
N ASP A 207 26.31 -25.65 21.16
CA ASP A 207 25.41 -24.50 21.25
C ASP A 207 24.73 -24.48 22.62
N THR A 208 25.49 -24.08 23.63
CA THR A 208 25.00 -23.92 24.99
C THR A 208 25.46 -22.57 25.53
N ASP A 209 24.53 -21.63 25.66
CA ASP A 209 24.87 -20.29 26.13
C ASP A 209 24.74 -20.14 27.65
N TYR A 210 25.08 -18.97 28.15
CA TYR A 210 25.00 -18.63 29.58
C TYR A 210 23.64 -18.97 30.17
N SER A 211 22.57 -18.56 29.48
CA SER A 211 21.21 -18.73 29.98
C SER A 211 20.76 -20.18 30.05
N ILE A 212 21.25 -21.00 29.12
CA ILE A 212 20.94 -22.43 29.10
C ILE A 212 21.63 -23.13 30.26
N ALA A 213 22.92 -22.85 30.44
CA ALA A 213 23.69 -23.40 31.54
C ALA A 213 23.11 -22.97 32.88
N GLU A 214 22.84 -21.67 33.01
CA GLU A 214 22.26 -21.10 34.23
C GLU A 214 20.94 -21.79 34.56
N ALA A 215 20.09 -21.97 33.55
CA ALA A 215 18.80 -22.64 33.73
C ALA A 215 18.98 -24.08 34.23
N ALA A 216 19.93 -24.79 33.63
CA ALA A 216 20.20 -26.18 33.98
C ALA A 216 20.65 -26.33 35.44
N PHE A 217 21.57 -25.47 35.86
CA PHE A 217 22.09 -25.53 37.23
C PHE A 217 21.08 -25.04 38.26
N ASN A 218 20.44 -23.91 37.98
CA ASN A 218 19.51 -23.30 38.94
C ASN A 218 18.20 -24.06 39.09
N LYS A 219 17.89 -24.92 38.13
CA LYS A 219 16.72 -25.81 38.23
C LYS A 219 17.13 -27.25 38.55
N GLY A 220 18.37 -27.42 39.01
CA GLY A 220 18.87 -28.71 39.48
C GLY A 220 18.97 -29.79 38.42
N GLU A 221 19.21 -29.40 37.17
CA GLU A 221 19.26 -30.34 36.05
C GLU A 221 20.67 -30.70 35.62
N THR A 222 21.66 -29.97 36.14
CA THR A 222 23.07 -30.32 35.95
C THR A 222 23.82 -30.20 37.28
N ALA A 223 24.80 -31.08 37.48
CA ALA A 223 25.50 -31.17 38.76
C ALA A 223 26.48 -30.03 38.99
N MET A 224 27.16 -29.60 37.92
CA MET A 224 28.15 -28.54 38.01
C MET A 224 27.97 -27.47 36.96
N THR A 225 28.60 -26.33 37.19
CA THR A 225 28.68 -25.25 36.21
C THR A 225 29.89 -24.37 36.50
N ILE A 226 30.21 -23.50 35.55
CA ILE A 226 31.36 -22.61 35.65
C ILE A 226 30.88 -21.17 35.49
N ASN A 227 31.08 -20.38 36.54
CA ASN A 227 30.58 -19.00 36.53
C ASN A 227 31.28 -18.15 37.59
N GLY A 228 31.09 -16.84 37.50
CA GLY A 228 31.70 -15.90 38.43
C GLY A 228 30.79 -15.52 39.59
N PRO A 229 31.25 -14.62 40.47
CA PRO A 229 30.50 -14.14 41.63
C PRO A 229 29.09 -13.67 41.33
N TRP A 230 28.95 -12.78 40.35
CA TRP A 230 27.65 -12.21 39.95
C TRP A 230 26.51 -13.21 39.87
N ALA A 231 26.82 -14.44 39.44
CA ALA A 231 25.81 -15.46 39.19
C ALA A 231 25.25 -16.11 40.47
N TRP A 232 25.94 -15.93 41.60
CA TRP A 232 25.51 -16.54 42.87
C TRP A 232 24.14 -16.05 43.34
N SER A 233 23.84 -14.79 43.05
CA SER A 233 22.60 -14.14 43.49
C SER A 233 21.35 -14.89 43.03
N ASN A 234 21.36 -15.38 41.79
CA ASN A 234 20.24 -16.14 41.25
C ASN A 234 20.17 -17.56 41.79
N ILE A 235 21.34 -18.13 42.11
CA ILE A 235 21.42 -19.48 42.67
C ILE A 235 20.84 -19.46 44.08
N ASP A 236 21.12 -18.39 44.83
CA ASP A 236 20.52 -18.18 46.13
C ASP A 236 19.00 -18.16 46.02
N THR A 237 18.49 -17.44 45.01
CA THR A 237 17.05 -17.32 44.79
C THR A 237 16.38 -18.67 44.51
N SER A 238 17.01 -19.48 43.67
CA SER A 238 16.50 -20.81 43.34
C SER A 238 16.64 -21.79 44.51
N LYS A 239 17.53 -21.46 45.46
CA LYS A 239 17.77 -22.26 46.65
C LYS A 239 18.29 -23.66 46.31
N VAL A 240 19.21 -23.71 45.34
CA VAL A 240 19.90 -24.95 45.00
C VAL A 240 21.13 -25.07 45.91
N ASN A 241 21.09 -26.01 46.85
CA ASN A 241 22.20 -26.21 47.80
C ASN A 241 23.51 -26.40 47.05
N TYR A 242 24.32 -25.33 46.99
CA TYR A 242 25.50 -25.30 46.14
C TYR A 242 26.77 -24.96 46.90
N GLY A 243 27.89 -25.11 46.21
CA GLY A 243 29.19 -24.75 46.76
C GLY A 243 30.09 -24.22 45.66
N VAL A 244 30.91 -23.23 46.02
CA VAL A 244 31.88 -22.68 45.10
C VAL A 244 33.27 -23.20 45.49
N THR A 245 33.89 -23.96 44.59
CA THR A 245 35.18 -24.57 44.86
C THR A 245 36.17 -24.27 43.73
N VAL A 246 37.34 -24.90 43.79
CA VAL A 246 38.42 -24.66 42.82
C VAL A 246 38.03 -25.29 41.48
N LEU A 247 38.56 -24.73 40.39
CA LEU A 247 38.30 -25.28 39.06
C LEU A 247 39.10 -26.56 38.84
N PRO A 248 38.51 -27.55 38.14
CA PRO A 248 39.17 -28.83 37.93
C PRO A 248 40.42 -28.72 37.05
N THR A 249 41.40 -29.58 37.31
CA THR A 249 42.68 -29.54 36.61
C THR A 249 42.62 -30.30 35.28
N PHE A 250 43.31 -29.77 34.27
CA PHE A 250 43.43 -30.46 32.98
C PHE A 250 44.88 -30.84 32.75
N LYS A 251 45.13 -32.16 32.64
CA LYS A 251 46.48 -32.70 32.48
C LYS A 251 47.43 -32.16 33.55
N GLY A 252 47.14 -32.49 34.80
CA GLY A 252 47.99 -32.12 35.93
C GLY A 252 47.92 -30.64 36.28
N GLN A 253 48.24 -29.80 35.31
CA GLN A 253 48.16 -28.35 35.47
C GLN A 253 46.73 -27.90 35.76
N PRO A 254 46.55 -26.93 36.66
CA PRO A 254 45.21 -26.48 37.02
C PRO A 254 44.65 -25.53 35.98
N SER A 255 43.33 -25.33 36.01
CA SER A 255 42.68 -24.36 35.12
C SER A 255 43.19 -22.96 35.44
N LYS A 256 43.54 -22.21 34.41
CA LYS A 256 44.11 -20.87 34.57
C LYS A 256 43.19 -19.81 33.97
N PRO A 257 42.13 -19.42 34.70
CA PRO A 257 41.17 -18.45 34.19
C PRO A 257 41.72 -17.03 34.16
N PHE A 258 41.27 -16.23 33.20
CA PHE A 258 41.63 -14.82 33.14
C PHE A 258 40.89 -14.04 34.21
N VAL A 259 41.63 -13.55 35.19
CA VAL A 259 41.06 -12.77 36.29
C VAL A 259 40.66 -11.39 35.77
N GLY A 260 39.39 -11.05 35.93
CA GLY A 260 38.89 -9.72 35.57
C GLY A 260 38.92 -8.80 36.77
N VAL A 261 38.83 -7.50 36.50
CA VAL A 261 38.76 -6.49 37.55
C VAL A 261 37.77 -5.41 37.12
N LEU A 262 36.55 -5.51 37.62
CA LEU A 262 35.51 -4.53 37.29
C LEU A 262 36.04 -3.14 37.56
N SER A 263 36.00 -2.28 36.55
CA SER A 263 36.59 -0.95 36.64
C SER A 263 35.64 0.11 36.09
N ALA A 264 35.69 1.31 36.67
CA ALA A 264 34.85 2.42 36.26
C ALA A 264 35.71 3.53 35.63
N GLY A 265 35.46 3.80 34.35
CA GLY A 265 36.16 4.88 33.64
C GLY A 265 35.29 6.12 33.53
N ILE A 266 35.93 7.25 33.21
CA ILE A 266 35.22 8.52 33.02
C ILE A 266 35.40 8.99 31.58
N ASN A 267 34.27 9.13 30.87
CA ASN A 267 34.27 9.60 29.49
C ASN A 267 34.96 10.95 29.37
N ALA A 268 35.86 11.06 28.39
CA ALA A 268 36.59 12.30 28.15
C ALA A 268 35.68 13.44 27.71
N ALA A 269 34.58 13.10 27.05
CA ALA A 269 33.60 14.08 26.58
C ALA A 269 32.62 14.51 27.68
N SER A 270 32.67 13.87 28.84
CA SER A 270 31.74 14.17 29.92
C SER A 270 32.00 15.55 30.51
N PRO A 271 30.93 16.36 30.66
CA PRO A 271 31.02 17.64 31.37
C PRO A 271 30.80 17.52 32.88
N ASN A 272 30.78 16.29 33.41
CA ASN A 272 30.56 16.06 34.84
C ASN A 272 31.69 15.22 35.46
N LYS A 273 32.92 15.53 35.08
CA LYS A 273 34.09 14.77 35.55
C LYS A 273 34.33 14.91 37.05
N GLU A 274 33.95 16.07 37.60
CA GLU A 274 34.12 16.34 39.02
C GLU A 274 33.09 15.57 39.83
N LEU A 275 31.89 15.45 39.29
CA LEU A 275 30.81 14.72 39.94
C LEU A 275 31.01 13.22 39.81
N ALA A 276 31.57 12.80 38.68
CA ALA A 276 31.93 11.40 38.46
C ALA A 276 32.99 10.95 39.46
N LYS A 277 33.94 11.83 39.75
CA LYS A 277 35.01 11.54 40.70
C LYS A 277 34.47 11.29 42.11
N GLU A 278 33.62 12.19 42.59
CA GLU A 278 33.01 12.06 43.91
C GLU A 278 32.21 10.76 44.06
N PHE A 279 31.37 10.49 43.07
CA PHE A 279 30.52 9.31 43.10
C PHE A 279 31.35 8.03 43.24
N LEU A 280 32.36 7.90 42.38
CA LEU A 280 33.20 6.72 42.39
C LEU A 280 34.06 6.62 43.64
N GLU A 281 34.65 7.73 44.08
CA GLU A 281 35.54 7.72 45.26
C GLU A 281 34.78 7.68 46.58
N ASN A 282 33.92 8.67 46.79
CA ASN A 282 33.25 8.87 48.07
C ASN A 282 31.86 8.24 48.21
N TYR A 283 31.36 7.59 47.16
CA TYR A 283 30.05 6.94 47.23
C TYR A 283 30.07 5.47 46.85
N LEU A 284 30.62 5.15 45.69
CA LEU A 284 30.73 3.75 45.26
C LEU A 284 31.82 3.04 46.03
N LEU A 285 33.06 3.52 45.90
CA LEU A 285 34.21 2.89 46.57
C LEU A 285 34.27 3.25 48.05
N THR A 286 33.24 2.80 48.78
CA THR A 286 33.20 2.82 50.23
C THR A 286 32.66 1.47 50.65
N ASP A 287 32.61 1.22 51.95
CA ASP A 287 32.02 -0.02 52.45
C ASP A 287 30.54 -0.10 52.07
N GLU A 288 29.83 1.00 52.26
CA GLU A 288 28.39 1.04 52.07
C GLU A 288 28.01 0.91 50.59
N GLY A 289 28.72 1.64 49.74
CA GLY A 289 28.47 1.62 48.30
C GLY A 289 28.70 0.27 47.69
N LEU A 290 29.85 -0.33 47.99
CA LEU A 290 30.19 -1.66 47.47
C LEU A 290 29.27 -2.73 48.02
N GLU A 291 28.87 -2.60 49.29
CA GLU A 291 27.90 -3.52 49.88
C GLU A 291 26.55 -3.43 49.17
N ALA A 292 26.11 -2.22 48.85
CA ALA A 292 24.84 -2.02 48.15
C ALA A 292 24.83 -2.75 46.80
N VAL A 293 25.93 -2.64 46.07
CA VAL A 293 26.10 -3.32 44.80
C VAL A 293 26.25 -4.83 45.02
N ASN A 294 27.07 -5.20 46.00
CA ASN A 294 27.33 -6.61 46.30
C ASN A 294 26.09 -7.35 46.79
N LYS A 295 25.22 -6.63 47.50
CA LYS A 295 23.97 -7.20 48.00
C LYS A 295 22.98 -7.50 46.86
N ASP A 296 23.06 -6.72 45.78
CA ASP A 296 22.26 -6.98 44.58
C ASP A 296 22.82 -8.21 43.87
N LYS A 297 24.04 -8.10 43.37
CA LYS A 297 24.73 -9.21 42.72
C LYS A 297 26.21 -9.16 43.07
N PRO A 298 26.73 -10.23 43.70
CA PRO A 298 28.11 -10.26 44.22
C PRO A 298 29.15 -9.73 43.24
N LEU A 299 30.02 -8.86 43.74
CA LEU A 299 31.11 -8.27 42.95
C LEU A 299 32.34 -9.17 42.89
N GLY A 300 32.42 -10.13 43.81
CA GLY A 300 33.60 -10.97 43.96
C GLY A 300 34.44 -10.47 45.12
N ALA A 301 35.76 -10.49 44.95
CA ALA A 301 36.68 -9.94 45.94
C ALA A 301 36.95 -8.49 45.59
N VAL A 302 36.40 -7.58 46.40
CA VAL A 302 36.46 -6.14 46.07
C VAL A 302 37.88 -5.59 46.15
N ALA A 303 38.09 -4.45 45.50
CA ALA A 303 39.39 -3.78 45.53
C ALA A 303 39.58 -3.01 46.83
N LEU A 304 38.48 -2.50 47.39
CA LEU A 304 38.52 -1.75 48.64
C LEU A 304 38.97 -2.66 49.79
N LYS A 305 40.15 -2.37 50.33
CA LYS A 305 40.78 -3.24 51.34
C LYS A 305 39.94 -3.39 52.60
N SER A 306 39.31 -2.31 53.03
CA SER A 306 38.46 -2.33 54.23
C SER A 306 37.30 -3.33 54.08
N TYR A 307 36.56 -3.21 52.98
CA TYR A 307 35.42 -4.09 52.73
C TYR A 307 35.83 -5.49 52.27
N GLU A 308 37.05 -5.64 51.77
CA GLU A 308 37.54 -6.95 51.34
C GLU A 308 37.79 -7.87 52.54
N GLU A 309 38.45 -7.36 53.57
CA GLU A 309 38.76 -8.14 54.77
C GLU A 309 37.50 -8.60 55.50
N GLU A 310 36.42 -7.85 55.36
CA GLU A 310 35.11 -8.26 55.87
C GLU A 310 34.53 -9.38 55.01
N LEU A 311 34.68 -9.24 53.70
CA LEU A 311 34.07 -10.16 52.73
C LEU A 311 34.90 -11.42 52.50
N ALA A 312 36.20 -11.36 52.82
CA ALA A 312 37.11 -12.49 52.65
C ALA A 312 36.72 -13.72 53.49
N LYS A 313 35.94 -13.49 54.54
CA LYS A 313 35.44 -14.57 55.39
C LYS A 313 34.39 -15.45 54.69
N ASP A 314 33.92 -15.02 53.52
CA ASP A 314 33.01 -15.82 52.69
C ASP A 314 33.80 -16.96 52.04
N PRO A 315 33.37 -18.23 52.25
CA PRO A 315 34.09 -19.35 51.63
C PRO A 315 34.03 -19.40 50.10
N ARG A 316 33.01 -18.77 49.52
CA ARG A 316 32.90 -18.67 48.07
C ARG A 316 33.96 -17.73 47.50
N ILE A 317 34.16 -16.61 48.18
CA ILE A 317 35.15 -15.60 47.78
C ILE A 317 36.59 -16.09 48.02
N ALA A 318 36.77 -16.94 49.02
CA ALA A 318 38.05 -17.60 49.26
C ALA A 318 38.39 -18.52 48.09
N ALA A 319 37.37 -19.24 47.60
CA ALA A 319 37.52 -20.12 46.44
C ALA A 319 37.72 -19.32 45.15
N THR A 320 37.01 -18.19 45.04
CA THR A 320 37.16 -17.28 43.91
C THR A 320 38.59 -16.72 43.84
N MET A 321 39.13 -16.36 45.00
CA MET A 321 40.52 -15.87 45.09
C MET A 321 41.52 -17.00 44.86
N GLU A 322 41.15 -18.23 45.22
CA GLU A 322 42.01 -19.38 44.98
C GLU A 322 42.14 -19.65 43.47
N ASN A 323 41.02 -19.61 42.77
CA ASN A 323 41.03 -19.70 41.31
C ASN A 323 41.73 -18.51 40.66
N ALA A 324 41.58 -17.33 41.28
CA ALA A 324 42.22 -16.11 40.77
C ALA A 324 43.73 -16.19 40.85
N GLN A 325 44.26 -16.64 41.99
CA GLN A 325 45.70 -16.82 42.17
C GLN A 325 46.24 -17.88 41.23
N LYS A 326 45.48 -18.96 41.06
CA LYS A 326 45.86 -20.04 40.14
C LYS A 326 45.82 -19.62 38.67
N GLY A 327 44.93 -18.68 38.34
CA GLY A 327 44.85 -18.13 36.99
C GLY A 327 45.87 -17.04 36.77
N GLU A 328 45.47 -15.98 36.07
CA GLU A 328 46.33 -14.83 35.83
C GLU A 328 45.52 -13.59 35.43
N ILE A 329 46.08 -12.42 35.70
CA ILE A 329 45.40 -11.15 35.47
C ILE A 329 45.25 -10.88 33.96
N MET A 330 44.12 -10.27 33.59
CA MET A 330 43.82 -9.96 32.20
C MET A 330 44.68 -8.77 31.76
N PRO A 331 45.33 -8.86 30.59
CA PRO A 331 46.04 -7.68 30.08
C PRO A 331 45.05 -6.54 29.79
N ASN A 332 45.47 -5.31 29.99
CA ASN A 332 44.61 -4.15 29.74
C ASN A 332 44.80 -3.54 28.36
N ILE A 333 45.81 -4.02 27.63
CA ILE A 333 46.17 -3.41 26.35
C ILE A 333 45.10 -3.56 25.26
N PRO A 334 45.09 -2.64 24.27
CA PRO A 334 44.17 -2.62 23.13
C PRO A 334 43.99 -3.94 22.38
N GLN A 335 45.08 -4.71 22.25
CA GLN A 335 45.05 -5.95 21.47
C GLN A 335 44.27 -7.09 22.14
N MET A 336 43.81 -6.88 23.38
CA MET A 336 42.96 -7.86 24.05
C MET A 336 41.61 -8.02 23.37
N SER A 337 41.11 -6.95 22.78
CA SER A 337 39.89 -7.03 21.97
C SER A 337 40.10 -8.00 20.82
N ALA A 338 41.21 -7.84 20.10
CA ALA A 338 41.58 -8.75 19.02
C ALA A 338 41.73 -10.20 19.52
N PHE A 339 42.34 -10.36 20.71
CA PHE A 339 42.51 -11.68 21.31
C PHE A 339 41.18 -12.38 21.52
N TRP A 340 40.24 -11.70 22.15
CA TRP A 340 38.97 -12.31 22.54
C TRP A 340 38.11 -12.72 21.34
N TYR A 341 37.92 -11.81 20.39
CA TYR A 341 37.09 -12.10 19.21
C TYR A 341 37.54 -13.35 18.48
N ALA A 342 38.84 -13.40 18.16
CA ALA A 342 39.42 -14.49 17.37
C ALA A 342 39.30 -15.84 18.08
N VAL A 343 39.44 -15.83 19.39
CA VAL A 343 39.30 -17.06 20.19
C VAL A 343 37.84 -17.52 20.25
N ARG A 344 36.90 -16.57 20.26
CA ARG A 344 35.48 -16.91 20.20
C ARG A 344 35.15 -17.61 18.89
N THR A 345 35.67 -17.07 17.79
CA THR A 345 35.49 -17.67 16.47
C THR A 345 36.11 -19.07 16.44
N ALA A 346 37.33 -19.18 16.97
CA ALA A 346 38.05 -20.46 17.00
C ALA A 346 37.27 -21.54 17.76
N VAL A 347 36.76 -21.18 18.93
CA VAL A 347 36.04 -22.13 19.79
C VAL A 347 34.70 -22.56 19.18
N ILE A 348 33.94 -21.60 18.64
CA ILE A 348 32.63 -21.91 18.07
C ILE A 348 32.75 -22.79 16.83
N ASN A 349 33.68 -22.45 15.94
CA ASN A 349 33.92 -23.22 14.71
C ASN A 349 34.42 -24.64 15.00
N ALA A 350 35.26 -24.77 16.02
CA ALA A 350 35.80 -26.07 16.44
C ALA A 350 34.75 -26.89 17.18
N ALA A 351 34.02 -26.24 18.10
CA ALA A 351 32.98 -26.92 18.87
C ALA A 351 31.80 -27.33 18.00
N SER A 352 31.47 -26.51 17.01
CA SER A 352 30.41 -26.83 16.06
C SER A 352 30.82 -27.95 15.10
N GLY A 353 32.13 -28.10 14.87
CA GLY A 353 32.66 -29.14 14.00
C GLY A 353 32.93 -28.69 12.57
N ARG A 354 32.82 -27.39 12.33
CA ARG A 354 33.10 -26.83 11.00
C ARG A 354 34.61 -26.78 10.73
N GLN A 355 35.39 -26.68 11.80
CA GLN A 355 36.85 -26.64 11.70
C GLN A 355 37.52 -27.63 12.65
N THR A 356 38.81 -27.87 12.41
CA THR A 356 39.65 -28.63 13.34
C THR A 356 40.17 -27.67 14.40
N VAL A 357 40.56 -28.22 15.55
CA VAL A 357 41.14 -27.42 16.64
C VAL A 357 42.43 -26.75 16.17
N ASP A 358 43.23 -27.47 15.38
CA ASP A 358 44.48 -26.95 14.85
C ASP A 358 44.23 -25.75 13.93
N GLU A 359 43.35 -25.93 12.96
CA GLU A 359 43.04 -24.88 11.98
C GLU A 359 42.33 -23.69 12.62
N ALA A 360 41.41 -23.97 13.54
CA ALA A 360 40.65 -22.93 14.22
C ALA A 360 41.54 -22.01 15.07
N LEU A 361 42.51 -22.61 15.75
CA LEU A 361 43.48 -21.86 16.54
C LEU A 361 44.54 -21.21 15.66
N LYS A 362 44.86 -21.84 14.54
CA LYS A 362 45.81 -21.29 13.58
C LYS A 362 45.27 -20.01 12.95
N ASP A 363 43.98 -20.01 12.62
CA ASP A 363 43.31 -18.81 12.10
C ASP A 363 43.26 -17.72 13.16
N ALA A 364 42.99 -18.11 14.40
CA ALA A 364 42.98 -17.17 15.52
C ALA A 364 44.35 -16.53 15.72
N GLN A 365 45.39 -17.37 15.77
CA GLN A 365 46.78 -16.91 15.90
C GLN A 365 47.11 -15.76 14.96
N THR A 366 46.74 -15.91 13.69
CA THR A 366 47.04 -14.92 12.66
C THR A 366 46.20 -13.64 12.80
N ARG A 367 44.97 -13.77 13.29
CA ARG A 367 44.09 -12.62 13.48
C ARG A 367 44.58 -11.65 14.57
N ILE A 368 45.33 -12.17 15.55
CA ILE A 368 45.82 -11.35 16.66
C ILE A 368 47.01 -10.51 16.18
N THR A 369 47.97 -11.17 15.56
CA THR A 369 49.20 -10.52 15.12
C THR A 369 49.03 -9.85 13.75
N LYS A 370 48.51 -10.61 12.78
CA LYS A 370 48.33 -10.14 11.40
C LYS A 370 49.66 -9.72 10.77
N SER B 18 2.63 37.70 1.58
CA SER B 18 2.30 37.94 3.01
C SER B 18 3.31 37.26 3.94
N VAL B 19 3.45 35.95 3.77
CA VAL B 19 4.33 35.14 4.60
C VAL B 19 5.68 34.86 3.90
N LEU B 20 5.84 35.39 2.69
CA LEU B 20 7.07 35.22 1.92
C LEU B 20 8.25 35.97 2.54
N GLY B 21 7.95 37.12 3.14
CA GLY B 21 8.97 37.94 3.81
C GLY B 21 9.49 37.30 5.09
N LEU B 22 8.57 36.84 5.93
CA LEU B 22 8.92 36.20 7.21
C LEU B 22 9.73 34.93 7.00
N LEU B 23 9.27 34.09 6.08
CA LEU B 23 10.00 32.89 5.68
C LEU B 23 11.27 33.28 4.93
N GLY B 24 11.19 34.33 4.11
CA GLY B 24 12.34 34.85 3.39
C GLY B 24 13.44 35.39 4.29
N LEU B 25 13.08 35.84 5.49
CA LEU B 25 14.06 36.29 6.48
C LEU B 25 14.77 35.10 7.14
N LEU B 26 14.01 34.03 7.41
CA LEU B 26 14.60 32.79 7.94
C LEU B 26 15.59 32.20 6.94
N VAL B 27 15.26 32.28 5.65
CA VAL B 27 16.20 31.95 4.58
C VAL B 27 17.21 33.09 4.48
N GLY B 28 18.19 33.06 5.37
CA GLY B 28 19.14 34.17 5.54
C GLY B 28 19.59 34.23 6.98
N TYR B 29 18.63 34.16 7.91
CA TYR B 29 18.93 34.13 9.33
C TYR B 29 19.66 32.84 9.69
N LEU B 30 19.06 31.71 9.32
CA LEU B 30 19.68 30.40 9.52
C LEU B 30 20.72 30.08 8.44
N VAL B 31 20.56 30.69 7.26
CA VAL B 31 21.44 30.41 6.12
C VAL B 31 22.82 31.05 6.29
N VAL B 32 22.87 32.26 6.84
CA VAL B 32 24.15 32.95 7.09
C VAL B 32 24.93 32.29 8.24
N LEU B 33 24.20 31.71 9.19
CA LEU B 33 24.84 30.97 10.29
C LEU B 33 25.52 29.68 9.82
N MET B 34 25.21 29.23 8.60
CA MET B 34 25.91 28.09 8.00
C MET B 34 27.27 28.54 7.49
N TYR B 35 27.34 29.73 6.90
CA TYR B 35 28.59 30.32 6.42
C TYR B 35 29.54 30.57 7.59
N ALA B 36 28.99 31.15 8.67
CA ALA B 36 29.71 31.28 9.93
C ALA B 36 29.84 29.91 10.58
N GLN B 37 30.84 29.78 11.47
CA GLN B 37 31.11 28.51 12.16
C GLN B 37 31.50 27.39 11.19
N GLY B 38 32.16 27.76 10.08
CA GLY B 38 32.62 26.80 9.07
C GLY B 38 31.47 26.19 8.29
N GLU B 39 31.27 24.89 8.48
CA GLU B 39 30.15 24.13 7.91
C GLU B 39 29.74 24.53 6.48
N TYR B 40 30.71 24.53 5.57
CA TYR B 40 30.44 24.72 4.14
C TYR B 40 29.71 23.50 3.55
N LEU B 41 29.87 22.35 4.19
CA LEU B 41 29.29 21.09 3.72
C LEU B 41 27.76 21.11 3.73
N PHE B 42 27.19 21.80 4.73
CA PHE B 42 25.74 21.87 4.92
C PHE B 42 25.22 23.31 4.74
N ALA B 43 25.99 24.14 4.05
CA ALA B 43 25.63 25.55 3.83
C ALA B 43 25.00 25.78 2.46
N ILE B 44 25.46 25.04 1.45
CA ILE B 44 24.99 25.20 0.08
C ILE B 44 23.58 24.63 -0.08
N THR B 45 23.42 23.38 0.37
CA THR B 45 22.13 22.68 0.24
C THR B 45 20.99 23.39 0.98
N THR B 46 21.30 23.98 2.13
CA THR B 46 20.31 24.72 2.92
C THR B 46 19.75 25.93 2.17
N LEU B 47 20.60 26.60 1.40
CA LEU B 47 20.17 27.73 0.58
C LEU B 47 19.45 27.25 -0.68
N ILE B 48 20.07 26.32 -1.40
CA ILE B 48 19.55 25.82 -2.66
C ILE B 48 18.13 25.25 -2.52
N LEU B 49 17.96 24.34 -1.58
CA LEU B 49 16.66 23.70 -1.36
C LEU B 49 15.62 24.69 -0.84
N SER B 50 16.03 25.56 0.08
CA SER B 50 15.11 26.53 0.68
C SER B 50 14.78 27.70 -0.25
N SER B 51 15.71 28.05 -1.13
CA SER B 51 15.46 29.08 -2.14
C SER B 51 14.48 28.58 -3.19
N ALA B 52 14.56 27.30 -3.51
CA ALA B 52 13.62 26.68 -4.46
C ALA B 52 12.18 26.71 -3.94
N GLY B 53 12.02 26.51 -2.63
CA GLY B 53 10.69 26.56 -2.01
C GLY B 53 10.03 27.91 -2.15
N LEU B 54 10.77 28.97 -1.85
CA LEU B 54 10.28 30.33 -2.01
C LEU B 54 10.13 30.68 -3.50
N TYR B 55 11.06 30.18 -4.32
CA TYR B 55 10.99 30.33 -5.77
C TYR B 55 9.73 29.71 -6.36
N ILE B 56 9.34 28.55 -5.84
CA ILE B 56 8.19 27.81 -6.35
C ILE B 56 6.87 28.36 -5.78
N PHE B 57 6.78 28.45 -4.46
CA PHE B 57 5.51 28.78 -3.78
C PHE B 57 5.06 30.24 -3.98
N ALA B 58 5.99 31.12 -4.35
CA ALA B 58 5.68 32.54 -4.53
C ALA B 58 4.81 32.79 -5.77
N ASN B 59 5.37 32.56 -6.95
CA ASN B 59 4.64 32.77 -8.21
C ASN B 59 3.76 31.57 -8.55
N ARG B 60 2.81 31.79 -9.46
CA ARG B 60 1.87 30.74 -9.89
C ARG B 60 2.11 30.30 -11.34
N LYS B 61 3.36 30.37 -11.77
CA LYS B 61 3.78 29.81 -13.07
C LYS B 61 4.29 28.39 -12.85
N ALA B 62 5.08 28.20 -11.79
CA ALA B 62 5.52 26.86 -11.38
C ALA B 62 4.59 26.32 -10.29
N TYR B 63 3.35 26.07 -10.67
CA TYR B 63 2.31 25.61 -9.75
C TYR B 63 2.43 24.11 -9.46
N ALA B 64 2.80 23.34 -10.47
CA ALA B 64 2.90 21.87 -10.34
C ALA B 64 3.98 21.45 -9.33
N TRP B 65 5.06 22.22 -9.25
CA TRP B 65 6.16 21.91 -8.33
C TRP B 65 5.81 22.14 -6.86
N ARG B 66 4.74 22.87 -6.58
CA ARG B 66 4.28 23.10 -5.21
C ARG B 66 3.87 21.80 -4.53
N TYR B 67 3.27 20.89 -5.31
CA TYR B 67 2.82 19.60 -4.80
C TYR B 67 3.97 18.59 -4.69
N VAL B 68 5.00 18.78 -5.50
CA VAL B 68 6.15 17.86 -5.58
C VAL B 68 7.29 18.27 -4.65
N TYR B 69 7.47 19.59 -4.46
CA TYR B 69 8.56 20.13 -3.65
C TYR B 69 8.71 19.49 -2.26
N PRO B 70 7.66 19.52 -1.42
CA PRO B 70 7.85 19.04 -0.05
C PRO B 70 8.13 17.54 0.04
N GLY B 71 7.65 16.77 -0.93
CA GLY B 71 7.96 15.34 -1.02
C GLY B 71 9.40 15.09 -1.44
N MET B 72 9.85 15.81 -2.46
CA MET B 72 11.22 15.67 -2.96
C MET B 72 12.24 16.37 -2.05
N ALA B 73 11.77 17.26 -1.18
CA ALA B 73 12.64 17.86 -0.17
C ALA B 73 13.17 16.78 0.77
N GLY B 74 12.27 15.90 1.22
CA GLY B 74 12.64 14.78 2.07
C GLY B 74 13.54 13.80 1.35
N MET B 75 13.23 13.51 0.08
CA MET B 75 14.08 12.68 -0.76
C MET B 75 15.50 13.25 -0.82
N GLY B 76 15.59 14.57 -1.00
CA GLY B 76 16.87 15.25 -1.04
C GLY B 76 17.58 15.19 0.29
N LEU B 77 16.90 15.65 1.34
CA LEU B 77 17.50 15.73 2.67
C LEU B 77 17.84 14.37 3.25
N PHE B 78 16.82 13.53 3.45
CA PHE B 78 16.97 12.34 4.28
C PHE B 78 17.08 11.03 3.49
N VAL B 79 17.38 11.13 2.20
CA VAL B 79 17.66 9.95 1.36
C VAL B 79 18.83 10.22 0.42
N LEU B 80 18.73 11.28 -0.38
CA LEU B 80 19.76 11.60 -1.37
C LEU B 80 21.03 12.16 -0.74
N PHE B 81 20.90 13.05 0.23
CA PHE B 81 22.06 13.64 0.88
C PHE B 81 22.94 12.58 1.58
N PRO B 82 22.36 11.73 2.45
CA PRO B 82 23.17 10.67 3.03
C PRO B 82 23.81 9.73 2.01
N LEU B 83 23.20 9.60 0.83
CA LEU B 83 23.76 8.79 -0.25
C LEU B 83 24.95 9.50 -0.89
N VAL B 84 24.76 10.77 -1.26
CA VAL B 84 25.84 11.58 -1.83
C VAL B 84 26.95 11.74 -0.81
N CYS B 85 26.57 11.96 0.45
CA CYS B 85 27.51 12.11 1.53
C CYS B 85 28.35 10.85 1.75
N THR B 86 27.68 9.70 1.84
CA THR B 86 28.38 8.42 2.09
C THR B 86 29.24 7.96 0.90
N ILE B 87 28.98 8.51 -0.29
CA ILE B 87 29.85 8.27 -1.45
C ILE B 87 31.16 9.05 -1.31
N ALA B 88 31.06 10.28 -0.79
CA ALA B 88 32.25 11.09 -0.50
C ALA B 88 33.11 10.47 0.62
N ILE B 89 32.47 9.68 1.49
CA ILE B 89 33.17 8.95 2.55
C ILE B 89 34.02 7.81 1.99
N ALA B 90 33.70 7.35 0.79
CA ALA B 90 34.47 6.30 0.12
C ALA B 90 35.87 6.77 -0.29
N PHE B 91 36.01 8.06 -0.58
CA PHE B 91 37.31 8.64 -0.97
C PHE B 91 38.07 9.19 0.24
N THR B 92 38.07 8.43 1.34
CA THR B 92 38.78 8.83 2.55
C THR B 92 38.94 7.66 3.52
N ASN B 93 39.82 7.83 4.51
CA ASN B 93 40.10 6.79 5.50
C ASN B 93 39.25 6.92 6.76
N TYR B 94 37.96 7.16 6.58
CA TYR B 94 37.02 7.27 7.70
C TYR B 94 36.94 5.90 8.36
N SER B 95 37.22 5.85 9.66
CA SER B 95 37.26 4.60 10.42
C SER B 95 36.95 4.86 11.88
N SER B 96 36.99 3.80 12.70
CA SER B 96 36.78 3.93 14.14
C SER B 96 37.92 4.72 14.77
N THR B 97 39.15 4.35 14.41
CA THR B 97 40.34 5.05 14.88
C THR B 97 40.41 6.46 14.30
N ASN B 98 40.05 6.59 13.02
CA ASN B 98 40.20 7.83 12.28
C ASN B 98 38.83 8.39 11.87
N GLN B 99 38.13 8.99 12.84
CA GLN B 99 36.71 9.29 12.72
C GLN B 99 36.38 10.79 12.62
N LEU B 100 37.07 11.61 13.40
CA LEU B 100 36.72 13.03 13.54
C LEU B 100 37.35 13.88 12.44
N THR B 101 37.03 15.16 12.43
CA THR B 101 37.69 16.14 11.55
C THR B 101 38.92 16.67 12.29
N PHE B 102 39.65 17.59 11.65
CA PHE B 102 40.87 18.14 12.25
C PHE B 102 40.58 19.02 13.46
N GLU B 103 39.55 19.87 13.34
CA GLU B 103 39.23 20.82 14.41
C GLU B 103 38.66 20.14 15.66
N ARG B 104 37.85 19.10 15.47
CA ARG B 104 37.34 18.30 16.58
C ARG B 104 38.46 17.49 17.23
N ALA B 105 39.36 16.95 16.41
CA ALA B 105 40.45 16.10 16.88
C ALA B 105 41.45 16.86 17.76
N GLN B 106 41.84 18.06 17.33
CA GLN B 106 42.77 18.88 18.11
C GLN B 106 42.10 19.47 19.35
N GLU B 107 40.79 19.70 19.26
CA GLU B 107 40.01 20.17 20.41
C GLU B 107 39.89 19.07 21.47
N VAL B 108 39.80 17.82 21.02
CA VAL B 108 39.81 16.66 21.91
C VAL B 108 41.16 16.54 22.63
N LEU B 109 42.24 16.77 21.89
CA LEU B 109 43.59 16.72 22.45
C LEU B 109 43.87 17.89 23.39
N LEU B 110 43.33 19.06 23.06
CA LEU B 110 43.50 20.25 23.90
C LEU B 110 42.65 20.19 25.17
N ASP B 111 41.52 19.49 25.11
CA ASP B 111 40.58 19.41 26.23
C ASP B 111 41.15 18.63 27.43
N ARG B 112 41.90 17.57 27.16
CA ARG B 112 42.45 16.73 28.22
C ARG B 112 43.58 17.44 28.96
N SER B 113 44.00 16.84 30.07
CA SER B 113 44.95 17.49 30.99
C SER B 113 45.76 16.48 31.80
N TRP B 114 46.85 16.96 32.40
CA TRP B 114 47.67 16.15 33.31
C TRP B 114 47.83 16.89 34.64
N GLN B 115 47.97 16.13 35.73
CA GLN B 115 48.09 16.72 37.06
C GLN B 115 49.53 17.17 37.35
N ALA B 116 49.76 18.46 37.30
CA ALA B 116 51.07 19.04 37.56
C ALA B 116 51.33 19.13 39.06
N GLY B 117 50.40 19.74 39.77
CA GLY B 117 50.53 19.94 41.23
C GLY B 117 50.04 18.77 42.04
N LYS B 118 49.58 19.06 43.26
CA LYS B 118 49.09 18.05 44.19
C LYS B 118 47.65 18.36 44.61
N THR B 119 47.04 17.44 45.35
CA THR B 119 45.64 17.59 45.77
C THR B 119 45.53 18.35 47.08
N TYR B 120 44.54 19.24 47.15
CA TYR B 120 44.23 20.01 48.36
C TYR B 120 42.76 19.81 48.69
N ASN B 121 42.46 19.44 49.93
CA ASN B 121 41.07 19.31 50.37
C ASN B 121 40.47 20.69 50.61
N PHE B 122 39.46 21.06 49.83
CA PHE B 122 38.87 22.40 49.88
C PHE B 122 37.56 22.45 50.66
N GLY B 123 37.22 23.65 51.11
CA GLY B 123 35.94 23.91 51.77
C GLY B 123 35.37 25.24 51.31
N LEU B 124 34.09 25.45 51.58
CA LEU B 124 33.40 26.67 51.17
C LEU B 124 32.64 27.24 52.36
N TYR B 125 32.94 28.51 52.70
CA TYR B 125 32.39 29.15 53.89
C TYR B 125 31.82 30.52 53.55
N PRO B 126 30.53 30.76 53.88
CA PRO B 126 29.92 32.04 53.55
C PRO B 126 30.33 33.16 54.51
N ALA B 127 30.60 34.34 53.94
CA ALA B 127 30.86 35.55 54.72
C ALA B 127 29.89 36.63 54.25
N GLY B 128 28.64 36.53 54.71
CA GLY B 128 27.53 37.32 54.18
C GLY B 128 27.08 36.71 52.87
N ASP B 129 26.86 37.54 51.86
CA ASP B 129 26.61 37.06 50.50
C ASP B 129 27.88 36.53 49.86
N GLU B 130 29.00 37.20 50.13
CA GLU B 130 30.29 36.84 49.55
C GLU B 130 30.85 35.56 50.19
N TRP B 131 31.12 34.56 49.37
CA TRP B 131 31.64 33.28 49.84
C TRP B 131 33.14 33.33 50.08
N GLN B 132 33.67 32.27 50.69
CA GLN B 132 35.09 32.19 51.03
C GLN B 132 35.57 30.75 50.92
N LEU B 133 36.72 30.56 50.28
CA LEU B 133 37.28 29.23 50.04
C LEU B 133 38.43 28.96 51.01
N ALA B 134 38.70 27.67 51.25
CA ALA B 134 39.80 27.26 52.12
C ALA B 134 40.38 25.93 51.64
N LEU B 135 41.70 25.88 51.48
CA LEU B 135 42.41 24.65 51.08
C LEU B 135 43.29 24.15 52.22
N SER B 136 43.72 22.89 52.12
CA SER B 136 44.56 22.27 53.14
C SER B 136 45.57 21.30 52.55
N ASP B 137 46.86 21.57 52.78
CA ASP B 137 47.95 20.74 52.27
C ASP B 137 48.40 19.74 53.34
N GLY B 138 48.24 18.45 53.04
CA GLY B 138 48.56 17.38 53.98
C GLY B 138 50.03 17.05 54.11
N GLU B 139 50.82 17.39 53.09
CA GLU B 139 52.26 17.15 53.12
C GLU B 139 52.93 18.07 54.15
N THR B 140 52.55 19.35 54.11
CA THR B 140 53.08 20.35 55.04
C THR B 140 52.23 20.44 56.31
N GLY B 141 50.92 20.36 56.15
CA GLY B 141 49.98 20.52 57.27
C GLY B 141 49.39 21.90 57.35
N LYS B 142 50.09 22.89 56.78
CA LYS B 142 49.64 24.28 56.78
C LYS B 142 48.46 24.46 55.83
N ASN B 143 47.55 25.34 56.23
CA ASN B 143 46.32 25.59 55.47
C ASN B 143 46.31 27.00 54.88
N TYR B 144 45.46 27.19 53.88
CA TYR B 144 45.37 28.46 53.15
C TYR B 144 43.90 28.86 52.99
N LEU B 145 43.65 30.14 52.70
CA LEU B 145 42.28 30.64 52.62
C LEU B 145 42.18 31.94 51.83
N SER B 146 41.06 32.12 51.13
CA SER B 146 40.83 33.25 50.24
C SER B 146 40.14 34.41 50.96
N ASP B 147 39.93 35.50 50.24
CA ASP B 147 39.13 36.63 50.72
C ASP B 147 37.67 36.43 50.32
N ALA B 148 36.80 37.30 50.83
CA ALA B 148 35.37 37.21 50.55
C ALA B 148 35.07 37.49 49.07
N PHE B 149 34.95 36.41 48.29
CA PHE B 149 34.70 36.53 46.85
C PHE B 149 33.24 36.29 46.50
N LYS B 150 32.89 36.51 45.23
CA LYS B 150 31.55 36.28 44.73
C LYS B 150 31.58 35.32 43.54
N PHE B 151 30.64 34.38 43.50
CA PHE B 151 30.60 33.39 42.42
C PHE B 151 30.16 34.02 41.11
N GLY B 152 30.77 33.58 40.00
CA GLY B 152 30.44 34.08 38.68
C GLY B 152 31.69 34.45 37.89
N GLY B 153 31.88 33.79 36.75
CA GLY B 153 32.99 34.10 35.86
C GLY B 153 34.32 33.50 36.29
N GLU B 154 35.26 33.47 35.37
CA GLU B 154 36.61 32.97 35.63
C GLU B 154 37.39 33.99 36.45
N GLN B 155 37.72 33.62 37.70
CA GLN B 155 38.46 34.49 38.59
C GLN B 155 39.57 33.71 39.28
N LYS B 156 40.72 34.37 39.48
CA LYS B 156 41.86 33.75 40.14
C LYS B 156 41.87 34.16 41.61
N LEU B 157 41.66 33.20 42.51
CA LEU B 157 41.68 33.47 43.94
C LEU B 157 43.06 33.24 44.52
N GLN B 158 43.76 34.34 44.82
CA GLN B 158 45.08 34.27 45.42
C GLN B 158 44.94 33.96 46.91
N LEU B 159 45.22 32.72 47.30
CA LEU B 159 45.03 32.26 48.67
C LEU B 159 46.11 32.77 49.61
N LYS B 160 45.79 32.78 50.91
CA LYS B 160 46.70 33.25 51.94
C LYS B 160 46.80 32.22 53.05
N GLU B 161 48.03 31.96 53.52
CA GLU B 161 48.26 31.01 54.61
C GLU B 161 47.61 31.51 55.89
N THR B 162 47.16 30.59 56.74
CA THR B 162 46.48 30.95 57.98
C THR B 162 46.50 29.81 59.01
N THR B 163 46.53 30.19 60.28
CA THR B 163 46.46 29.27 61.39
C THR B 163 45.03 29.16 61.92
N ALA B 164 44.27 30.25 61.82
CA ALA B 164 42.92 30.34 62.39
C ALA B 164 41.87 29.68 61.51
N GLN B 165 40.64 29.65 62.03
CA GLN B 165 39.50 29.05 61.33
C GLN B 165 38.70 30.10 60.58
N PRO B 166 37.97 29.68 59.53
CA PRO B 166 37.05 30.59 58.86
C PRO B 166 35.77 30.78 59.67
N GLU B 167 35.17 31.96 59.58
CA GLU B 167 33.89 32.23 60.22
C GLU B 167 32.77 31.79 59.30
N GLY B 168 31.66 31.37 59.90
CA GLY B 168 30.55 30.76 59.16
C GLY B 168 30.76 29.26 59.02
N GLU B 169 29.66 28.52 58.92
CA GLU B 169 29.70 27.07 58.85
C GLU B 169 30.12 26.58 57.48
N ARG B 170 30.72 25.40 57.43
CA ARG B 170 31.12 24.78 56.16
C ARG B 170 29.89 24.51 55.30
N ALA B 171 30.03 24.72 54.00
CA ALA B 171 28.94 24.47 53.05
C ALA B 171 28.81 22.98 52.79
N ASN B 172 27.59 22.46 52.89
CA ASN B 172 27.35 21.05 52.59
C ASN B 172 27.43 20.76 51.09
N LEU B 173 27.46 19.49 50.74
CA LEU B 173 27.65 19.06 49.35
C LEU B 173 26.64 19.70 48.39
N ARG B 174 25.37 19.69 48.78
CA ARG B 174 24.30 20.26 47.95
C ARG B 174 24.58 21.70 47.57
N VAL B 175 25.01 22.50 48.55
CA VAL B 175 25.29 23.92 48.33
C VAL B 175 26.47 24.09 47.38
N ILE B 176 27.54 23.33 47.59
CA ILE B 176 28.73 23.47 46.75
C ILE B 176 28.49 22.85 45.36
N THR B 177 27.60 21.86 45.30
CA THR B 177 27.16 21.27 44.04
C THR B 177 26.34 22.27 43.22
N GLN B 178 25.49 23.04 43.90
CA GLN B 178 24.69 24.07 43.25
C GLN B 178 25.57 25.17 42.64
N ASN B 179 26.74 25.38 43.24
CA ASN B 179 27.72 26.33 42.73
C ASN B 179 28.93 25.63 42.11
N ARG B 180 28.70 24.48 41.48
CA ARG B 180 29.77 23.72 40.83
C ARG B 180 30.33 24.46 39.62
N GLN B 181 29.45 25.08 38.85
CA GLN B 181 29.83 25.76 37.61
C GLN B 181 30.71 26.97 37.88
N ALA B 182 30.31 27.79 38.84
CA ALA B 182 31.07 28.98 39.21
C ALA B 182 32.36 28.63 39.97
N LEU B 183 32.33 27.51 40.69
CA LEU B 183 33.48 27.06 41.49
C LEU B 183 34.56 26.39 40.65
N SER B 184 34.16 25.82 39.51
CA SER B 184 35.12 25.21 38.59
C SER B 184 35.89 26.28 37.81
N ASP B 185 35.27 27.42 37.57
CA ASP B 185 35.91 28.54 36.87
C ASP B 185 36.88 29.32 37.77
N ILE B 186 36.74 29.16 39.09
CA ILE B 186 37.70 29.71 40.04
C ILE B 186 39.00 28.92 39.97
N THR B 187 40.08 29.59 39.59
CA THR B 187 41.40 28.98 39.47
C THR B 187 42.32 29.55 40.55
N ALA B 188 42.20 29.01 41.76
CA ALA B 188 42.94 29.50 42.92
C ALA B 188 44.44 29.20 42.82
N ILE B 189 45.21 29.81 43.73
CA ILE B 189 46.66 29.66 43.74
C ILE B 189 47.23 30.03 45.11
N LEU B 190 48.24 29.27 45.54
CA LEU B 190 48.81 29.41 46.88
C LEU B 190 49.77 30.60 46.94
N PRO B 191 50.08 31.08 48.16
CA PRO B 191 50.99 32.23 48.33
C PRO B 191 52.26 32.13 47.50
N ASP B 192 52.94 30.98 47.58
CA ASP B 192 54.13 30.71 46.77
C ASP B 192 54.11 29.31 46.12
N GLY B 193 52.97 28.63 46.19
CA GLY B 193 52.80 27.33 45.52
C GLY B 193 52.42 27.51 44.06
N ASN B 194 51.72 26.52 43.52
CA ASN B 194 51.26 26.55 42.12
C ASN B 194 49.75 26.75 42.03
N LYS B 195 49.26 26.90 40.80
CA LYS B 195 47.84 27.10 40.54
C LYS B 195 47.06 25.81 40.75
N VAL B 196 45.78 25.94 41.05
CA VAL B 196 44.96 24.80 41.45
C VAL B 196 43.47 25.07 41.17
N MET B 197 42.76 24.05 40.68
CA MET B 197 41.33 24.17 40.33
C MET B 197 40.53 23.02 40.92
N MET B 198 39.21 23.12 40.81
CA MET B 198 38.30 22.11 41.37
C MET B 198 38.39 20.78 40.62
N SER B 199 38.72 19.71 41.34
CA SER B 199 38.80 18.36 40.79
C SER B 199 37.61 17.49 41.19
N SER B 200 37.10 17.71 42.40
CA SER B 200 35.90 17.04 42.91
C SER B 200 35.11 18.03 43.75
N LEU B 201 34.07 17.55 44.45
CA LEU B 201 33.31 18.38 45.37
C LEU B 201 33.99 18.54 46.73
N ARG B 202 35.09 17.83 46.96
CA ARG B 202 35.88 17.97 48.18
C ARG B 202 37.37 18.25 47.96
N GLN B 203 37.82 18.29 46.70
CA GLN B 203 39.25 18.46 46.41
C GLN B 203 39.54 19.45 45.29
N PHE B 204 40.61 20.21 45.47
CA PHE B 204 41.23 21.01 44.42
C PHE B 204 42.56 20.37 44.06
N SER B 205 42.94 20.40 42.79
CA SER B 205 44.26 19.89 42.38
C SER B 205 44.81 20.61 41.16
N GLY B 206 46.13 20.61 41.03
CA GLY B 206 46.82 21.35 39.97
C GLY B 206 46.67 20.72 38.60
N THR B 207 45.51 20.91 37.99
CA THR B 207 45.24 20.45 36.64
C THR B 207 45.78 21.46 35.64
N GLN B 208 46.47 20.99 34.61
CA GLN B 208 47.01 21.85 33.56
C GLN B 208 46.90 21.17 32.20
N PRO B 209 46.83 21.96 31.11
CA PRO B 209 46.71 21.38 29.77
C PRO B 209 47.82 20.39 29.43
N LEU B 210 47.47 19.30 28.75
CA LEU B 210 48.44 18.29 28.35
C LEU B 210 49.30 18.83 27.22
N TYR B 211 48.66 19.46 26.24
CA TYR B 211 49.35 20.03 25.08
C TYR B 211 49.13 21.53 24.95
N THR B 212 49.93 22.16 24.10
CA THR B 212 49.78 23.58 23.77
C THR B 212 50.02 23.80 22.28
N LEU B 213 49.11 24.55 21.64
CA LEU B 213 49.16 24.77 20.19
C LEU B 213 49.61 26.20 19.88
N ASP B 214 50.80 26.32 19.28
CA ASP B 214 51.35 27.63 18.90
C ASP B 214 50.82 28.06 17.52
N GLY B 215 51.45 29.09 16.93
CA GLY B 215 51.05 29.63 15.63
C GLY B 215 50.76 28.59 14.56
N ASP B 216 51.81 27.89 14.12
CA ASP B 216 51.64 26.81 13.14
C ASP B 216 51.06 25.56 13.80
N GLY B 217 50.63 24.60 12.99
CA GLY B 217 50.02 23.38 13.50
C GLY B 217 51.02 22.45 14.17
N THR B 218 51.37 22.76 15.40
CA THR B 218 52.33 21.95 16.18
C THR B 218 51.94 21.89 17.66
N LEU B 219 51.33 20.78 18.05
CA LEU B 219 51.06 20.52 19.47
C LEU B 219 52.33 20.05 20.15
N THR B 220 52.49 20.39 21.42
CA THR B 220 53.67 19.98 22.19
C THR B 220 53.28 19.56 23.61
N ASN B 221 53.70 18.36 24.00
CA ASN B 221 53.39 17.81 25.32
C ASN B 221 54.14 18.58 26.41
N ASN B 222 53.42 18.88 27.49
CA ASN B 222 53.99 19.64 28.61
C ASN B 222 54.65 18.74 29.66
N GLN B 223 54.13 17.52 29.81
CA GLN B 223 54.66 16.56 30.80
C GLN B 223 55.96 15.92 30.32
N SER B 224 55.90 15.20 29.20
CA SER B 224 57.05 14.49 28.65
C SER B 224 58.04 15.45 27.98
N GLY B 225 57.51 16.41 27.22
CA GLY B 225 58.34 17.38 26.50
C GLY B 225 58.65 16.90 25.10
N VAL B 226 57.60 16.60 24.33
CA VAL B 226 57.73 16.11 22.96
C VAL B 226 56.77 16.87 22.05
N LYS B 227 57.25 17.24 20.87
CA LYS B 227 56.43 17.95 19.88
C LYS B 227 55.81 16.97 18.89
N TYR B 228 54.60 17.29 18.44
CA TYR B 228 53.86 16.46 17.48
C TYR B 228 53.39 17.29 16.29
N ARG B 229 53.49 16.72 15.09
CA ARG B 229 53.01 17.37 13.87
C ARG B 229 51.97 16.50 13.18
N PRO B 230 50.92 17.12 12.60
CA PRO B 230 49.85 16.36 11.99
C PRO B 230 50.25 15.73 10.66
N ASN B 231 50.49 14.42 10.68
CA ASN B 231 50.75 13.66 9.46
C ASN B 231 49.44 13.40 8.73
N ASN B 232 49.20 14.14 7.65
CA ASN B 232 47.94 14.05 6.90
C ASN B 232 47.96 13.02 5.77
N GLN B 233 48.78 11.98 5.92
CA GLN B 233 48.74 10.82 5.03
C GLN B 233 47.96 9.70 5.72
N ILE B 234 48.38 9.37 6.93
CA ILE B 234 47.68 8.38 7.76
C ILE B 234 46.51 9.01 8.52
N GLY B 235 46.62 10.30 8.84
CA GLY B 235 45.55 11.03 9.52
C GLY B 235 45.69 11.10 11.02
N PHE B 236 46.93 11.14 11.51
CA PHE B 236 47.22 11.23 12.95
C PHE B 236 48.31 12.26 13.22
N TYR B 237 48.39 12.70 14.48
CA TYR B 237 49.52 13.48 14.96
C TYR B 237 50.68 12.53 15.22
N GLN B 238 51.89 12.95 14.84
CA GLN B 238 53.06 12.09 14.91
C GLN B 238 54.32 12.92 15.21
N SER B 239 55.35 12.26 15.72
CA SER B 239 56.59 12.93 16.12
C SER B 239 57.76 12.52 15.22
N ILE B 240 58.69 13.45 15.03
CA ILE B 240 59.88 13.21 14.20
C ILE B 240 61.16 13.37 15.03
N THR B 241 62.19 12.59 14.69
CA THR B 241 63.45 12.59 15.43
C THR B 241 64.30 13.81 15.09
N ALA B 242 64.19 14.85 15.92
CA ALA B 242 64.98 16.07 15.74
C ALA B 242 66.40 15.89 16.26
N ASP B 248 57.81 5.98 15.97
CA ASP B 248 57.43 7.24 16.59
C ASP B 248 56.04 7.14 17.23
N GLU B 249 55.78 8.02 18.20
CA GLU B 249 54.50 8.08 18.91
C GLU B 249 53.41 8.55 17.96
N LYS B 250 52.20 8.01 18.15
CA LYS B 250 51.05 8.36 17.33
C LYS B 250 49.83 8.67 18.21
N LEU B 251 49.45 9.94 18.28
CA LEU B 251 48.29 10.36 19.07
C LEU B 251 47.01 9.90 18.37
N SER B 252 46.28 9.00 19.03
CA SER B 252 45.24 8.22 18.37
C SER B 252 43.79 8.58 18.72
N PRO B 253 43.50 9.87 18.96
CA PRO B 253 42.12 10.30 18.72
C PRO B 253 41.78 10.23 17.22
N GLY B 254 42.72 10.67 16.38
CA GLY B 254 42.62 10.49 14.93
C GLY B 254 41.74 11.52 14.24
N TYR B 255 42.02 11.78 12.96
CA TYR B 255 41.23 12.71 12.16
C TYR B 255 41.14 12.29 10.69
N THR B 256 39.97 12.50 10.10
CA THR B 256 39.68 12.07 8.73
C THR B 256 40.51 12.82 7.70
N VAL B 257 40.91 12.13 6.64
CA VAL B 257 41.66 12.74 5.53
C VAL B 257 41.45 11.96 4.23
N THR B 258 41.33 12.68 3.12
CA THR B 258 41.00 12.08 1.82
C THR B 258 42.06 11.10 1.33
N THR B 259 41.61 10.05 0.64
CA THR B 259 42.50 9.00 0.12
C THR B 259 42.08 8.55 -1.29
N GLY B 260 41.68 9.52 -2.12
CA GLY B 260 41.32 9.26 -3.52
C GLY B 260 40.72 7.89 -3.84
N TRP B 261 41.31 7.21 -4.82
CA TRP B 261 40.83 5.92 -5.30
C TRP B 261 41.64 4.79 -4.66
N LYS B 262 41.48 4.60 -3.35
CA LYS B 262 42.20 3.57 -2.60
C LYS B 262 41.26 2.52 -2.02
N ASN B 263 40.21 2.98 -1.34
CA ASN B 263 39.18 2.09 -0.81
C ASN B 263 38.47 1.31 -1.92
N PHE B 264 38.22 1.99 -3.05
CA PHE B 264 37.59 1.37 -4.22
C PHE B 264 38.50 0.32 -4.86
N THR B 265 39.77 0.70 -5.04
CA THR B 265 40.74 -0.20 -5.67
C THR B 265 41.07 -1.42 -4.80
N ARG B 266 40.94 -1.27 -3.48
CA ARG B 266 41.14 -2.39 -2.57
C ARG B 266 40.08 -3.48 -2.76
N VAL B 267 38.88 -3.11 -3.21
CA VAL B 267 37.82 -4.07 -3.49
C VAL B 267 38.23 -5.00 -4.64
N PHE B 268 38.80 -4.42 -5.69
CA PHE B 268 39.29 -5.19 -6.82
C PHE B 268 40.64 -5.87 -6.54
N THR B 269 41.44 -5.28 -5.65
CA THR B 269 42.76 -5.81 -5.31
C THR B 269 42.69 -6.97 -4.33
N ASP B 270 41.94 -6.80 -3.24
CA ASP B 270 41.90 -7.78 -2.15
C ASP B 270 41.22 -9.08 -2.57
N GLU B 271 41.94 -10.19 -2.41
CA GLU B 271 41.45 -11.52 -2.78
C GLU B 271 40.44 -12.02 -1.75
N GLY B 272 40.79 -11.86 -0.47
CA GLY B 272 39.95 -12.31 0.64
C GLY B 272 38.57 -11.67 0.68
N ILE B 273 38.50 -10.39 0.29
CA ILE B 273 37.23 -9.66 0.23
C ILE B 273 36.44 -10.09 -1.01
N GLN B 274 37.13 -10.33 -2.11
CA GLN B 274 36.49 -10.55 -3.41
C GLN B 274 35.75 -11.89 -3.54
N LYS B 275 36.24 -12.92 -2.85
CA LYS B 275 35.66 -14.27 -2.99
C LYS B 275 34.24 -14.40 -2.41
N PRO B 276 34.02 -13.97 -1.15
CA PRO B 276 32.66 -14.00 -0.62
C PRO B 276 31.74 -12.92 -1.18
N PHE B 277 32.30 -11.86 -1.75
CA PHE B 277 31.53 -10.73 -2.29
C PHE B 277 30.51 -11.18 -3.33
N LEU B 278 30.91 -12.08 -4.22
CA LEU B 278 30.01 -12.63 -5.23
C LEU B 278 29.21 -13.81 -4.68
N ALA B 279 29.79 -14.53 -3.71
CA ALA B 279 29.12 -15.68 -3.12
C ALA B 279 27.83 -15.28 -2.42
N ILE B 280 27.90 -14.25 -1.59
CA ILE B 280 26.71 -13.71 -0.91
C ILE B 280 25.73 -13.08 -1.89
N PHE B 281 26.25 -12.53 -2.99
CA PHE B 281 25.41 -11.95 -4.04
C PHE B 281 24.47 -12.99 -4.65
N VAL B 282 24.94 -14.24 -4.75
CA VAL B 282 24.10 -15.34 -5.18
C VAL B 282 23.01 -15.62 -4.14
N TRP B 283 23.42 -15.70 -2.87
CA TRP B 283 22.47 -15.90 -1.78
C TRP B 283 21.47 -14.74 -1.70
N THR B 284 21.98 -13.51 -1.74
CA THR B 284 21.15 -12.30 -1.65
C THR B 284 20.03 -12.32 -2.68
N VAL B 285 20.38 -12.57 -3.94
CA VAL B 285 19.41 -12.57 -5.03
C VAL B 285 18.45 -13.76 -4.91
N VAL B 286 18.99 -14.94 -4.62
CA VAL B 286 18.19 -16.15 -4.46
C VAL B 286 17.24 -16.03 -3.27
N PHE B 287 17.74 -15.49 -2.16
CA PHE B 287 16.92 -15.25 -0.97
C PHE B 287 15.73 -14.34 -1.29
N SER B 288 15.99 -13.25 -1.99
CA SER B 288 14.94 -12.29 -2.36
C SER B 288 14.00 -12.85 -3.44
N LEU B 289 14.50 -13.73 -4.30
CA LEU B 289 13.65 -14.40 -5.29
C LEU B 289 12.73 -15.42 -4.62
N ILE B 290 13.31 -16.35 -3.87
CA ILE B 290 12.55 -17.39 -3.19
C ILE B 290 11.50 -16.77 -2.26
N THR B 291 11.89 -15.72 -1.54
CA THR B 291 10.98 -15.01 -0.65
C THR B 291 9.77 -14.47 -1.40
N VAL B 292 10.02 -13.78 -2.51
CA VAL B 292 8.95 -13.17 -3.30
C VAL B 292 7.99 -14.25 -3.84
N PHE B 293 8.55 -15.35 -4.34
CA PHE B 293 7.74 -16.43 -4.88
C PHE B 293 6.80 -17.02 -3.82
N LEU B 294 7.36 -17.39 -2.68
CA LEU B 294 6.59 -18.05 -1.63
C LEU B 294 5.57 -17.13 -0.98
N THR B 295 5.96 -15.88 -0.74
CA THR B 295 5.07 -14.88 -0.14
C THR B 295 3.87 -14.58 -1.04
N VAL B 296 4.13 -14.47 -2.35
CA VAL B 296 3.07 -14.28 -3.33
C VAL B 296 2.19 -15.52 -3.39
N ALA B 297 2.82 -16.68 -3.57
CA ALA B 297 2.11 -17.95 -3.73
C ALA B 297 1.16 -18.22 -2.55
N VAL B 298 1.68 -18.09 -1.33
CA VAL B 298 0.88 -18.32 -0.13
C VAL B 298 -0.15 -17.20 0.06
N GLY B 299 0.28 -15.97 -0.18
CA GLY B 299 -0.59 -14.82 -0.03
C GLY B 299 -1.77 -14.82 -0.98
N MET B 300 -1.50 -15.10 -2.25
CA MET B 300 -2.54 -15.14 -3.28
C MET B 300 -3.52 -16.28 -3.06
N VAL B 301 -2.98 -17.46 -2.73
CA VAL B 301 -3.82 -18.64 -2.48
C VAL B 301 -4.75 -18.38 -1.30
N LEU B 302 -4.22 -17.81 -0.23
CA LEU B 302 -5.03 -17.44 0.92
C LEU B 302 -6.03 -16.35 0.57
N ALA B 303 -5.59 -15.36 -0.22
CA ALA B 303 -6.46 -14.25 -0.62
C ALA B 303 -7.69 -14.74 -1.40
N CYS B 304 -7.47 -15.72 -2.29
CA CYS B 304 -8.56 -16.34 -3.02
C CYS B 304 -9.51 -17.08 -2.09
N LEU B 305 -8.93 -17.89 -1.19
CA LEU B 305 -9.70 -18.71 -0.27
C LEU B 305 -10.53 -17.88 0.72
N VAL B 306 -9.96 -16.76 1.19
CA VAL B 306 -10.63 -15.93 2.19
C VAL B 306 -11.91 -15.28 1.65
N GLN B 307 -11.90 -14.89 0.39
CA GLN B 307 -13.09 -14.31 -0.25
C GLN B 307 -13.81 -15.30 -1.17
N TRP B 308 -13.68 -16.59 -0.89
CA TRP B 308 -14.40 -17.62 -1.63
C TRP B 308 -15.83 -17.75 -1.09
N GLU B 309 -16.80 -17.47 -1.96
CA GLU B 309 -18.23 -17.57 -1.64
C GLU B 309 -18.58 -18.53 -0.50
N ALA B 310 -18.24 -19.80 -0.68
CA ALA B 310 -18.74 -20.88 0.18
C ALA B 310 -18.10 -20.95 1.58
N LEU B 311 -16.88 -20.44 1.72
CA LEU B 311 -16.17 -20.54 3.00
C LEU B 311 -16.90 -19.75 4.09
N ARG B 312 -17.01 -20.33 5.28
CA ARG B 312 -17.83 -19.76 6.34
C ARG B 312 -17.11 -18.63 7.10
N GLY B 313 -16.19 -18.99 7.98
CA GLY B 313 -15.55 -18.02 8.88
C GLY B 313 -14.52 -17.15 8.20
N LYS B 314 -14.95 -16.38 7.19
CA LYS B 314 -14.04 -15.57 6.40
C LYS B 314 -13.38 -14.52 7.27
N ALA B 315 -14.21 -13.69 7.92
CA ALA B 315 -13.73 -12.61 8.78
C ALA B 315 -12.86 -13.14 9.93
N VAL B 316 -13.21 -14.32 10.44
CA VAL B 316 -12.43 -14.97 11.50
C VAL B 316 -11.09 -15.46 10.95
N TYR B 317 -11.13 -16.12 9.78
CA TYR B 317 -9.90 -16.59 9.13
C TYR B 317 -9.02 -15.43 8.69
N ARG B 318 -9.65 -14.36 8.19
CA ARG B 318 -8.94 -13.21 7.63
C ARG B 318 -8.05 -12.50 8.65
N VAL B 319 -8.59 -12.20 9.83
CA VAL B 319 -7.82 -11.52 10.87
C VAL B 319 -6.71 -12.39 11.45
N LEU B 320 -6.99 -13.68 11.66
CA LEU B 320 -6.00 -14.61 12.20
C LEU B 320 -4.77 -14.72 11.30
N LEU B 321 -4.99 -14.73 9.99
CA LEU B 321 -3.91 -14.80 9.02
C LEU B 321 -3.12 -13.48 8.97
N ILE B 322 -3.77 -12.39 9.35
CA ILE B 322 -3.15 -11.06 9.38
C ILE B 322 -2.38 -10.81 10.68
N LEU B 323 -2.80 -11.46 11.78
CA LEU B 323 -2.19 -11.27 13.09
C LEU B 323 -0.65 -11.23 13.11
N PRO B 324 0.01 -12.13 12.36
CA PRO B 324 1.47 -12.04 12.25
C PRO B 324 1.98 -10.65 11.88
N TYR B 325 1.29 -10.00 10.94
CA TYR B 325 1.65 -8.65 10.48
C TYR B 325 1.41 -7.60 11.58
N ALA B 326 0.50 -7.89 12.50
CA ALA B 326 0.25 -7.03 13.65
C ALA B 326 1.40 -7.07 14.67
N VAL B 327 2.25 -8.09 14.57
CA VAL B 327 3.42 -8.23 15.42
C VAL B 327 4.64 -7.66 14.70
N PRO B 328 5.33 -6.67 15.30
CA PRO B 328 6.52 -6.07 14.68
C PRO B 328 7.54 -7.11 14.27
N SER B 329 8.15 -6.92 13.09
CA SER B 329 9.13 -7.88 12.56
C SER B 329 10.23 -8.20 13.56
N PHE B 330 10.79 -7.17 14.17
CA PHE B 330 11.95 -7.31 15.05
C PHE B 330 11.68 -8.16 16.31
N ILE B 331 10.42 -8.28 16.75
CA ILE B 331 10.12 -9.16 17.88
C ILE B 331 9.76 -10.57 17.40
N SER B 332 9.11 -10.67 16.25
CA SER B 332 8.85 -11.95 15.61
C SER B 332 10.14 -12.66 15.26
N ILE B 333 11.14 -11.88 14.80
CA ILE B 333 12.45 -12.44 14.49
C ILE B 333 13.14 -12.95 15.74
N LEU B 334 13.13 -12.14 16.80
CA LEU B 334 13.81 -12.49 18.05
C LEU B 334 13.15 -13.65 18.79
N ILE B 335 11.84 -13.80 18.66
CA ILE B 335 11.17 -14.97 19.23
C ILE B 335 11.48 -16.22 18.39
N PHE B 336 11.55 -16.06 17.08
CA PHE B 336 11.98 -17.14 16.19
C PHE B 336 13.43 -17.55 16.46
N LYS B 337 14.30 -16.56 16.69
CA LYS B 337 15.70 -16.81 17.06
C LYS B 337 15.79 -17.76 18.24
N GLY B 338 14.85 -17.66 19.17
CA GLY B 338 14.76 -18.57 20.31
C GLY B 338 14.15 -19.92 19.96
N LEU B 339 13.05 -19.90 19.21
CA LEU B 339 12.35 -21.13 18.85
C LEU B 339 13.19 -22.04 17.97
N PHE B 340 14.02 -21.45 17.11
CA PHE B 340 14.85 -22.21 16.17
C PHE B 340 16.21 -22.65 16.73
N ASN B 341 16.40 -22.58 18.04
CA ASN B 341 17.65 -23.04 18.65
C ASN B 341 17.89 -24.51 18.32
N GLN B 342 19.16 -24.90 18.18
CA GLN B 342 19.49 -26.22 17.67
C GLN B 342 19.24 -27.34 18.68
N SER B 343 20.06 -27.40 19.73
CA SER B 343 19.95 -28.45 20.73
C SER B 343 18.72 -28.24 21.61
N PHE B 344 18.49 -26.99 22.00
CA PHE B 344 17.34 -26.62 22.81
C PHE B 344 16.39 -25.85 21.91
N GLY B 345 15.53 -25.00 22.45
CA GLY B 345 14.55 -24.28 21.63
C GLY B 345 13.41 -25.19 21.22
N GLU B 346 12.21 -24.63 21.18
CA GLU B 346 10.99 -25.45 21.17
C GLU B 346 10.62 -26.10 19.83
N ILE B 347 11.13 -25.58 18.72
CA ILE B 347 10.85 -26.18 17.41
C ILE B 347 11.48 -27.57 17.31
N ASN B 348 12.76 -27.69 17.67
CA ASN B 348 13.46 -28.97 17.65
C ASN B 348 13.08 -29.90 18.80
N MET B 349 12.51 -29.35 19.87
CA MET B 349 11.94 -30.17 20.94
C MET B 349 10.78 -31.00 20.40
N MET B 350 9.99 -30.42 19.50
CA MET B 350 8.92 -31.13 18.82
C MET B 350 9.47 -31.92 17.63
N LEU B 351 10.43 -31.33 16.92
CA LEU B 351 10.96 -31.93 15.68
C LEU B 351 11.76 -33.20 15.95
N SER B 352 12.21 -33.40 17.20
CA SER B 352 12.76 -34.68 17.63
C SER B 352 11.74 -35.43 18.51
N ALA B 353 10.46 -35.30 18.16
CA ALA B 353 9.37 -36.03 18.82
C ALA B 353 8.51 -36.74 17.78
N LEU B 354 8.01 -36.00 16.78
CA LEU B 354 7.28 -36.60 15.66
C LEU B 354 8.24 -37.20 14.63
N PHE B 355 9.38 -36.54 14.43
CA PHE B 355 10.52 -37.11 13.71
C PHE B 355 11.60 -37.40 14.74
N GLY B 356 12.75 -37.93 14.30
CA GLY B 356 13.89 -38.18 15.20
C GLY B 356 15.09 -37.30 14.87
N VAL B 357 14.82 -36.06 14.43
CA VAL B 357 15.86 -35.19 13.88
C VAL B 357 15.90 -33.84 14.61
N LYS B 358 17.06 -33.21 14.61
CA LYS B 358 17.22 -31.83 15.07
C LYS B 358 18.07 -31.06 14.05
N PRO B 359 17.42 -30.43 13.05
CA PRO B 359 18.15 -29.68 12.02
C PRO B 359 19.00 -28.55 12.61
N ALA B 360 20.25 -28.48 12.19
CA ALA B 360 21.18 -27.46 12.68
C ALA B 360 20.84 -26.10 12.06
N TRP B 361 19.82 -25.45 12.62
CA TRP B 361 19.31 -24.20 12.06
C TRP B 361 20.32 -23.05 12.07
N PHE B 362 21.36 -23.14 12.89
CA PHE B 362 22.37 -22.07 13.00
C PHE B 362 23.77 -22.48 12.55
N SER B 363 24.15 -23.74 12.76
CA SER B 363 25.50 -24.21 12.42
C SER B 363 25.68 -24.49 10.94
N ASP B 364 24.64 -25.05 10.31
CA ASP B 364 24.70 -25.41 8.89
C ASP B 364 24.26 -24.23 8.02
N PRO B 365 25.05 -23.88 6.99
CA PRO B 365 24.67 -22.81 6.07
C PRO B 365 23.32 -23.04 5.40
N THR B 366 23.13 -24.20 4.80
CA THR B 366 21.90 -24.49 4.06
C THR B 366 20.68 -24.48 4.99
N THR B 367 20.81 -25.15 6.13
CA THR B 367 19.72 -25.23 7.08
C THR B 367 19.38 -23.85 7.64
N ALA B 368 20.40 -23.01 7.83
CA ALA B 368 20.20 -21.64 8.28
C ALA B 368 19.50 -20.80 7.22
N ARG B 369 19.82 -21.06 5.95
CA ARG B 369 19.15 -20.38 4.84
C ARG B 369 17.70 -20.83 4.71
N THR B 370 17.43 -22.10 5.02
CA THR B 370 16.07 -22.61 5.05
C THR B 370 15.27 -21.95 6.17
N MET B 371 15.92 -21.73 7.31
CA MET B 371 15.29 -21.04 8.44
C MET B 371 14.93 -19.62 8.06
N LEU B 372 15.89 -18.89 7.49
CA LEU B 372 15.64 -17.52 7.03
C LEU B 372 14.39 -17.45 6.16
N ILE B 373 14.32 -18.34 5.17
CA ILE B 373 13.22 -18.34 4.20
C ILE B 373 11.89 -18.70 4.86
N ILE B 374 11.89 -19.74 5.68
CA ILE B 374 10.69 -20.14 6.41
C ILE B 374 10.21 -19.01 7.32
N VAL B 375 11.14 -18.38 8.04
CA VAL B 375 10.80 -17.23 8.88
C VAL B 375 10.29 -16.10 8.00
N ASN B 376 11.11 -15.69 7.02
CA ASN B 376 10.80 -14.53 6.19
C ASN B 376 9.44 -14.66 5.50
N THR B 377 9.10 -15.87 5.05
CA THR B 377 7.79 -16.14 4.46
C THR B 377 6.66 -15.87 5.46
N TRP B 378 6.86 -16.29 6.70
CA TRP B 378 5.90 -16.03 7.80
C TRP B 378 5.64 -14.54 7.98
N LEU B 379 6.70 -13.73 7.85
CA LEU B 379 6.56 -12.28 7.96
C LEU B 379 5.98 -11.65 6.70
N GLY B 380 6.29 -12.23 5.55
CA GLY B 380 6.02 -11.61 4.25
C GLY B 380 4.66 -11.86 3.61
N TYR B 381 4.07 -13.03 3.90
CA TYR B 381 2.82 -13.42 3.26
C TYR B 381 1.63 -12.51 3.57
N PRO B 382 1.54 -11.98 4.80
CA PRO B 382 0.40 -11.09 5.04
C PRO B 382 0.39 -9.85 4.14
N TYR B 383 1.56 -9.24 3.94
CA TYR B 383 1.67 -8.10 3.03
C TYR B 383 1.14 -8.46 1.65
N MET B 384 1.51 -9.64 1.15
CA MET B 384 1.07 -10.12 -0.15
C MET B 384 -0.40 -10.50 -0.16
N MET B 385 -0.89 -11.06 0.95
CA MET B 385 -2.29 -11.43 1.05
C MET B 385 -3.18 -10.20 0.96
N ILE B 386 -2.88 -9.21 1.80
CA ILE B 386 -3.62 -7.95 1.82
C ILE B 386 -3.58 -7.30 0.44
N LEU B 387 -2.46 -7.44 -0.26
CA LEU B 387 -2.34 -6.98 -1.64
C LEU B 387 -3.31 -7.74 -2.52
N CYS B 388 -3.14 -9.05 -2.60
CA CYS B 388 -3.96 -9.90 -3.48
C CYS B 388 -5.46 -9.85 -3.16
N MET B 389 -5.82 -9.63 -1.90
CA MET B 389 -7.23 -9.55 -1.50
C MET B 389 -7.96 -8.41 -2.19
N GLY B 390 -7.47 -7.19 -2.01
CA GLY B 390 -8.05 -6.01 -2.65
C GLY B 390 -7.83 -6.01 -4.15
N LEU B 391 -6.69 -6.52 -4.58
CA LEU B 391 -6.34 -6.60 -6.01
C LEU B 391 -7.20 -7.62 -6.75
N LEU B 392 -7.66 -8.65 -6.03
CA LEU B 392 -8.51 -9.69 -6.61
C LEU B 392 -9.93 -9.18 -6.89
N LYS B 393 -10.37 -8.18 -6.14
CA LYS B 393 -11.67 -7.54 -6.38
C LYS B 393 -11.66 -6.64 -7.62
N ALA B 394 -10.48 -6.43 -8.20
CA ALA B 394 -10.35 -5.78 -9.50
C ALA B 394 -10.82 -6.68 -10.63
N ILE B 395 -10.84 -7.99 -10.40
CA ILE B 395 -11.39 -8.96 -11.36
C ILE B 395 -12.92 -8.97 -11.21
N PRO B 396 -13.65 -8.74 -12.32
CA PRO B 396 -15.11 -8.76 -12.23
C PRO B 396 -15.67 -10.18 -12.08
N ASP B 397 -16.77 -10.31 -11.35
CA ASP B 397 -17.35 -11.61 -11.01
C ASP B 397 -17.77 -12.43 -12.23
N ASP B 398 -18.25 -11.76 -13.28
CA ASP B 398 -18.85 -12.43 -14.42
C ASP B 398 -17.86 -13.22 -15.30
N LEU B 399 -16.56 -13.09 -15.04
CA LEU B 399 -15.57 -13.96 -15.67
C LEU B 399 -15.63 -15.37 -15.09
N TYR B 400 -15.75 -15.44 -13.76
CA TYR B 400 -15.89 -16.73 -13.06
C TYR B 400 -17.25 -17.36 -13.31
N GLU B 401 -18.29 -16.53 -13.44
CA GLU B 401 -19.62 -17.01 -13.80
C GLU B 401 -19.63 -17.55 -15.23
N ALA B 402 -18.89 -16.88 -16.11
CA ALA B 402 -18.68 -17.36 -17.48
C ALA B 402 -17.87 -18.65 -17.49
N SER B 403 -16.90 -18.74 -16.59
CA SER B 403 -16.08 -19.94 -16.42
C SER B 403 -16.89 -21.10 -15.82
N ALA B 404 -17.86 -20.78 -14.97
CA ALA B 404 -18.74 -21.78 -14.37
C ALA B 404 -19.67 -22.41 -15.41
N MET B 405 -20.08 -21.61 -16.40
CA MET B 405 -20.91 -22.10 -17.51
C MET B 405 -20.13 -23.08 -18.37
N ASP B 406 -18.84 -22.78 -18.57
CA ASP B 406 -17.93 -23.64 -19.32
C ASP B 406 -17.60 -24.92 -18.55
N GLY B 407 -17.65 -24.85 -17.23
CA GLY B 407 -17.44 -26.01 -16.37
C GLY B 407 -16.02 -26.14 -15.86
N ALA B 408 -15.49 -25.05 -15.31
CA ALA B 408 -14.14 -25.04 -14.79
C ALA B 408 -14.14 -25.33 -13.29
N GLY B 409 -13.10 -26.04 -12.83
CA GLY B 409 -12.93 -26.32 -11.42
C GLY B 409 -12.17 -25.19 -10.73
N PRO B 410 -11.93 -25.32 -9.42
CA PRO B 410 -11.16 -24.32 -8.67
C PRO B 410 -9.72 -24.15 -9.18
N PHE B 411 -9.05 -25.27 -9.45
CA PHE B 411 -7.67 -25.25 -9.94
C PHE B 411 -7.58 -24.67 -11.35
N GLN B 412 -8.61 -24.93 -12.17
CA GLN B 412 -8.70 -24.37 -13.52
C GLN B 412 -8.98 -22.87 -13.47
N ASN B 413 -9.92 -22.46 -12.61
CA ASN B 413 -10.18 -21.04 -12.41
C ASN B 413 -8.94 -20.29 -11.95
N PHE B 414 -8.13 -20.92 -11.10
CA PHE B 414 -6.95 -20.27 -10.53
C PHE B 414 -5.85 -20.03 -11.56
N PHE B 415 -5.44 -21.09 -12.26
CA PHE B 415 -4.30 -21.02 -13.18
C PHE B 415 -4.65 -20.41 -14.53
N LYS B 416 -5.91 -20.49 -14.94
CA LYS B 416 -6.32 -20.00 -16.27
C LYS B 416 -6.92 -18.59 -16.22
N ILE B 417 -7.52 -18.21 -15.09
CA ILE B 417 -8.12 -16.88 -14.95
C ILE B 417 -7.41 -16.05 -13.87
N THR B 418 -7.48 -16.50 -12.62
CA THR B 418 -7.05 -15.71 -11.48
C THR B 418 -5.57 -15.33 -11.52
N LEU B 419 -4.71 -16.35 -11.55
CA LEU B 419 -3.25 -16.13 -11.53
C LEU B 419 -2.79 -15.20 -12.66
N PRO B 420 -3.01 -15.59 -13.94
CA PRO B 420 -2.49 -14.78 -15.04
C PRO B 420 -3.10 -13.37 -15.09
N LEU B 421 -4.26 -13.19 -14.48
CA LEU B 421 -4.93 -11.90 -14.42
C LEU B 421 -4.48 -11.07 -13.21
N LEU B 422 -3.99 -11.74 -12.16
CA LEU B 422 -3.46 -11.07 -10.97
C LEU B 422 -2.00 -10.63 -11.11
N ILE B 423 -1.19 -11.44 -11.79
CA ILE B 423 0.25 -11.15 -11.91
C ILE B 423 0.57 -9.84 -12.61
N LYS B 424 -0.26 -9.45 -13.57
CA LYS B 424 0.00 -8.26 -14.39
C LYS B 424 0.04 -6.99 -13.53
N PRO B 425 -1.00 -6.72 -12.72
CA PRO B 425 -0.93 -5.58 -11.81
C PRO B 425 0.00 -5.78 -10.62
N LEU B 426 0.25 -7.04 -10.27
CA LEU B 426 1.06 -7.38 -9.10
C LEU B 426 2.56 -7.34 -9.38
N THR B 427 2.94 -7.31 -10.66
CA THR B 427 4.35 -7.34 -11.07
C THR B 427 5.20 -6.21 -10.46
N PRO B 428 4.74 -4.94 -10.56
CA PRO B 428 5.55 -3.86 -9.99
C PRO B 428 5.75 -3.98 -8.48
N LEU B 429 4.72 -4.42 -7.78
CA LEU B 429 4.79 -4.58 -6.33
C LEU B 429 5.74 -5.70 -5.91
N MET B 430 5.83 -6.75 -6.73
CA MET B 430 6.69 -7.89 -6.40
C MET B 430 8.12 -7.79 -6.94
N ILE B 431 8.38 -6.81 -7.82
CA ILE B 431 9.76 -6.41 -8.10
C ILE B 431 10.22 -5.38 -7.07
N ALA B 432 9.25 -4.64 -6.51
CA ALA B 432 9.52 -3.76 -5.37
C ALA B 432 9.72 -4.58 -4.10
N SER B 433 9.00 -5.71 -3.99
CA SER B 433 9.21 -6.65 -2.90
C SER B 433 10.56 -7.35 -2.99
N PHE B 434 11.05 -7.55 -4.21
CA PHE B 434 12.38 -8.12 -4.45
C PHE B 434 13.48 -7.19 -3.94
N ALA B 435 13.35 -5.91 -4.26
CA ALA B 435 14.32 -4.90 -3.85
C ALA B 435 14.37 -4.71 -2.34
N PHE B 436 13.23 -4.88 -1.68
CA PHE B 436 13.14 -4.80 -0.22
C PHE B 436 13.96 -5.93 0.41
N ASN B 437 13.64 -7.16 0.02
CA ASN B 437 14.32 -8.34 0.55
C ASN B 437 15.79 -8.41 0.15
N PHE B 438 16.12 -7.85 -1.01
CA PHE B 438 17.52 -7.74 -1.45
C PHE B 438 18.39 -7.05 -0.41
N ASN B 439 17.81 -6.07 0.29
CA ASN B 439 18.52 -5.37 1.38
C ASN B 439 17.80 -5.50 2.72
N ASN B 440 17.27 -6.69 3.01
CA ASN B 440 16.59 -6.93 4.29
C ASN B 440 17.64 -7.12 5.38
N PHE B 441 18.05 -6.00 5.97
CA PHE B 441 19.13 -5.99 6.96
C PHE B 441 18.66 -6.48 8.32
N VAL B 442 17.48 -6.02 8.74
CA VAL B 442 16.99 -6.28 10.10
C VAL B 442 16.80 -7.79 10.35
N LEU B 443 16.36 -8.51 9.32
CA LEU B 443 16.11 -9.95 9.45
C LEU B 443 17.39 -10.73 9.71
N ILE B 444 18.41 -10.46 8.91
CA ILE B 444 19.66 -11.21 9.00
C ILE B 444 20.40 -10.89 10.29
N GLN B 445 20.52 -9.60 10.61
CA GLN B 445 21.26 -9.18 11.79
C GLN B 445 20.68 -9.76 13.07
N LEU B 446 19.36 -9.68 13.20
CA LEU B 446 18.68 -10.10 14.44
C LEU B 446 18.57 -11.63 14.58
N LEU B 447 18.33 -12.33 13.46
CA LEU B 447 18.16 -13.79 13.51
C LEU B 447 19.50 -14.53 13.58
N THR B 448 20.32 -14.39 12.53
CA THR B 448 21.58 -15.14 12.41
C THR B 448 22.85 -14.30 12.55
N ASN B 449 22.73 -12.99 12.37
CA ASN B 449 23.89 -12.09 12.35
C ASN B 449 24.87 -12.46 11.24
N GLY B 450 24.34 -12.90 10.10
CA GLY B 450 25.14 -13.30 8.96
C GLY B 450 25.26 -14.80 8.73
N GLY B 451 24.84 -15.60 9.71
CA GLY B 451 24.91 -17.05 9.61
C GLY B 451 26.30 -17.56 9.93
N PRO B 452 26.53 -18.88 9.75
CA PRO B 452 27.85 -19.48 9.97
C PRO B 452 28.96 -18.70 9.28
N ASP B 453 30.04 -18.44 10.01
CA ASP B 453 31.16 -17.66 9.49
C ASP B 453 31.81 -18.36 8.28
N ARG B 454 32.05 -17.61 7.22
CA ARG B 454 32.80 -18.13 6.08
C ARG B 454 34.27 -18.26 6.48
N LEU B 455 34.80 -19.47 6.33
CA LEU B 455 36.15 -19.78 6.82
C LEU B 455 37.21 -19.20 5.89
N GLY B 456 38.26 -18.63 6.47
CA GLY B 456 39.37 -18.07 5.71
C GLY B 456 39.01 -16.80 4.96
N THR B 457 38.51 -15.80 5.70
CA THR B 457 38.19 -14.50 5.12
C THR B 457 38.94 -13.40 5.85
N THR B 458 39.28 -12.34 5.13
CA THR B 458 39.92 -11.16 5.73
C THR B 458 38.89 -10.36 6.52
N THR B 459 37.81 -9.97 5.84
CA THR B 459 36.72 -9.22 6.47
C THR B 459 35.65 -10.18 7.03
N PRO B 460 34.81 -9.69 7.96
CA PRO B 460 33.76 -10.55 8.52
C PRO B 460 32.68 -10.91 7.49
N ALA B 461 32.52 -12.19 7.23
CA ALA B 461 31.50 -12.68 6.29
C ALA B 461 30.92 -14.01 6.77
N GLY B 462 29.61 -14.14 6.66
CA GLY B 462 28.90 -15.37 7.01
C GLY B 462 28.21 -15.94 5.79
N TYR B 463 27.41 -16.99 6.00
CA TYR B 463 26.74 -17.69 4.89
C TYR B 463 25.32 -17.21 4.61
N THR B 464 24.68 -16.57 5.61
CA THR B 464 23.37 -15.94 5.40
C THR B 464 23.47 -14.41 5.28
N ASP B 465 24.69 -13.90 5.15
CA ASP B 465 24.91 -12.47 4.95
C ASP B 465 24.41 -11.99 3.59
N LEU B 466 23.72 -10.86 3.57
CA LEU B 466 23.41 -10.16 2.33
C LEU B 466 24.54 -9.19 2.01
N LEU B 467 24.44 -8.49 0.88
CA LEU B 467 25.41 -7.45 0.53
C LEU B 467 25.38 -6.31 1.55
N VAL B 468 24.18 -5.92 1.96
CA VAL B 468 24.01 -4.86 2.95
C VAL B 468 24.57 -5.25 4.32
N ASN B 469 24.39 -6.52 4.69
CA ASN B 469 24.93 -7.02 5.95
C ASN B 469 26.44 -7.09 5.92
N TYR B 470 26.97 -7.64 4.83
CA TYR B 470 28.42 -7.75 4.62
C TYR B 470 29.09 -6.38 4.72
N THR B 471 28.51 -5.39 4.06
CA THR B 471 29.01 -4.02 4.11
C THR B 471 28.83 -3.39 5.49
N TYR B 472 27.77 -3.76 6.20
CA TYR B 472 27.59 -3.33 7.59
C TYR B 472 28.61 -4.02 8.50
N ARG B 473 28.75 -5.33 8.34
CA ARG B 473 29.72 -6.13 9.12
C ARG B 473 31.15 -5.59 9.00
N ILE B 474 31.52 -5.15 7.80
CA ILE B 474 32.84 -4.56 7.57
C ILE B 474 33.03 -3.28 8.38
N ALA B 475 32.07 -2.37 8.26
CA ALA B 475 32.18 -1.03 8.83
C ALA B 475 32.16 -1.01 10.35
N PHE B 476 31.24 -1.77 10.95
CA PHE B 476 30.91 -1.60 12.36
C PHE B 476 31.40 -2.73 13.27
N GLU B 477 31.11 -3.98 12.90
CA GLU B 477 31.34 -5.11 13.80
C GLU B 477 32.76 -5.14 14.37
N GLY B 478 32.85 -5.34 15.68
CA GLY B 478 34.13 -5.42 16.37
C GLY B 478 34.96 -6.60 15.86
N GLY B 479 36.25 -6.34 15.63
CA GLY B 479 37.13 -7.34 15.02
C GLY B 479 36.92 -7.39 13.52
N GLY B 480 37.97 -7.79 12.80
CA GLY B 480 37.93 -7.83 11.33
C GLY B 480 37.89 -6.45 10.69
N GLY B 481 38.41 -5.45 11.42
CA GLY B 481 38.43 -4.07 10.95
C GLY B 481 37.11 -3.35 11.13
N GLN B 482 37.18 -2.02 11.24
CA GLN B 482 36.00 -1.17 11.30
C GLN B 482 36.16 -0.01 10.32
N ASP B 483 36.37 -0.36 9.06
CA ASP B 483 36.68 0.61 8.01
C ASP B 483 35.39 1.13 7.38
N PHE B 484 34.95 2.31 7.82
CA PHE B 484 33.76 2.96 7.27
C PHE B 484 34.02 3.40 5.82
N GLY B 485 35.26 3.75 5.51
CA GLY B 485 35.64 4.18 4.17
C GLY B 485 35.61 3.07 3.14
N LEU B 486 35.99 1.86 3.57
CA LEU B 486 35.98 0.69 2.69
C LEU B 486 34.55 0.27 2.36
N ALA B 487 33.72 0.15 3.41
CA ALA B 487 32.32 -0.22 3.24
C ALA B 487 31.57 0.84 2.42
N ALA B 488 31.91 2.11 2.63
CA ALA B 488 31.33 3.21 1.87
C ALA B 488 31.65 3.09 0.37
N ALA B 489 32.82 2.54 0.05
CA ALA B 489 33.21 2.28 -1.34
C ALA B 489 32.40 1.12 -1.92
N ILE B 490 32.19 0.08 -1.11
CA ILE B 490 31.45 -1.10 -1.56
C ILE B 490 29.97 -0.77 -1.72
N ALA B 491 29.41 0.02 -0.82
CA ALA B 491 28.03 0.48 -0.93
C ALA B 491 27.81 1.30 -2.20
N THR B 492 28.78 2.14 -2.54
CA THR B 492 28.77 2.90 -3.79
C THR B 492 28.90 1.96 -4.97
N LEU B 493 29.87 1.04 -4.88
CA LEU B 493 30.15 0.08 -5.93
C LEU B 493 28.95 -0.81 -6.25
N ILE B 494 28.18 -1.18 -5.22
CA ILE B 494 26.96 -1.96 -5.41
C ILE B 494 25.86 -1.09 -6.00
N PHE B 495 25.59 0.04 -5.34
CA PHE B 495 24.47 0.91 -5.72
C PHE B 495 24.49 1.28 -7.20
N LEU B 496 25.65 1.66 -7.72
CA LEU B 496 25.78 2.06 -9.12
C LEU B 496 25.54 0.90 -10.09
N LEU B 497 25.86 -0.33 -9.65
CA LEU B 497 25.60 -1.52 -10.47
C LEU B 497 24.10 -1.84 -10.53
N VAL B 498 23.41 -1.63 -9.41
CA VAL B 498 21.95 -1.80 -9.36
C VAL B 498 21.26 -0.71 -10.17
N GLY B 499 21.84 0.50 -10.16
CA GLY B 499 21.36 1.60 -11.00
C GLY B 499 21.57 1.31 -12.48
N ALA B 500 22.73 0.73 -12.81
CA ALA B 500 23.01 0.30 -14.18
C ALA B 500 22.12 -0.87 -14.59
N LEU B 501 21.77 -1.73 -13.63
CA LEU B 501 20.87 -2.85 -13.87
C LEU B 501 19.42 -2.38 -14.05
N ALA B 502 18.98 -1.50 -13.15
CA ALA B 502 17.59 -1.04 -13.12
C ALA B 502 17.20 -0.18 -14.33
N ILE B 503 18.12 0.67 -14.78
CA ILE B 503 17.87 1.54 -15.94
C ILE B 503 17.79 0.72 -17.24
N VAL B 504 18.67 -0.27 -17.38
CA VAL B 504 18.66 -1.15 -18.56
C VAL B 504 17.42 -2.04 -18.58
N ASN B 505 16.98 -2.50 -17.41
CA ASN B 505 15.78 -3.32 -17.29
C ASN B 505 14.52 -2.52 -17.60
N ALA C 2 -25.45 -16.46 -4.96
CA ALA C 2 -25.66 -17.90 -4.60
C ALA C 2 -25.75 -18.76 -5.85
N MET C 3 -24.59 -19.18 -6.35
CA MET C 3 -24.50 -20.06 -7.52
C MET C 3 -24.71 -21.52 -7.10
N VAL C 4 -25.25 -22.33 -8.02
CA VAL C 4 -25.42 -23.76 -7.78
C VAL C 4 -24.06 -24.43 -7.98
N GLN C 5 -23.60 -25.15 -6.97
CA GLN C 5 -22.24 -25.68 -6.96
C GLN C 5 -22.18 -27.15 -7.37
N PRO C 6 -21.07 -27.57 -8.04
CA PRO C 6 -20.94 -28.92 -8.58
C PRO C 6 -20.25 -29.90 -7.63
N LYS C 7 -20.08 -31.14 -8.12
CA LYS C 7 -19.41 -32.25 -7.39
C LYS C 7 -19.27 -32.07 -5.87
N SER C 8 -20.39 -32.24 -5.17
CA SER C 8 -20.43 -32.28 -3.69
C SER C 8 -20.11 -30.95 -3.00
N GLN C 9 -19.09 -30.22 -3.48
CA GLN C 9 -18.64 -28.95 -2.88
C GLN C 9 -17.92 -29.17 -1.56
N LYS C 10 -18.57 -29.87 -0.63
CA LYS C 10 -17.97 -30.18 0.67
C LYS C 10 -16.62 -30.90 0.57
N ALA C 11 -16.43 -31.69 -0.48
CA ALA C 11 -15.15 -32.36 -0.72
C ALA C 11 -13.98 -31.38 -0.65
N ARG C 12 -14.18 -30.18 -1.20
CA ARG C 12 -13.15 -29.14 -1.20
C ARG C 12 -13.39 -28.07 -0.13
N LEU C 13 -14.65 -27.87 0.26
CA LEU C 13 -15.00 -26.90 1.28
C LEU C 13 -14.57 -27.38 2.67
N PHE C 14 -14.83 -28.65 2.97
CA PHE C 14 -14.45 -29.26 4.25
C PHE C 14 -12.94 -29.41 4.37
N ILE C 15 -12.29 -29.84 3.28
CA ILE C 15 -10.84 -30.05 3.28
C ILE C 15 -10.09 -28.72 3.37
N THR C 16 -10.69 -27.65 2.84
CA THR C 16 -10.11 -26.31 2.93
C THR C 16 -10.09 -25.82 4.38
N HIS C 17 -11.21 -25.97 5.08
CA HIS C 17 -11.30 -25.57 6.48
C HIS C 17 -10.17 -26.16 7.32
N LEU C 18 -9.89 -27.44 7.10
CA LEU C 18 -8.81 -28.11 7.82
C LEU C 18 -7.45 -27.53 7.45
N LEU C 19 -7.19 -27.36 6.15
CA LEU C 19 -5.94 -26.77 5.67
C LEU C 19 -5.71 -25.38 6.25
N LEU C 20 -6.76 -24.57 6.29
CA LEU C 20 -6.69 -23.27 6.95
C LEU C 20 -6.47 -23.43 8.44
N LEU C 21 -7.15 -24.39 9.05
CA LEU C 21 -7.02 -24.66 10.48
C LEU C 21 -5.59 -25.09 10.84
N LEU C 22 -5.00 -25.91 9.99
CA LEU C 22 -3.60 -26.33 10.15
C LEU C 22 -2.65 -25.16 9.91
N PHE C 23 -3.00 -24.27 8.98
CA PHE C 23 -2.18 -23.11 8.66
C PHE C 23 -2.19 -22.10 9.80
N ILE C 24 -3.39 -21.69 10.22
CA ILE C 24 -3.51 -20.72 11.32
C ILE C 24 -2.83 -21.25 12.58
N ALA C 25 -2.91 -22.57 12.80
CA ALA C 25 -2.24 -23.20 13.93
C ALA C 25 -0.72 -23.03 13.81
N ALA C 26 -0.19 -23.39 12.63
CA ALA C 26 1.25 -23.32 12.38
C ALA C 26 1.77 -21.88 12.47
N ILE C 27 1.03 -20.93 11.91
CA ILE C 27 1.44 -19.53 11.92
C ILE C 27 1.19 -18.83 13.27
N MET C 28 0.16 -19.27 13.99
CA MET C 28 -0.11 -18.72 15.33
C MET C 28 0.84 -19.30 16.37
N PHE C 29 1.25 -20.55 16.16
CA PHE C 29 2.10 -21.27 17.11
C PHE C 29 3.25 -20.43 17.69
N PRO C 30 4.05 -19.77 16.83
CA PRO C 30 5.09 -18.86 17.34
C PRO C 30 4.59 -17.85 18.38
N LEU C 31 3.41 -17.27 18.13
CA LEU C 31 2.83 -16.27 19.03
C LEU C 31 2.27 -16.92 20.30
N LEU C 32 1.77 -18.14 20.19
CA LEU C 32 1.28 -18.88 21.35
C LEU C 32 2.40 -19.14 22.33
N MET C 33 3.63 -19.30 21.83
CA MET C 33 4.80 -19.47 22.69
C MET C 33 5.05 -18.24 23.55
N VAL C 34 5.03 -17.07 22.93
CA VAL C 34 5.35 -15.81 23.63
C VAL C 34 4.35 -15.56 24.75
N VAL C 35 3.08 -15.80 24.49
CA VAL C 35 2.03 -15.66 25.49
C VAL C 35 2.28 -16.63 26.65
N ALA C 36 2.65 -17.87 26.32
CA ALA C 36 2.96 -18.87 27.34
C ALA C 36 4.21 -18.51 28.13
N ILE C 37 5.25 -18.06 27.43
CA ILE C 37 6.50 -17.65 28.06
C ILE C 37 6.30 -16.48 29.02
N SER C 38 5.44 -15.54 28.65
CA SER C 38 5.14 -14.39 29.49
C SER C 38 4.41 -14.77 30.78
N LEU C 39 3.71 -15.91 30.76
CA LEU C 39 3.04 -16.45 31.95
C LEU C 39 3.88 -17.52 32.66
N ARG C 40 5.11 -17.71 32.20
CA ARG C 40 6.01 -18.74 32.73
C ARG C 40 6.83 -18.16 33.88
N GLN C 41 6.79 -18.83 35.03
CA GLN C 41 7.60 -18.43 36.18
C GLN C 41 9.08 -18.65 35.87
N GLY C 42 9.93 -17.78 36.42
CA GLY C 42 11.35 -17.83 36.12
C GLY C 42 11.64 -17.18 34.77
N ASN C 43 12.82 -16.57 34.65
CA ASN C 43 13.15 -15.73 33.50
C ASN C 43 14.07 -16.42 32.48
N PHE C 44 14.14 -17.76 32.55
CA PHE C 44 15.09 -18.52 31.73
C PHE C 44 14.66 -18.60 30.27
N ALA C 45 15.64 -18.73 29.38
CA ALA C 45 15.37 -18.84 27.95
C ALA C 45 14.64 -20.13 27.59
N THR C 46 14.92 -21.20 28.36
CA THR C 46 14.29 -22.50 28.14
C THR C 46 13.49 -22.94 29.36
N GLY C 47 12.27 -23.41 29.10
CA GLY C 47 11.39 -23.92 30.15
C GLY C 47 10.29 -24.78 29.56
N SER C 48 9.29 -25.08 30.37
CA SER C 48 8.15 -25.91 29.93
C SER C 48 7.35 -25.21 28.84
N LEU C 49 6.69 -26.01 28.01
CA LEU C 49 5.89 -25.49 26.90
C LEU C 49 4.66 -24.77 27.43
N ILE C 50 3.83 -25.51 28.17
CA ILE C 50 2.65 -24.95 28.84
C ILE C 50 3.02 -24.69 30.30
N PRO C 51 2.75 -23.46 30.80
CA PRO C 51 3.10 -23.13 32.18
C PRO C 51 2.48 -24.07 33.20
N GLU C 52 3.32 -24.57 34.12
CA GLU C 52 2.85 -25.36 35.27
C GLU C 52 1.90 -24.55 36.15
N GLN C 53 2.19 -23.25 36.29
CA GLN C 53 1.37 -22.33 37.06
C GLN C 53 1.52 -20.92 36.47
N ILE C 54 0.42 -20.17 36.46
CA ILE C 54 0.41 -18.82 35.87
C ILE C 54 1.28 -17.89 36.71
N SER C 55 1.94 -16.94 36.04
CA SER C 55 2.82 -15.98 36.72
C SER C 55 2.62 -14.57 36.17
N TRP C 56 2.13 -13.67 37.02
CA TRP C 56 1.84 -12.30 36.62
C TRP C 56 3.02 -11.35 36.87
N ASP C 57 4.17 -11.89 37.23
CA ASP C 57 5.36 -11.07 37.50
C ASP C 57 5.85 -10.35 36.25
N HIS C 58 6.01 -11.10 35.16
CA HIS C 58 6.54 -10.54 33.90
C HIS C 58 5.68 -9.41 33.36
N TRP C 59 4.37 -9.54 33.51
CA TRP C 59 3.43 -8.50 33.06
C TRP C 59 3.43 -7.29 34.01
N LYS C 60 3.49 -7.54 35.31
CA LYS C 60 3.53 -6.48 36.31
C LYS C 60 4.64 -5.46 36.02
N LEU C 61 5.87 -5.95 35.83
CA LEU C 61 6.99 -5.05 35.54
C LEU C 61 6.94 -4.48 34.12
N ALA C 62 6.24 -5.17 33.22
CA ALA C 62 5.95 -4.61 31.89
C ALA C 62 5.01 -3.42 32.03
N LEU C 63 3.99 -3.57 32.86
CA LEU C 63 3.05 -2.48 33.15
C LEU C 63 3.67 -1.41 34.06
N GLY C 64 4.74 -1.77 34.76
CA GLY C 64 5.52 -0.80 35.54
C GLY C 64 5.50 -0.97 37.04
N PHE C 65 4.95 -2.09 37.51
CA PHE C 65 4.90 -2.38 38.95
C PHE C 65 6.13 -3.18 39.36
N SER C 66 6.73 -2.82 40.50
CA SER C 66 7.78 -3.64 41.10
C SER C 66 7.14 -4.87 41.73
N VAL C 67 7.92 -5.93 41.91
CA VAL C 67 7.41 -7.18 42.50
C VAL C 67 8.29 -7.66 43.65
N GLU C 68 7.68 -7.77 44.83
CA GLU C 68 8.35 -8.33 45.98
C GLU C 68 8.22 -9.84 45.93
N GLN C 69 9.34 -10.53 45.74
CA GLN C 69 9.38 -11.97 45.88
C GLN C 69 9.60 -12.32 47.35
N ALA C 70 9.37 -13.58 47.71
CA ALA C 70 9.60 -14.04 49.07
C ALA C 70 11.09 -14.03 49.43
N ASP C 71 11.94 -14.10 48.40
CA ASP C 71 13.39 -14.19 48.59
C ASP C 71 14.09 -12.83 48.44
N GLY C 72 14.26 -12.36 47.20
CA GLY C 72 15.19 -11.26 46.89
C GLY C 72 14.62 -9.86 46.78
N ARG C 73 13.73 -9.50 47.72
CA ARG C 73 13.21 -8.12 47.84
C ARG C 73 12.50 -7.60 46.58
N ILE C 74 12.15 -6.31 46.59
CA ILE C 74 11.43 -5.68 45.47
C ILE C 74 12.32 -5.44 44.24
N THR C 75 12.26 -6.37 43.28
CA THR C 75 12.92 -6.19 41.98
C THR C 75 12.10 -5.22 41.10
N PRO C 76 12.68 -4.05 40.76
CA PRO C 76 11.91 -3.02 40.07
C PRO C 76 11.76 -3.30 38.57
N PRO C 77 10.85 -2.58 37.90
CA PRO C 77 10.68 -2.79 36.46
C PRO C 77 11.91 -2.32 35.69
N PRO C 78 12.60 -3.24 34.98
CA PRO C 78 13.87 -2.92 34.34
C PRO C 78 13.79 -1.85 33.23
N PHE C 79 12.64 -1.74 32.56
CA PHE C 79 12.50 -0.84 31.43
C PHE C 79 11.12 -0.17 31.38
N PRO C 80 11.07 1.11 30.96
CA PRO C 80 9.80 1.79 30.82
C PRO C 80 9.11 1.37 29.52
N VAL C 81 8.37 0.26 29.57
CA VAL C 81 7.81 -0.36 28.38
C VAL C 81 6.64 0.45 27.82
N LEU C 82 5.76 0.91 28.69
CA LEU C 82 4.62 1.72 28.27
C LEU C 82 5.07 3.08 27.73
N LEU C 83 6.18 3.60 28.26
CA LEU C 83 6.79 4.82 27.72
C LEU C 83 7.27 4.54 26.30
N TRP C 84 8.00 3.45 26.12
CA TRP C 84 8.48 3.03 24.80
C TRP C 84 7.31 2.79 23.85
N LEU C 85 6.26 2.14 24.35
CA LEU C 85 5.07 1.85 23.54
C LEU C 85 4.49 3.15 23.00
N TRP C 86 4.36 4.15 23.87
CA TRP C 86 3.86 5.47 23.48
C TRP C 86 4.78 6.13 22.45
N ASN C 87 6.09 6.03 22.68
CA ASN C 87 7.08 6.59 21.76
C ASN C 87 7.04 5.93 20.39
N SER C 88 6.78 4.62 20.36
CA SER C 88 6.62 3.89 19.11
C SER C 88 5.40 4.38 18.32
N VAL C 89 4.29 4.60 19.04
CA VAL C 89 3.05 5.06 18.43
C VAL C 89 3.15 6.51 17.96
N LYS C 90 3.80 7.37 18.75
CA LYS C 90 4.06 8.75 18.35
C LYS C 90 4.83 8.79 17.03
N VAL C 91 6.04 8.22 17.05
CA VAL C 91 6.97 8.29 15.92
C VAL C 91 6.38 7.65 14.67
N ALA C 92 5.66 6.53 14.83
CA ALA C 92 5.07 5.84 13.68
C ALA C 92 3.86 6.60 13.13
N GLY C 93 2.94 6.99 14.02
CA GLY C 93 1.71 7.67 13.63
C GLY C 93 1.94 9.01 12.96
N ILE C 94 2.85 9.80 13.52
CA ILE C 94 3.16 11.13 12.98
C ILE C 94 3.94 10.99 11.67
N SER C 95 4.84 10.01 11.62
CA SER C 95 5.59 9.71 10.41
C SER C 95 4.67 9.24 9.30
N ALA C 96 3.72 8.38 9.65
CA ALA C 96 2.78 7.82 8.68
C ALA C 96 1.85 8.89 8.11
N ILE C 97 1.40 9.81 8.95
CA ILE C 97 0.58 10.95 8.50
C ILE C 97 1.42 11.87 7.60
N GLY C 98 2.68 12.07 7.98
CA GLY C 98 3.60 12.88 7.17
C GLY C 98 3.87 12.27 5.81
N ILE C 99 4.11 10.96 5.80
CA ILE C 99 4.37 10.23 4.55
C ILE C 99 3.16 10.23 3.61
N VAL C 100 1.96 10.15 4.17
CA VAL C 100 0.72 10.24 3.38
C VAL C 100 0.56 11.64 2.77
N ALA C 101 0.75 12.66 3.61
CA ALA C 101 0.60 14.05 3.17
C ALA C 101 1.55 14.38 2.01
N LEU C 102 2.81 13.98 2.15
CA LEU C 102 3.82 14.28 1.13
C LEU C 102 3.61 13.48 -0.15
N SER C 103 3.46 12.16 -0.01
CA SER C 103 3.33 11.26 -1.16
C SER C 103 2.01 11.46 -1.92
N THR C 104 0.94 11.81 -1.22
CA THR C 104 -0.36 12.02 -1.87
C THR C 104 -0.37 13.32 -2.68
N THR C 105 0.20 14.38 -2.13
CA THR C 105 0.33 15.65 -2.85
C THR C 105 1.23 15.48 -4.06
N CYS C 106 2.37 14.83 -3.85
CA CYS C 106 3.32 14.58 -4.93
C CYS C 106 2.72 13.72 -6.04
N ALA C 107 2.04 12.64 -5.64
CA ALA C 107 1.39 11.73 -6.59
C ALA C 107 0.29 12.41 -7.40
N TYR C 108 -0.36 13.40 -6.81
CA TYR C 108 -1.39 14.18 -7.48
C TYR C 108 -0.82 14.94 -8.67
N ALA C 109 0.39 15.48 -8.50
CA ALA C 109 1.09 16.17 -9.58
C ALA C 109 1.46 15.22 -10.71
N PHE C 110 2.05 14.08 -10.36
CA PHE C 110 2.43 13.06 -11.34
C PHE C 110 1.22 12.51 -12.09
N ALA C 111 0.15 12.24 -11.36
CA ALA C 111 -1.04 11.62 -11.94
C ALA C 111 -1.79 12.51 -12.92
N ARG C 112 -1.83 13.82 -12.65
CA ARG C 112 -2.67 14.76 -13.41
C ARG C 112 -1.85 15.83 -14.14
N MET C 113 -1.10 16.61 -13.38
CA MET C 113 -0.38 17.76 -13.92
C MET C 113 0.76 17.34 -14.86
N ARG C 114 0.99 18.15 -15.89
CA ARG C 114 2.07 17.92 -16.84
C ARG C 114 3.26 18.81 -16.51
N PHE C 115 4.43 18.19 -16.36
CA PHE C 115 5.68 18.93 -16.27
C PHE C 115 6.84 18.01 -16.69
N PRO C 116 7.70 18.48 -17.61
CA PRO C 116 8.70 17.59 -18.24
C PRO C 116 9.67 16.97 -17.25
N GLY C 117 10.05 15.72 -17.52
CA GLY C 117 10.95 14.97 -16.66
C GLY C 117 10.26 14.38 -15.45
N LYS C 118 9.01 13.91 -15.64
CA LYS C 118 8.25 13.29 -14.55
C LYS C 118 8.51 11.78 -14.49
N ALA C 119 8.72 11.16 -15.64
CA ALA C 119 9.02 9.74 -15.72
C ALA C 119 10.40 9.44 -15.15
N THR C 120 11.38 10.29 -15.49
CA THR C 120 12.74 10.14 -14.98
C THR C 120 12.84 10.47 -13.48
N LEU C 121 12.00 11.39 -13.01
CA LEU C 121 11.97 11.74 -11.59
C LEU C 121 11.47 10.58 -10.75
N LEU C 122 10.31 10.03 -11.12
CA LEU C 122 9.72 8.92 -10.38
C LEU C 122 10.62 7.69 -10.46
N LYS C 123 11.14 7.43 -11.66
CA LYS C 123 12.09 6.33 -11.86
C LYS C 123 13.34 6.56 -11.02
N GLY C 124 13.83 7.80 -10.99
CA GLY C 124 14.97 8.17 -10.16
C GLY C 124 14.69 7.98 -8.68
N MET C 125 13.54 8.48 -8.22
CA MET C 125 13.13 8.35 -6.82
C MET C 125 13.17 6.90 -6.36
N LEU C 126 12.60 6.01 -7.18
CA LEU C 126 12.62 4.57 -6.89
C LEU C 126 14.06 4.03 -6.86
N ILE C 127 14.86 4.41 -7.84
CA ILE C 127 16.25 3.97 -7.94
C ILE C 127 17.07 4.44 -6.72
N PHE C 128 16.94 5.70 -6.35
CA PHE C 128 17.65 6.24 -5.20
C PHE C 128 17.24 5.58 -3.88
N GLN C 129 15.99 5.14 -3.81
CA GLN C 129 15.46 4.52 -2.59
C GLN C 129 15.99 3.09 -2.40
N MET C 130 16.47 2.47 -3.47
CA MET C 130 17.07 1.13 -3.39
C MET C 130 18.42 1.11 -2.65
N PHE C 131 18.97 2.28 -2.34
CA PHE C 131 20.12 2.38 -1.45
C PHE C 131 19.65 2.24 0.00
N PRO C 132 20.22 1.27 0.74
CA PRO C 132 19.76 1.00 2.10
C PRO C 132 20.18 2.07 3.11
N ALA C 133 19.24 2.51 3.94
CA ALA C 133 19.49 3.51 4.97
C ALA C 133 20.42 2.99 6.07
N VAL C 134 20.64 1.69 6.10
CA VAL C 134 21.60 1.07 7.02
C VAL C 134 23.04 1.47 6.70
N LEU C 135 23.33 1.72 5.43
CA LEU C 135 24.68 2.12 5.00
C LEU C 135 24.78 3.64 4.84
N SER C 136 24.08 4.37 5.69
CA SER C 136 24.12 5.83 5.72
C SER C 136 24.55 6.29 7.10
N LEU C 137 23.81 5.83 8.12
CA LEU C 137 24.10 6.04 9.55
C LEU C 137 25.15 7.11 9.89
N VAL C 138 26.39 6.87 9.47
CA VAL C 138 27.48 7.83 9.70
C VAL C 138 27.08 9.21 9.15
N ALA C 139 26.59 9.23 7.91
CA ALA C 139 26.10 10.45 7.28
C ALA C 139 24.82 10.97 7.95
N LEU C 140 23.96 10.03 8.38
CA LEU C 140 22.72 10.39 9.07
C LEU C 140 22.99 10.99 10.44
N TYR C 141 23.82 10.32 11.24
CA TYR C 141 24.26 10.85 12.53
C TYR C 141 24.86 12.23 12.34
N ALA C 142 25.76 12.34 11.36
CA ALA C 142 26.37 13.62 11.01
C ALA C 142 25.32 14.66 10.61
N LEU C 143 24.35 14.24 9.79
CA LEU C 143 23.28 15.15 9.35
C LEU C 143 22.48 15.70 10.53
N PHE C 144 21.98 14.81 11.37
CA PHE C 144 21.14 15.19 12.51
C PHE C 144 21.94 15.80 13.67
N ASP C 145 23.25 15.58 13.70
CA ASP C 145 24.12 16.21 14.70
C ASP C 145 24.26 17.69 14.38
N ARG C 146 24.58 18.01 13.14
CA ARG C 146 24.71 19.41 12.70
C ARG C 146 23.36 20.10 12.55
N LEU C 147 22.33 19.34 12.14
CA LEU C 147 20.99 19.88 12.00
C LEU C 147 20.31 20.10 13.36
N GLY C 148 20.80 19.42 14.40
CA GLY C 148 20.21 19.49 15.73
C GLY C 148 20.42 20.81 16.45
N GLU C 149 21.63 21.35 16.38
CA GLU C 149 21.96 22.59 17.11
C GLU C 149 21.22 23.82 16.57
N TYR C 150 20.88 23.81 15.28
CA TYR C 150 20.09 24.89 14.69
C TYR C 150 18.60 24.69 14.97
N ILE C 151 18.12 23.46 14.84
CA ILE C 151 16.71 23.13 15.07
C ILE C 151 16.61 22.00 16.11
N PRO C 152 16.62 22.35 17.40
CA PRO C 152 16.64 21.38 18.51
C PRO C 152 15.58 20.28 18.48
N PHE C 153 14.36 20.61 18.05
CA PHE C 153 13.24 19.67 18.17
C PHE C 153 13.22 18.54 17.12
N ILE C 154 14.16 18.57 16.17
CA ILE C 154 14.29 17.51 15.17
C ILE C 154 15.76 17.09 14.99
N GLY C 155 16.50 17.01 16.09
CA GLY C 155 17.92 16.66 16.05
C GLY C 155 18.17 15.25 16.54
N LEU C 156 19.39 15.00 17.02
CA LEU C 156 19.73 13.72 17.64
C LEU C 156 19.01 13.60 18.97
N ASN C 157 18.67 12.36 19.34
CA ASN C 157 17.98 12.08 20.60
C ASN C 157 16.64 12.82 20.72
N THR C 158 15.91 12.92 19.59
CA THR C 158 14.56 13.48 19.57
C THR C 158 13.67 12.65 18.65
N HIS C 159 12.38 12.64 18.96
CA HIS C 159 11.41 11.91 18.16
C HIS C 159 11.17 12.61 16.82
N GLY C 160 11.35 13.93 16.79
CA GLY C 160 11.24 14.70 15.57
C GLY C 160 12.27 14.25 14.55
N GLY C 161 13.51 14.10 15.00
CA GLY C 161 14.59 13.65 14.14
C GLY C 161 14.31 12.30 13.49
N VAL C 162 13.78 11.38 14.28
CA VAL C 162 13.45 10.04 13.77
C VAL C 162 12.32 10.14 12.75
N ILE C 163 11.33 10.99 13.02
CA ILE C 163 10.22 11.17 12.12
C ILE C 163 10.69 11.77 10.80
N PHE C 164 11.46 12.85 10.87
CA PHE C 164 11.98 13.51 9.67
C PHE C 164 12.88 12.59 8.83
N ALA C 165 13.55 11.65 9.50
CA ALA C 165 14.35 10.64 8.79
C ALA C 165 13.46 9.74 7.95
N TYR C 166 12.35 9.30 8.53
CA TYR C 166 11.41 8.41 7.84
C TYR C 166 10.64 9.12 6.72
N LEU C 167 10.49 10.43 6.82
CA LEU C 167 9.75 11.22 5.82
C LEU C 167 10.37 11.19 4.42
N GLY C 168 11.65 10.83 4.34
CA GLY C 168 12.36 10.79 3.06
C GLY C 168 11.85 9.75 2.08
N GLY C 169 11.85 8.49 2.51
CA GLY C 169 11.48 7.37 1.63
C GLY C 169 9.99 7.30 1.31
N ILE C 170 9.61 7.85 0.15
CA ILE C 170 8.21 7.87 -0.27
C ILE C 170 8.02 7.51 -1.76
N ALA C 171 9.00 6.85 -2.36
CA ALA C 171 8.95 6.54 -3.79
C ALA C 171 7.84 5.54 -4.13
N LEU C 172 7.74 4.48 -3.34
CA LEU C 172 6.69 3.47 -3.52
C LEU C 172 5.30 4.04 -3.27
N HIS C 173 5.22 4.94 -2.30
CA HIS C 173 3.94 5.57 -1.96
C HIS C 173 3.45 6.46 -3.10
N VAL C 174 4.37 7.24 -3.67
CA VAL C 174 4.04 8.12 -4.79
C VAL C 174 3.55 7.31 -5.99
N TRP C 175 4.25 6.23 -6.32
CA TRP C 175 3.90 5.40 -7.47
C TRP C 175 2.54 4.73 -7.29
N THR C 176 2.30 4.16 -6.11
CA THR C 176 1.07 3.41 -5.86
C THR C 176 -0.15 4.34 -5.82
N ILE C 177 0.01 5.51 -5.22
CA ILE C 177 -1.05 6.51 -5.17
C ILE C 177 -1.27 7.12 -6.55
N LYS C 178 -0.20 7.27 -7.32
CA LYS C 178 -0.29 7.72 -8.71
C LYS C 178 -1.14 6.75 -9.52
N GLY C 179 -0.78 5.47 -9.45
CA GLY C 179 -1.54 4.41 -10.13
C GLY C 179 -3.00 4.38 -9.74
N TYR C 180 -3.29 4.68 -8.48
CA TYR C 180 -4.67 4.76 -8.00
C TYR C 180 -5.40 5.93 -8.62
N PHE C 181 -4.76 7.10 -8.61
CA PHE C 181 -5.35 8.31 -9.21
C PHE C 181 -5.68 8.09 -10.69
N GLU C 182 -4.76 7.46 -11.41
CA GLU C 182 -4.94 7.22 -12.84
C GLU C 182 -6.07 6.21 -13.13
N THR C 183 -6.49 5.48 -12.10
CA THR C 183 -7.64 4.59 -12.19
C THR C 183 -8.97 5.34 -12.15
N ILE C 184 -8.98 6.54 -11.55
CA ILE C 184 -10.22 7.22 -11.21
C ILE C 184 -10.84 7.92 -12.42
N ASP C 185 -12.17 7.92 -12.46
CA ASP C 185 -12.94 8.52 -13.55
C ASP C 185 -12.64 10.01 -13.69
N SER C 186 -12.32 10.43 -14.91
CA SER C 186 -11.92 11.80 -15.20
C SER C 186 -13.08 12.79 -15.10
N SER C 187 -14.29 12.31 -15.34
CA SER C 187 -15.48 13.17 -15.39
C SER C 187 -15.70 13.95 -14.10
N LEU C 188 -15.31 13.35 -12.97
CA LEU C 188 -15.47 14.01 -11.67
C LEU C 188 -14.59 15.26 -11.59
N GLU C 189 -13.32 15.10 -11.92
CA GLU C 189 -12.36 16.21 -11.92
C GLU C 189 -12.66 17.23 -13.01
N GLU C 190 -13.13 16.74 -14.16
CA GLU C 190 -13.56 17.62 -15.25
C GLU C 190 -14.79 18.42 -14.86
N ALA C 191 -15.77 17.74 -14.26
CA ALA C 191 -16.96 18.40 -13.75
C ALA C 191 -16.58 19.45 -12.70
N ALA C 192 -15.65 19.08 -11.82
CA ALA C 192 -15.14 19.99 -10.80
C ALA C 192 -14.46 21.21 -11.41
N ALA C 193 -13.71 21.00 -12.50
CA ALA C 193 -13.07 22.10 -13.21
C ALA C 193 -14.12 23.05 -13.79
N LEU C 194 -15.14 22.48 -14.43
CA LEU C 194 -16.26 23.27 -14.96
C LEU C 194 -17.04 23.97 -13.85
N ASP C 195 -17.08 23.35 -12.67
CA ASP C 195 -17.71 23.93 -11.49
C ASP C 195 -16.90 25.10 -10.90
N GLY C 196 -15.68 25.30 -11.38
CA GLY C 196 -14.84 26.42 -10.96
C GLY C 196 -13.86 26.08 -9.84
N ALA C 197 -13.73 24.80 -9.53
CA ALA C 197 -12.82 24.36 -8.47
C ALA C 197 -11.38 24.39 -8.95
N THR C 198 -10.52 25.02 -8.17
CA THR C 198 -9.08 25.08 -8.45
C THR C 198 -8.48 23.67 -8.32
N PRO C 199 -7.25 23.47 -8.85
CA PRO C 199 -6.62 22.16 -8.72
C PRO C 199 -6.56 21.65 -7.27
N TRP C 200 -6.29 22.55 -6.33
CA TRP C 200 -6.29 22.19 -4.90
C TRP C 200 -7.68 21.78 -4.43
N GLN C 201 -8.68 22.59 -4.75
CA GLN C 201 -10.06 22.29 -4.39
C GLN C 201 -10.54 20.95 -4.96
N ALA C 202 -10.02 20.57 -6.12
CA ALA C 202 -10.27 19.25 -6.70
C ALA C 202 -9.54 18.17 -5.91
N PHE C 203 -8.29 18.44 -5.56
CA PHE C 203 -7.49 17.54 -4.75
C PHE C 203 -8.19 17.28 -3.42
N ARG C 204 -8.56 18.36 -2.73
CA ARG C 204 -9.12 18.26 -1.39
C ARG C 204 -10.56 17.71 -1.40
N LEU C 205 -11.43 18.36 -2.17
CA LEU C 205 -12.88 18.11 -2.06
C LEU C 205 -13.38 16.96 -2.91
N VAL C 206 -12.68 16.63 -3.99
CA VAL C 206 -13.12 15.57 -4.92
C VAL C 206 -12.25 14.32 -4.84
N LEU C 207 -10.96 14.50 -5.09
CA LEU C 207 -10.04 13.37 -5.23
C LEU C 207 -9.78 12.64 -3.90
N LEU C 208 -9.36 13.40 -2.88
CA LEU C 208 -8.99 12.82 -1.59
C LEU C 208 -10.07 11.96 -0.92
N PRO C 209 -11.31 12.47 -0.77
CA PRO C 209 -12.36 11.68 -0.12
C PRO C 209 -12.68 10.37 -0.83
N LEU C 210 -12.54 10.37 -2.16
CA LEU C 210 -12.70 9.15 -2.95
C LEU C 210 -11.51 8.20 -2.77
N SER C 211 -10.36 8.76 -2.43
CA SER C 211 -9.13 7.98 -2.26
C SER C 211 -8.86 7.57 -0.81
N VAL C 212 -9.86 7.68 0.08
CA VAL C 212 -9.66 7.35 1.49
C VAL C 212 -9.07 5.95 1.68
N PRO C 213 -9.63 4.93 0.98
CA PRO C 213 -9.15 3.56 1.17
C PRO C 213 -7.65 3.36 0.92
N ILE C 214 -7.14 3.88 -0.20
CA ILE C 214 -5.73 3.70 -0.54
C ILE C 214 -4.83 4.53 0.39
N LEU C 215 -5.34 5.65 0.90
CA LEU C 215 -4.62 6.45 1.88
C LEU C 215 -4.59 5.74 3.23
N ALA C 216 -5.70 5.08 3.58
CA ALA C 216 -5.77 4.27 4.79
C ALA C 216 -4.74 3.12 4.73
N VAL C 217 -4.64 2.49 3.56
CA VAL C 217 -3.65 1.44 3.35
C VAL C 217 -2.23 2.00 3.49
N VAL C 218 -1.93 3.05 2.73
CA VAL C 218 -0.60 3.68 2.77
C VAL C 218 -0.21 4.04 4.19
N PHE C 219 -1.14 4.63 4.94
CA PHE C 219 -0.90 4.99 6.34
C PHE C 219 -0.45 3.77 7.15
N ILE C 220 -1.19 2.68 7.02
CA ILE C 220 -0.91 1.46 7.78
C ILE C 220 0.45 0.88 7.43
N LEU C 221 0.77 0.83 6.14
CA LEU C 221 2.06 0.31 5.67
C LEU C 221 3.21 1.20 6.16
N SER C 222 3.01 2.50 6.14
CA SER C 222 3.98 3.45 6.70
C SER C 222 4.07 3.31 8.22
N PHE C 223 2.92 3.09 8.86
CA PHE C 223 2.86 2.94 10.30
C PHE C 223 3.59 1.67 10.74
N ILE C 224 3.28 0.56 10.09
CA ILE C 224 3.92 -0.72 10.39
C ILE C 224 5.42 -0.63 10.13
N ALA C 225 5.79 0.01 9.03
CA ALA C 225 7.20 0.22 8.69
C ALA C 225 7.94 0.93 9.82
N ALA C 226 7.33 2.00 10.33
CA ALA C 226 7.97 2.82 11.37
C ALA C 226 8.05 2.11 12.72
N ILE C 227 7.03 1.33 13.05
CA ILE C 227 7.01 0.56 14.29
C ILE C 227 8.17 -0.44 14.31
N THR C 228 8.38 -1.14 13.19
CA THR C 228 9.39 -2.20 13.13
C THR C 228 10.81 -1.71 12.76
N GLU C 229 10.94 -0.41 12.47
CA GLU C 229 12.22 0.15 12.07
C GLU C 229 13.21 0.15 13.25
N VAL C 230 14.38 -0.45 13.04
CA VAL C 230 15.43 -0.49 14.06
C VAL C 230 16.68 0.35 13.72
N PRO C 231 17.35 0.08 12.57
CA PRO C 231 18.68 0.69 12.32
C PRO C 231 18.78 2.18 12.59
N VAL C 232 17.80 2.95 12.13
CA VAL C 232 17.83 4.42 12.24
C VAL C 232 17.41 4.89 13.63
N ALA C 233 16.34 4.30 14.16
CA ALA C 233 15.82 4.70 15.47
C ALA C 233 16.88 4.61 16.56
N SER C 234 17.61 3.49 16.58
CA SER C 234 18.66 3.26 17.58
C SER C 234 19.92 4.10 17.32
N LEU C 235 20.13 4.52 16.07
CA LEU C 235 21.23 5.43 15.74
C LEU C 235 20.96 6.83 16.29
N LEU C 236 19.69 7.24 16.31
CA LEU C 236 19.30 8.59 16.73
C LEU C 236 18.94 8.67 18.20
N LEU C 237 18.19 7.70 18.69
CA LEU C 237 17.69 7.70 20.07
C LEU C 237 18.69 7.07 21.04
N ARG C 238 19.33 7.90 21.85
CA ARG C 238 20.36 7.45 22.78
C ARG C 238 19.79 7.15 24.17
N ASP C 239 19.02 8.10 24.71
CA ASP C 239 18.47 7.97 26.07
C ASP C 239 17.41 6.87 26.13
N VAL C 240 17.26 6.26 27.29
CA VAL C 240 16.31 5.17 27.48
C VAL C 240 14.86 5.66 27.46
N ASN C 241 14.62 6.84 28.04
CA ASN C 241 13.30 7.45 28.02
C ASN C 241 12.89 7.96 26.63
N SER C 242 13.84 8.02 25.71
CA SER C 242 13.57 8.40 24.31
C SER C 242 13.43 7.20 23.38
N TYR C 243 13.78 6.00 23.85
CA TYR C 243 13.71 4.79 23.02
C TYR C 243 12.29 4.50 22.55
N THR C 244 12.22 3.79 21.42
CA THR C 244 11.00 3.14 20.97
C THR C 244 11.15 1.64 21.25
N LEU C 245 10.07 0.88 21.06
CA LEU C 245 10.12 -0.57 21.24
C LEU C 245 11.33 -1.15 20.50
N ALA C 246 11.42 -0.85 19.21
CA ALA C 246 12.52 -1.34 18.35
C ALA C 246 13.90 -1.27 19.02
N VAL C 247 14.20 -0.12 19.62
CA VAL C 247 15.48 0.07 20.30
C VAL C 247 15.48 -0.64 21.65
N GLY C 248 14.47 -0.33 22.47
CA GLY C 248 14.42 -0.77 23.85
C GLY C 248 14.24 -2.26 24.05
N MET C 249 13.51 -2.91 23.16
CA MET C 249 13.19 -4.34 23.30
C MET C 249 14.40 -5.26 23.18
N GLN C 250 15.52 -4.75 22.65
CA GLN C 250 16.76 -5.51 22.55
C GLN C 250 17.61 -5.41 23.80
N GLN C 251 17.24 -4.52 24.71
CA GLN C 251 17.93 -4.38 25.99
C GLN C 251 17.64 -5.56 26.92
N TYR C 252 16.52 -6.24 26.67
CA TYR C 252 16.13 -7.43 27.44
C TYR C 252 17.12 -8.58 27.27
N LEU C 253 17.57 -8.79 26.03
CA LEU C 253 18.28 -10.02 25.68
C LEU C 253 19.79 -9.84 25.70
N ASN C 254 20.30 -9.44 26.85
CA ASN C 254 21.72 -9.55 27.13
C ASN C 254 21.97 -11.02 27.46
N PRO C 255 22.90 -11.69 26.76
CA PRO C 255 23.15 -13.11 27.07
C PRO C 255 23.39 -13.38 28.56
N GLN C 256 24.12 -12.49 29.22
CA GLN C 256 24.46 -12.65 30.63
C GLN C 256 23.34 -12.14 31.57
N ASN C 257 22.33 -11.49 31.00
CA ASN C 257 21.16 -11.04 31.76
C ASN C 257 19.91 -11.19 30.89
N TYR C 258 19.67 -12.42 30.46
CA TYR C 258 18.68 -12.72 29.42
C TYR C 258 17.27 -12.72 30.01
N LEU C 259 16.64 -11.54 30.00
CA LEU C 259 15.30 -11.37 30.58
C LEU C 259 14.22 -11.82 29.59
N TRP C 260 14.13 -13.13 29.40
CA TRP C 260 13.30 -13.72 28.35
C TRP C 260 11.81 -13.64 28.65
N GLY C 261 11.43 -13.94 29.89
CA GLY C 261 10.03 -13.89 30.31
C GLY C 261 9.49 -12.48 30.35
N ASP C 262 10.31 -11.56 30.82
CA ASP C 262 9.95 -10.13 30.82
C ASP C 262 9.78 -9.65 29.39
N PHE C 263 10.74 -10.01 28.53
CA PHE C 263 10.67 -9.67 27.12
C PHE C 263 9.37 -10.13 26.47
N ALA C 264 8.92 -11.33 26.80
CA ALA C 264 7.68 -11.89 26.25
C ALA C 264 6.47 -11.06 26.63
N ALA C 265 6.41 -10.61 27.89
CA ALA C 265 5.33 -9.75 28.35
C ALA C 265 5.30 -8.43 27.58
N ALA C 266 6.48 -7.88 27.33
CA ALA C 266 6.62 -6.66 26.54
C ALA C 266 6.32 -6.92 25.06
N ALA C 267 6.64 -8.13 24.60
CA ALA C 267 6.45 -8.51 23.20
C ALA C 267 4.98 -8.64 22.84
N VAL C 268 4.19 -9.28 23.71
CA VAL C 268 2.75 -9.37 23.50
C VAL C 268 2.14 -7.96 23.49
N MET C 269 2.69 -7.07 24.32
CA MET C 269 2.18 -5.71 24.46
C MET C 269 2.55 -4.85 23.24
N SER C 270 3.65 -5.19 22.57
CA SER C 270 4.10 -4.42 21.40
C SER C 270 3.33 -4.74 20.10
N ALA C 271 2.51 -5.79 20.12
CA ALA C 271 1.62 -6.11 19.00
C ALA C 271 0.32 -5.29 19.04
N LEU C 272 0.11 -4.59 20.15
CA LEU C 272 -1.13 -3.82 20.41
C LEU C 272 -1.40 -2.67 19.40
N PRO C 273 -0.41 -1.79 19.16
CA PRO C 273 -0.67 -0.64 18.28
C PRO C 273 -1.17 -0.98 16.88
N ILE C 274 -0.52 -1.95 16.22
CA ILE C 274 -0.88 -2.33 14.84
C ILE C 274 -2.24 -3.04 14.82
N THR C 275 -2.57 -3.75 15.89
CA THR C 275 -3.85 -4.42 16.01
C THR C 275 -4.98 -3.40 16.16
N ILE C 276 -4.77 -2.43 17.04
CA ILE C 276 -5.70 -1.29 17.17
C ILE C 276 -5.93 -0.65 15.81
N VAL C 277 -4.84 -0.46 15.07
CA VAL C 277 -4.90 0.14 13.73
C VAL C 277 -5.74 -0.70 12.76
N PHE C 278 -5.52 -2.02 12.74
CA PHE C 278 -6.33 -2.93 11.92
C PHE C 278 -7.80 -2.86 12.34
N LEU C 279 -8.04 -2.87 13.65
CA LEU C 279 -9.41 -2.80 14.19
C LEU C 279 -10.06 -1.46 13.89
N LEU C 280 -9.31 -0.37 14.08
CA LEU C 280 -9.79 0.97 13.74
C LEU C 280 -9.91 1.18 12.23
N ALA C 281 -9.19 0.36 11.45
CA ALA C 281 -9.31 0.36 9.99
C ALA C 281 -10.27 -0.73 9.52
N GLN C 282 -11.43 -0.80 10.16
CA GLN C 282 -12.53 -1.65 9.70
C GLN C 282 -13.60 -0.76 9.05
N ARG C 283 -13.15 0.06 8.09
CA ARG C 283 -13.99 1.05 7.43
C ARG C 283 -13.70 1.08 5.94
N ALA D 2 -24.78 33.01 -24.86
CA ALA D 2 -25.52 31.78 -25.29
C ALA D 2 -25.69 31.75 -26.82
N SER D 3 -24.57 31.84 -27.53
CA SER D 3 -24.58 31.76 -29.00
C SER D 3 -23.22 31.28 -29.50
N VAL D 4 -22.93 30.00 -29.23
CA VAL D 4 -21.66 29.39 -29.62
C VAL D 4 -21.52 29.31 -31.15
N GLN D 5 -20.29 29.43 -31.63
CA GLN D 5 -20.01 29.32 -33.06
C GLN D 5 -18.54 29.01 -33.33
N LEU D 6 -18.30 28.07 -34.25
CA LEU D 6 -16.96 27.61 -34.58
C LEU D 6 -16.55 28.13 -35.95
N GLN D 7 -15.24 28.31 -36.14
CA GLN D 7 -14.70 28.74 -37.43
C GLN D 7 -13.36 28.04 -37.71
N ASN D 8 -13.37 27.13 -38.69
CA ASN D 8 -12.19 26.34 -39.06
C ASN D 8 -11.59 25.59 -37.87
N VAL D 9 -12.44 25.06 -37.00
CA VAL D 9 -11.99 24.31 -35.84
C VAL D 9 -11.39 22.97 -36.27
N THR D 10 -10.27 22.61 -35.65
CA THR D 10 -9.51 21.44 -36.04
C THR D 10 -8.87 20.80 -34.82
N LYS D 11 -8.90 19.47 -34.77
CA LYS D 11 -8.24 18.71 -33.72
C LYS D 11 -7.29 17.70 -34.35
N ALA D 12 -6.17 17.43 -33.65
CA ALA D 12 -5.19 16.47 -34.12
C ALA D 12 -4.40 15.86 -32.97
N TRP D 13 -4.30 14.54 -32.95
CA TRP D 13 -3.48 13.83 -31.98
C TRP D 13 -2.17 13.42 -32.66
N GLY D 14 -1.12 14.20 -32.41
CA GLY D 14 0.15 14.03 -33.12
C GLY D 14 0.02 14.57 -34.53
N GLU D 15 0.38 13.75 -35.51
CA GLU D 15 0.24 14.11 -36.93
C GLU D 15 -1.09 13.64 -37.50
N VAL D 16 -1.87 12.89 -36.72
CA VAL D 16 -3.18 12.41 -37.15
C VAL D 16 -4.21 13.53 -37.04
N VAL D 17 -4.71 13.99 -38.19
CA VAL D 17 -5.71 15.06 -38.24
C VAL D 17 -7.10 14.45 -38.45
N VAL D 18 -7.86 14.33 -37.35
CA VAL D 18 -9.18 13.70 -37.39
C VAL D 18 -10.25 14.56 -38.06
N SER D 19 -10.23 15.88 -37.80
CA SER D 19 -11.27 16.78 -38.27
C SER D 19 -10.68 18.01 -38.97
N LYS D 20 -10.92 18.11 -40.28
CA LYS D 20 -10.46 19.27 -41.05
C LYS D 20 -11.42 20.44 -40.83
N ASP D 21 -10.84 21.63 -40.60
CA ASP D 21 -11.58 22.89 -40.46
C ASP D 21 -13.12 22.80 -40.57
N ILE D 22 -13.79 22.81 -39.42
CA ILE D 22 -15.25 22.73 -39.37
C ILE D 22 -15.88 24.03 -38.86
N ASN D 23 -17.03 24.39 -39.43
CA ASN D 23 -17.72 25.63 -39.09
C ASN D 23 -19.14 25.38 -38.62
N LEU D 24 -19.56 26.06 -37.55
CA LEU D 24 -20.92 25.98 -37.04
C LEU D 24 -21.38 27.36 -36.56
N ASP D 25 -22.63 27.70 -36.87
CA ASP D 25 -23.23 28.96 -36.46
C ASP D 25 -24.49 28.67 -35.66
N ILE D 26 -24.32 28.47 -34.36
CA ILE D 26 -25.41 28.11 -33.47
C ILE D 26 -25.98 29.38 -32.83
N HIS D 27 -27.27 29.62 -33.07
CA HIS D 27 -27.93 30.86 -32.65
C HIS D 27 -28.39 30.79 -31.20
N GLU D 28 -28.95 31.89 -30.70
CA GLU D 28 -29.48 31.97 -29.33
C GLU D 28 -30.67 31.03 -29.14
N GLY D 29 -30.61 30.22 -28.08
CA GLY D 29 -31.71 29.34 -27.71
C GLY D 29 -31.99 28.20 -28.66
N GLU D 30 -30.99 27.84 -29.47
CA GLU D 30 -31.18 26.83 -30.50
C GLU D 30 -30.76 25.45 -29.97
N PHE D 31 -31.65 24.48 -30.13
CA PHE D 31 -31.37 23.09 -29.76
C PHE D 31 -30.58 22.45 -30.89
N VAL D 32 -29.27 22.32 -30.70
CA VAL D 32 -28.40 21.71 -31.70
C VAL D 32 -27.99 20.32 -31.23
N VAL D 33 -27.95 19.37 -32.16
CA VAL D 33 -27.65 17.99 -31.83
C VAL D 33 -26.53 17.44 -32.72
N PHE D 34 -25.42 17.05 -32.11
CA PHE D 34 -24.33 16.38 -32.83
C PHE D 34 -24.63 14.89 -32.89
N VAL D 35 -24.62 14.31 -34.09
CA VAL D 35 -24.90 12.88 -34.27
C VAL D 35 -23.93 12.17 -35.20
N GLY D 36 -23.80 10.87 -34.97
CA GLY D 36 -22.92 10.00 -35.74
C GLY D 36 -22.64 8.73 -34.96
N PRO D 37 -21.83 7.82 -35.54
CA PRO D 37 -21.50 6.56 -34.87
C PRO D 37 -20.59 6.76 -33.66
N SER D 38 -20.12 5.65 -33.08
CA SER D 38 -19.18 5.71 -31.96
C SER D 38 -17.80 6.13 -32.44
N GLY D 39 -17.27 7.18 -31.83
CA GLY D 39 -15.92 7.68 -32.15
C GLY D 39 -15.84 8.41 -33.48
N CYS D 40 -16.82 9.26 -33.77
CA CYS D 40 -16.83 10.09 -34.98
C CYS D 40 -16.53 11.56 -34.65
N GLY D 41 -16.30 11.87 -33.38
CA GLY D 41 -15.95 13.21 -32.94
C GLY D 41 -17.11 14.04 -32.43
N LYS D 42 -18.16 13.38 -31.94
CA LYS D 42 -19.31 14.09 -31.36
C LYS D 42 -18.86 14.69 -30.03
N SER D 43 -18.33 13.84 -29.17
CA SER D 43 -17.97 14.21 -27.81
C SER D 43 -16.74 15.12 -27.79
N THR D 44 -15.79 14.85 -28.68
CA THR D 44 -14.61 15.69 -28.79
C THR D 44 -15.01 17.14 -29.12
N LEU D 45 -15.92 17.31 -30.07
CA LEU D 45 -16.48 18.62 -30.36
C LEU D 45 -17.08 19.27 -29.12
N LEU D 46 -18.02 18.56 -28.50
CA LEU D 46 -18.70 19.04 -27.29
C LEU D 46 -17.68 19.40 -26.20
N ARG D 47 -16.68 18.55 -26.03
CA ARG D 47 -15.63 18.77 -25.04
C ARG D 47 -14.68 19.89 -25.43
N MET D 48 -14.43 20.05 -26.74
CA MET D 48 -13.67 21.18 -27.25
C MET D 48 -14.43 22.49 -27.01
N ILE D 49 -15.75 22.44 -27.17
CA ILE D 49 -16.61 23.58 -26.83
C ILE D 49 -16.58 23.82 -25.32
N ALA D 50 -16.62 22.75 -24.54
CA ALA D 50 -16.60 22.83 -23.08
C ALA D 50 -15.27 23.34 -22.53
N GLY D 51 -14.19 23.10 -23.26
CA GLY D 51 -12.85 23.48 -22.81
C GLY D 51 -12.08 22.33 -22.18
N LEU D 52 -12.70 21.15 -22.14
CA LEU D 52 -12.06 19.95 -21.58
C LEU D 52 -11.04 19.37 -22.55
N GLU D 53 -11.10 19.78 -23.81
CA GLU D 53 -10.14 19.36 -24.83
C GLU D 53 -9.63 20.58 -25.61
N THR D 54 -8.36 20.54 -25.99
CA THR D 54 -7.73 21.67 -26.69
C THR D 54 -8.15 21.74 -28.16
N ILE D 55 -8.00 22.92 -28.76
CA ILE D 55 -8.21 23.12 -30.19
C ILE D 55 -6.86 23.29 -30.87
N THR D 56 -6.55 22.41 -31.82
CA THR D 56 -5.28 22.45 -32.55
C THR D 56 -5.22 23.67 -33.48
N SER D 57 -6.36 24.02 -34.06
CA SER D 57 -6.45 25.18 -34.95
C SER D 57 -7.92 25.57 -35.16
N GLY D 58 -8.18 26.88 -35.15
CA GLY D 58 -9.53 27.40 -35.39
C GLY D 58 -10.08 28.23 -34.24
N ASP D 59 -11.11 29.02 -34.54
CA ASP D 59 -11.67 29.97 -33.58
C ASP D 59 -13.00 29.48 -32.99
N LEU D 60 -13.06 29.45 -31.67
CA LEU D 60 -14.29 29.11 -30.94
C LEU D 60 -14.82 30.34 -30.24
N PHE D 61 -15.99 30.81 -30.64
CA PHE D 61 -16.65 31.94 -29.99
C PHE D 61 -17.88 31.47 -29.24
N ILE D 62 -18.11 32.06 -28.07
CA ILE D 62 -19.35 31.88 -27.33
C ILE D 62 -19.84 33.25 -26.87
N GLY D 63 -20.92 33.73 -27.48
CA GLY D 63 -21.42 35.07 -27.24
C GLY D 63 -20.52 36.13 -27.87
N GLU D 64 -20.02 35.82 -29.07
CA GLU D 64 -19.12 36.71 -29.81
C GLU D 64 -17.88 37.09 -28.99
N LYS D 65 -17.19 36.07 -28.47
CA LYS D 65 -15.91 36.25 -27.81
C LYS D 65 -15.14 34.93 -27.79
N ARG D 66 -13.87 34.98 -28.19
CA ARG D 66 -13.06 33.79 -28.40
C ARG D 66 -12.82 33.06 -27.08
N MET D 67 -13.00 31.73 -27.08
CA MET D 67 -12.96 30.93 -25.85
C MET D 67 -11.85 29.88 -25.79
N ASN D 68 -11.00 29.83 -26.82
CA ASN D 68 -9.95 28.80 -26.88
C ASN D 68 -9.08 28.75 -25.63
N ASP D 69 -8.43 29.87 -25.33
CA ASP D 69 -7.50 29.95 -24.19
C ASP D 69 -8.20 30.12 -22.84
N THR D 70 -9.50 30.37 -22.86
CA THR D 70 -10.29 30.53 -21.63
C THR D 70 -10.51 29.17 -20.99
N PRO D 71 -10.32 29.06 -19.66
CA PRO D 71 -10.58 27.78 -19.00
C PRO D 71 -12.07 27.45 -18.95
N PRO D 72 -12.42 26.16 -18.75
CA PRO D 72 -13.81 25.69 -18.82
C PRO D 72 -14.78 26.45 -17.89
N ALA D 73 -14.30 26.79 -16.70
CA ALA D 73 -15.11 27.45 -15.68
C ALA D 73 -15.65 28.80 -16.15
N GLU D 74 -14.84 29.55 -16.90
CA GLU D 74 -15.18 30.89 -17.34
C GLU D 74 -15.67 30.91 -18.80
N ARG D 75 -16.55 29.96 -19.15
CA ARG D 75 -17.10 29.88 -20.50
C ARG D 75 -18.63 30.04 -20.56
N GLY D 76 -19.27 30.21 -19.39
CA GLY D 76 -20.72 30.29 -19.32
C GLY D 76 -21.38 29.04 -19.90
N VAL D 77 -20.77 27.89 -19.65
CA VAL D 77 -21.22 26.62 -20.22
C VAL D 77 -21.19 25.52 -19.17
N GLY D 78 -22.19 24.63 -19.21
CA GLY D 78 -22.34 23.58 -18.21
C GLY D 78 -22.60 22.23 -18.86
N MET D 79 -21.85 21.21 -18.44
CA MET D 79 -21.87 19.91 -19.09
C MET D 79 -22.61 18.84 -18.28
N VAL D 80 -23.36 18.01 -18.98
CA VAL D 80 -23.95 16.79 -18.43
C VAL D 80 -23.16 15.62 -18.99
N PHE D 81 -22.32 15.02 -18.15
CA PHE D 81 -21.39 13.98 -18.58
C PHE D 81 -22.10 12.67 -18.90
N GLN D 82 -21.48 11.87 -19.76
CA GLN D 82 -22.05 10.59 -20.19
C GLN D 82 -22.20 9.61 -19.03
N SER D 83 -21.25 9.64 -18.09
CA SER D 83 -21.31 8.81 -16.88
C SER D 83 -22.02 9.52 -15.73
N TYR D 84 -22.59 10.69 -16.01
CA TYR D 84 -23.25 11.56 -15.02
C TYR D 84 -22.26 12.35 -14.14
N ALA D 85 -21.08 11.78 -13.88
CA ALA D 85 -20.03 12.44 -13.12
C ALA D 85 -20.50 12.90 -11.74
N LEU D 86 -21.33 12.09 -11.11
CA LEU D 86 -21.84 12.37 -9.77
C LEU D 86 -20.77 12.03 -8.74
N TYR D 87 -20.45 13.00 -7.89
CA TYR D 87 -19.45 12.81 -6.84
C TYR D 87 -20.03 11.84 -5.82
N PRO D 88 -19.49 10.61 -5.73
CA PRO D 88 -20.08 9.61 -4.85
C PRO D 88 -20.12 10.03 -3.39
N HIS D 89 -19.06 10.66 -2.91
CA HIS D 89 -18.96 11.05 -1.50
C HIS D 89 -19.95 12.15 -1.10
N LEU D 90 -20.31 13.01 -2.05
CA LEU D 90 -21.27 14.09 -1.79
C LEU D 90 -22.71 13.61 -1.98
N SER D 91 -23.64 14.30 -1.33
CA SER D 91 -25.07 14.01 -1.47
C SER D 91 -25.62 14.54 -2.79
N VAL D 92 -26.92 14.34 -3.02
CA VAL D 92 -27.56 14.79 -4.26
C VAL D 92 -27.65 16.33 -4.31
N ALA D 93 -28.05 16.93 -3.21
CA ALA D 93 -28.15 18.38 -3.10
C ALA D 93 -26.77 19.02 -3.29
N GLU D 94 -25.76 18.40 -2.70
CA GLU D 94 -24.38 18.88 -2.79
C GLU D 94 -23.78 18.62 -4.16
N ASN D 95 -24.21 17.54 -4.82
CA ASN D 95 -23.80 17.25 -6.20
C ASN D 95 -24.26 18.32 -7.17
N MET D 96 -25.49 18.81 -6.94
CA MET D 96 -26.09 19.83 -7.79
C MET D 96 -25.53 21.22 -7.50
N SER D 97 -25.21 21.49 -6.23
CA SER D 97 -24.79 22.83 -5.80
C SER D 97 -23.28 23.00 -5.65
N PHE D 98 -22.51 21.93 -5.82
CA PHE D 98 -21.06 21.94 -5.59
C PHE D 98 -20.37 23.14 -6.26
N GLY D 99 -20.79 23.47 -7.47
CA GLY D 99 -20.21 24.57 -8.21
C GLY D 99 -20.36 25.92 -7.52
N LEU D 100 -21.58 26.22 -7.07
CA LEU D 100 -21.85 27.49 -6.40
C LEU D 100 -21.67 27.39 -4.88
N LYS D 101 -21.50 26.18 -4.37
CA LYS D 101 -21.16 25.97 -2.97
C LYS D 101 -19.73 26.47 -2.74
N LEU D 102 -18.79 25.93 -3.52
CA LEU D 102 -17.42 26.44 -3.52
C LEU D 102 -17.44 27.80 -4.23
N ALA D 103 -16.64 28.74 -3.73
CA ALA D 103 -16.62 30.10 -4.26
C ALA D 103 -17.97 30.79 -4.12
N GLY D 104 -18.19 31.43 -2.97
CA GLY D 104 -19.44 32.14 -2.69
C GLY D 104 -20.49 31.22 -2.09
N ALA D 105 -20.16 30.61 -0.97
CA ALA D 105 -21.09 29.72 -0.27
C ALA D 105 -22.22 30.52 0.36
N LYS D 106 -23.41 30.40 -0.20
CA LYS D 106 -24.60 31.07 0.32
C LYS D 106 -25.69 30.04 0.61
N LYS D 107 -25.87 29.73 1.89
CA LYS D 107 -26.77 28.65 2.33
C LYS D 107 -28.19 28.81 1.78
N GLU D 108 -28.74 30.02 1.92
CA GLU D 108 -30.11 30.31 1.48
C GLU D 108 -30.25 30.24 -0.04
N VAL D 109 -29.20 30.65 -0.75
CA VAL D 109 -29.18 30.61 -2.22
C VAL D 109 -29.21 29.15 -2.69
N ILE D 110 -28.35 28.32 -2.11
CA ILE D 110 -28.31 26.90 -2.42
C ILE D 110 -29.68 26.27 -2.19
N ASN D 111 -30.17 26.38 -0.97
CA ASN D 111 -31.48 25.83 -0.61
C ASN D 111 -32.58 26.17 -1.62
N GLN D 112 -32.60 27.42 -2.08
CA GLN D 112 -33.61 27.87 -3.02
C GLN D 112 -33.38 27.27 -4.41
N ARG D 113 -32.16 27.41 -4.93
CA ARG D 113 -31.84 26.94 -6.28
C ARG D 113 -32.01 25.43 -6.43
N VAL D 114 -31.54 24.68 -5.45
CA VAL D 114 -31.59 23.22 -5.49
C VAL D 114 -33.04 22.72 -5.42
N ASN D 115 -33.81 23.27 -4.49
CA ASN D 115 -35.21 22.86 -4.31
C ASN D 115 -36.10 23.25 -5.50
N GLN D 116 -35.85 24.43 -6.07
CA GLN D 116 -36.59 24.89 -7.25
C GLN D 116 -36.25 24.05 -8.48
N VAL D 117 -34.99 23.65 -8.60
CA VAL D 117 -34.54 22.74 -9.66
C VAL D 117 -35.03 21.32 -9.40
N ALA D 118 -34.98 20.90 -8.13
CA ALA D 118 -35.48 19.59 -7.72
C ALA D 118 -37.01 19.50 -7.82
N GLU D 119 -37.69 20.65 -7.78
CA GLU D 119 -39.13 20.70 -8.00
C GLU D 119 -39.45 20.32 -9.45
N VAL D 120 -38.78 20.97 -10.40
CA VAL D 120 -39.06 20.75 -11.83
C VAL D 120 -38.56 19.41 -12.36
N LEU D 121 -37.56 18.82 -11.70
CA LEU D 121 -37.05 17.51 -12.06
C LEU D 121 -37.59 16.39 -11.17
N GLN D 122 -38.22 16.77 -10.05
CA GLN D 122 -38.78 15.80 -9.09
C GLN D 122 -37.69 14.98 -8.40
N LEU D 123 -36.74 15.68 -7.78
CA LEU D 123 -35.67 15.06 -6.99
C LEU D 123 -35.72 15.54 -5.53
N ALA D 124 -36.84 16.12 -5.13
CA ALA D 124 -36.97 16.79 -3.84
C ALA D 124 -36.81 15.84 -2.65
N HIS D 125 -37.37 14.63 -2.77
CA HIS D 125 -37.33 13.65 -1.69
C HIS D 125 -36.05 12.82 -1.64
N LEU D 126 -35.10 13.12 -2.54
CA LEU D 126 -33.83 12.40 -2.60
C LEU D 126 -32.62 13.34 -2.48
N LEU D 127 -32.84 14.54 -1.96
CA LEU D 127 -31.76 15.52 -1.84
C LEU D 127 -30.69 15.12 -0.82
N ASP D 128 -31.10 14.41 0.23
CA ASP D 128 -30.20 13.94 1.27
C ASP D 128 -29.56 12.57 0.95
N ARG D 129 -29.98 11.96 -0.16
CA ARG D 129 -29.43 10.66 -0.59
C ARG D 129 -28.05 10.80 -1.23
N LYS D 130 -27.43 9.68 -1.54
CA LYS D 130 -26.10 9.65 -2.16
C LYS D 130 -26.19 8.91 -3.50
N PRO D 131 -25.34 9.27 -4.48
CA PRO D 131 -25.41 8.72 -5.85
C PRO D 131 -25.56 7.20 -5.98
N LYS D 132 -25.00 6.44 -5.03
CA LYS D 132 -25.10 4.99 -5.04
C LYS D 132 -26.54 4.50 -4.86
N ALA D 133 -27.28 5.18 -3.99
CA ALA D 133 -28.66 4.80 -3.68
C ALA D 133 -29.62 5.04 -4.85
N LEU D 134 -29.32 6.03 -5.69
CA LEU D 134 -30.21 6.44 -6.76
C LEU D 134 -30.18 5.49 -7.96
N SER D 135 -31.34 5.27 -8.57
CA SER D 135 -31.45 4.49 -9.79
C SER D 135 -31.01 5.32 -10.98
N GLY D 136 -30.51 4.66 -12.02
CA GLY D 136 -29.96 5.32 -13.21
C GLY D 136 -30.76 6.49 -13.72
N GLY D 137 -32.09 6.35 -13.74
CA GLY D 137 -32.99 7.42 -14.16
C GLY D 137 -32.90 8.63 -13.24
N GLN D 138 -32.87 8.36 -11.94
CA GLN D 138 -32.70 9.42 -10.94
C GLN D 138 -31.31 10.02 -11.04
N ARG D 139 -30.31 9.15 -11.17
CA ARG D 139 -28.91 9.56 -11.31
C ARG D 139 -28.68 10.51 -12.48
N GLN D 140 -29.41 10.28 -13.57
CA GLN D 140 -29.31 11.14 -14.76
C GLN D 140 -29.82 12.55 -14.47
N ARG D 141 -30.99 12.64 -13.85
CA ARG D 141 -31.62 13.93 -13.56
C ARG D 141 -30.84 14.76 -12.54
N VAL D 142 -30.01 14.10 -11.73
CA VAL D 142 -29.10 14.79 -10.83
C VAL D 142 -28.03 15.53 -11.64
N ALA D 143 -27.47 14.86 -12.63
CA ALA D 143 -26.46 15.46 -13.52
C ALA D 143 -27.04 16.62 -14.33
N ILE D 144 -28.33 16.52 -14.65
CA ILE D 144 -29.06 17.62 -15.30
C ILE D 144 -29.22 18.78 -14.32
N GLY D 145 -29.76 18.49 -13.15
CA GLY D 145 -29.95 19.49 -12.10
C GLY D 145 -28.71 20.33 -11.86
N ARG D 146 -27.54 19.69 -11.83
CA ARG D 146 -26.27 20.38 -11.64
C ARG D 146 -26.12 21.57 -12.58
N THR D 147 -26.44 21.36 -13.85
CA THR D 147 -26.37 22.44 -14.85
C THR D 147 -27.52 23.44 -14.68
N LEU D 148 -28.70 22.96 -14.31
CA LEU D 148 -29.84 23.85 -14.07
C LEU D 148 -29.60 24.78 -12.89
N VAL D 149 -28.99 24.26 -11.83
CA VAL D 149 -28.62 25.07 -10.67
C VAL D 149 -27.49 26.05 -11.05
N ALA D 150 -26.60 25.62 -11.93
CA ALA D 150 -25.50 26.46 -12.40
C ALA D 150 -25.98 27.59 -13.31
N GLU D 151 -27.04 27.31 -14.08
CA GLU D 151 -27.65 28.30 -14.98
C GLU D 151 -26.67 28.86 -16.01
N PRO D 152 -26.04 27.98 -16.81
CA PRO D 152 -25.09 28.46 -17.82
C PRO D 152 -25.79 29.06 -19.02
N SER D 153 -25.06 29.85 -19.81
CA SER D 153 -25.58 30.41 -21.04
C SER D 153 -25.83 29.28 -22.04
N VAL D 154 -24.82 28.42 -22.22
CA VAL D 154 -24.92 27.26 -23.11
C VAL D 154 -24.99 25.97 -22.29
N PHE D 155 -25.80 25.02 -22.74
CA PHE D 155 -25.87 23.68 -22.14
C PHE D 155 -25.16 22.68 -23.02
N LEU D 156 -24.40 21.77 -22.41
CA LEU D 156 -23.75 20.69 -23.15
C LEU D 156 -24.16 19.36 -22.55
N LEU D 157 -24.71 18.47 -23.38
CA LEU D 157 -25.14 17.16 -22.93
C LEU D 157 -24.44 16.08 -23.77
N ASP D 158 -23.71 15.21 -23.09
CA ASP D 158 -22.91 14.18 -23.76
C ASP D 158 -23.58 12.81 -23.63
N GLU D 159 -24.38 12.45 -24.63
CA GLU D 159 -25.13 11.20 -24.64
C GLU D 159 -25.87 10.99 -23.31
N PRO D 160 -26.78 11.92 -22.98
CA PRO D 160 -27.44 11.94 -21.67
C PRO D 160 -28.42 10.80 -21.42
N LEU D 161 -29.10 10.35 -22.47
CA LEU D 161 -30.11 9.28 -22.33
C LEU D 161 -29.56 7.91 -22.74
N SER D 162 -28.23 7.79 -22.80
CA SER D 162 -27.58 6.64 -23.41
C SER D 162 -27.76 5.35 -22.61
N ASN D 163 -27.51 5.43 -21.31
CA ASN D 163 -27.56 4.24 -20.44
C ASN D 163 -28.90 4.11 -19.71
N LEU D 164 -29.99 4.35 -20.43
CA LEU D 164 -31.34 4.30 -19.85
C LEU D 164 -32.21 3.28 -20.56
N ASP D 165 -33.28 2.86 -19.89
CA ASP D 165 -34.23 1.92 -20.48
C ASP D 165 -34.93 2.56 -21.66
N ALA D 166 -35.25 1.76 -22.67
CA ALA D 166 -35.87 2.24 -23.91
C ALA D 166 -37.10 3.09 -23.61
N ALA D 167 -37.97 2.58 -22.74
CA ALA D 167 -39.18 3.30 -22.35
C ALA D 167 -38.86 4.61 -21.64
N LEU D 168 -37.88 4.57 -20.75
CA LEU D 168 -37.47 5.74 -19.99
C LEU D 168 -36.63 6.72 -20.83
N ARG D 169 -36.00 6.19 -21.87
CA ARG D 169 -35.28 7.02 -22.84
C ARG D 169 -36.27 7.82 -23.69
N VAL D 170 -37.39 7.18 -24.03
CA VAL D 170 -38.46 7.82 -24.78
C VAL D 170 -39.15 8.93 -23.97
N GLN D 171 -39.36 8.67 -22.68
CA GLN D 171 -40.02 9.63 -21.81
C GLN D 171 -39.15 10.88 -21.58
N MET D 172 -37.86 10.67 -21.37
CA MET D 172 -36.92 11.78 -21.11
C MET D 172 -36.77 12.74 -22.29
N ARG D 173 -36.89 12.22 -23.51
CA ARG D 173 -36.90 13.08 -24.71
C ARG D 173 -37.97 14.16 -24.61
N ILE D 174 -39.16 13.79 -24.16
CA ILE D 174 -40.25 14.74 -23.95
C ILE D 174 -39.87 15.74 -22.86
N GLU D 175 -39.25 15.25 -21.79
CA GLU D 175 -38.84 16.11 -20.69
C GLU D 175 -37.79 17.13 -21.15
N ILE D 176 -36.86 16.69 -21.98
CA ILE D 176 -35.81 17.57 -22.50
C ILE D 176 -36.38 18.62 -23.47
N SER D 177 -37.36 18.21 -24.29
CA SER D 177 -38.01 19.13 -25.24
C SER D 177 -38.81 20.21 -24.52
N ARG D 178 -39.53 19.83 -23.46
CA ARG D 178 -40.27 20.77 -22.64
C ARG D 178 -39.31 21.61 -21.79
N LEU D 179 -38.24 20.99 -21.33
CA LEU D 179 -37.21 21.68 -20.55
C LEU D 179 -36.45 22.71 -21.38
N HIS D 180 -36.22 22.41 -22.66
CA HIS D 180 -35.50 23.32 -23.54
C HIS D 180 -36.30 24.58 -23.87
N LYS D 181 -37.53 24.40 -24.33
CA LYS D 181 -38.36 25.53 -24.76
C LYS D 181 -38.93 26.32 -23.59
N ARG D 182 -38.86 25.77 -22.38
CA ARG D 182 -39.21 26.51 -21.17
C ARG D 182 -38.08 27.47 -20.80
N LEU D 183 -36.85 26.95 -20.72
CA LEU D 183 -35.67 27.77 -20.43
C LEU D 183 -35.28 28.61 -21.64
N GLY D 184 -35.37 28.02 -22.83
CA GLY D 184 -35.10 28.73 -24.07
C GLY D 184 -33.65 29.13 -24.27
N ARG D 185 -32.72 28.36 -23.70
CA ARG D 185 -31.29 28.62 -23.87
C ARG D 185 -30.63 27.56 -24.72
N THR D 186 -29.50 27.93 -25.32
CA THR D 186 -28.77 27.07 -26.27
C THR D 186 -28.38 25.74 -25.64
N MET D 187 -28.62 24.65 -26.35
CA MET D 187 -28.22 23.32 -25.91
C MET D 187 -27.53 22.54 -27.02
N ILE D 188 -26.25 22.21 -26.81
CA ILE D 188 -25.50 21.34 -27.71
C ILE D 188 -25.62 19.92 -27.15
N TYR D 189 -25.94 18.97 -28.01
CA TYR D 189 -26.43 17.67 -27.59
C TYR D 189 -25.77 16.55 -28.39
N VAL D 190 -24.93 15.75 -27.72
CA VAL D 190 -24.26 14.63 -28.36
C VAL D 190 -25.09 13.36 -28.18
N THR D 191 -25.25 12.60 -29.26
CA THR D 191 -25.96 11.32 -29.23
C THR D 191 -25.67 10.51 -30.49
N HIS D 192 -25.87 9.20 -30.40
CA HIS D 192 -25.73 8.31 -31.56
C HIS D 192 -27.09 7.94 -32.18
N ASP D 193 -28.15 8.08 -31.40
CA ASP D 193 -29.49 7.71 -31.86
C ASP D 193 -30.11 8.81 -32.71
N GLN D 194 -30.40 8.49 -33.97
CA GLN D 194 -31.04 9.43 -34.89
C GLN D 194 -32.44 9.83 -34.44
N VAL D 195 -33.13 8.92 -33.75
CA VAL D 195 -34.48 9.19 -33.22
C VAL D 195 -34.44 10.41 -32.30
N GLU D 196 -33.41 10.49 -31.45
CA GLU D 196 -33.26 11.58 -30.50
C GLU D 196 -32.96 12.92 -31.19
N ALA D 197 -32.29 12.86 -32.34
CA ALA D 197 -31.98 14.06 -33.11
C ALA D 197 -33.24 14.64 -33.75
N MET D 198 -34.00 13.79 -34.43
CA MET D 198 -35.16 14.23 -35.22
C MET D 198 -36.21 14.96 -34.38
N THR D 199 -36.38 14.54 -33.13
CA THR D 199 -37.43 15.08 -32.26
C THR D 199 -36.96 16.29 -31.45
N LEU D 200 -35.79 16.18 -30.85
CA LEU D 200 -35.25 17.24 -29.99
C LEU D 200 -34.69 18.43 -30.76
N ALA D 201 -33.98 18.15 -31.85
CA ALA D 201 -33.15 19.16 -32.51
C ALA D 201 -33.92 20.14 -33.38
N ASP D 202 -33.49 21.41 -33.33
CA ASP D 202 -33.91 22.42 -34.29
C ASP D 202 -32.91 22.44 -35.45
N LYS D 203 -31.65 22.14 -35.13
CA LYS D 203 -30.60 21.98 -36.13
C LYS D 203 -29.78 20.73 -35.77
N ILE D 204 -29.44 19.93 -36.78
CA ILE D 204 -28.68 18.70 -36.58
C ILE D 204 -27.32 18.79 -37.27
N VAL D 205 -26.32 18.14 -36.68
CA VAL D 205 -24.98 18.07 -37.25
C VAL D 205 -24.54 16.62 -37.36
N VAL D 206 -24.53 16.09 -38.58
CA VAL D 206 -24.13 14.70 -38.81
C VAL D 206 -22.62 14.64 -39.01
N LEU D 207 -21.98 13.78 -38.22
CA LEU D 207 -20.52 13.67 -38.21
C LEU D 207 -20.06 12.32 -38.75
N ASP D 208 -19.34 12.35 -39.88
CA ASP D 208 -18.80 11.16 -40.50
C ASP D 208 -17.30 11.08 -40.22
N ALA D 209 -16.95 10.42 -39.12
CA ALA D 209 -15.55 10.21 -38.75
C ALA D 209 -14.75 11.51 -38.72
N GLY D 210 -15.24 12.51 -38.00
CA GLY D 210 -14.56 13.80 -37.88
C GLY D 210 -15.03 14.83 -38.89
N ARG D 211 -15.36 14.38 -40.10
CA ARG D 211 -15.90 15.24 -41.15
C ARG D 211 -17.36 15.57 -40.83
N VAL D 212 -17.75 16.82 -41.08
CA VAL D 212 -19.14 17.23 -40.96
C VAL D 212 -19.88 16.86 -42.24
N ALA D 213 -20.79 15.89 -42.14
CA ALA D 213 -21.50 15.36 -43.31
C ALA D 213 -22.56 16.35 -43.80
N GLN D 214 -23.39 16.82 -42.89
CA GLN D 214 -24.45 17.78 -43.22
C GLN D 214 -24.92 18.53 -41.98
N VAL D 215 -25.23 19.81 -42.16
CA VAL D 215 -25.85 20.63 -41.13
C VAL D 215 -27.21 21.11 -41.66
N GLY D 216 -28.26 20.92 -40.86
CA GLY D 216 -29.59 21.35 -41.25
C GLY D 216 -30.69 20.92 -40.30
N LYS D 217 -31.94 21.21 -40.70
CA LYS D 217 -33.11 20.88 -39.88
C LYS D 217 -33.49 19.41 -40.09
N PRO D 218 -34.07 18.77 -39.04
CA PRO D 218 -34.46 17.36 -39.08
C PRO D 218 -35.08 16.90 -40.40
N LEU D 219 -36.06 17.64 -40.89
CA LEU D 219 -36.81 17.26 -42.08
C LEU D 219 -35.98 17.50 -43.35
N GLU D 220 -35.06 18.46 -43.29
CA GLU D 220 -34.15 18.74 -44.41
C GLU D 220 -33.15 17.61 -44.59
N LEU D 221 -32.65 17.07 -43.48
CA LEU D 221 -31.71 15.94 -43.50
C LEU D 221 -32.41 14.67 -43.97
N TYR D 222 -33.66 14.49 -43.54
CA TYR D 222 -34.46 13.30 -43.87
C TYR D 222 -34.85 13.28 -45.36
N HIS D 223 -35.42 14.38 -45.83
CA HIS D 223 -35.87 14.49 -47.23
C HIS D 223 -34.71 14.69 -48.20
N TYR D 224 -33.72 15.47 -47.79
CA TYR D 224 -32.62 15.85 -48.69
C TYR D 224 -31.27 15.63 -48.03
N PRO D 225 -30.83 14.37 -47.91
CA PRO D 225 -29.49 14.09 -47.42
C PRO D 225 -28.40 14.60 -48.36
N ALA D 226 -27.31 15.11 -47.78
CA ALA D 226 -26.20 15.64 -48.56
C ALA D 226 -25.34 14.53 -49.19
N ASP D 227 -25.38 13.34 -48.58
CA ASP D 227 -24.68 12.17 -49.12
C ASP D 227 -25.27 10.87 -48.60
N ARG D 228 -24.78 9.75 -49.13
CA ARG D 228 -25.23 8.41 -48.72
C ARG D 228 -25.17 8.19 -47.20
N PHE D 229 -24.19 8.81 -46.54
CA PHE D 229 -24.00 8.63 -45.11
C PHE D 229 -25.16 9.21 -44.29
N VAL D 230 -25.49 10.47 -44.55
CA VAL D 230 -26.57 11.14 -43.83
C VAL D 230 -27.91 10.48 -44.17
N ALA D 231 -28.01 9.98 -45.40
CA ALA D 231 -29.19 9.25 -45.84
C ALA D 231 -29.37 7.95 -45.06
N GLY D 232 -28.29 7.19 -44.93
CA GLY D 232 -28.31 5.92 -44.20
C GLY D 232 -28.40 6.08 -42.70
N PHE D 233 -27.91 7.21 -42.18
CA PHE D 233 -27.90 7.42 -40.73
C PHE D 233 -29.28 7.79 -40.18
N ILE D 234 -30.00 8.66 -40.88
CA ILE D 234 -31.33 9.07 -40.46
C ILE D 234 -32.41 8.16 -41.04
N GLY D 235 -33.23 7.58 -40.16
CA GLY D 235 -34.29 6.67 -40.55
C GLY D 235 -34.44 5.55 -39.54
N SER D 236 -35.67 5.34 -39.05
CA SER D 236 -35.94 4.34 -38.00
C SER D 236 -35.38 2.96 -38.40
N PRO D 237 -35.89 2.37 -39.50
CA PRO D 237 -35.09 1.36 -40.19
C PRO D 237 -34.25 2.07 -41.27
N LYS D 238 -33.12 1.48 -41.61
CA LYS D 238 -32.17 2.11 -42.53
C LYS D 238 -32.74 2.19 -43.95
N MET D 239 -32.28 3.18 -44.72
CA MET D 239 -32.67 3.34 -46.11
C MET D 239 -32.13 2.18 -46.94
N ASN D 240 -32.88 1.78 -47.96
CA ASN D 240 -32.43 0.77 -48.91
C ASN D 240 -31.54 1.40 -49.98
N PHE D 241 -30.40 0.79 -50.25
CA PHE D 241 -29.48 1.30 -51.26
C PHE D 241 -29.24 0.25 -52.35
N LEU D 242 -29.82 0.51 -53.52
CA LEU D 242 -29.73 -0.41 -54.65
C LEU D 242 -28.64 0.05 -55.61
N PRO D 243 -27.70 -0.85 -55.97
CA PRO D 243 -26.71 -0.50 -56.99
C PRO D 243 -27.35 -0.30 -58.36
N VAL D 244 -27.25 0.92 -58.89
CA VAL D 244 -27.87 1.25 -60.17
C VAL D 244 -26.88 1.96 -61.11
N LYS D 245 -26.85 1.49 -62.36
CA LYS D 245 -26.05 2.10 -63.41
C LYS D 245 -26.84 3.25 -64.01
N VAL D 246 -26.17 4.35 -64.35
CA VAL D 246 -26.82 5.50 -64.97
C VAL D 246 -26.91 5.26 -66.48
N THR D 247 -28.09 5.54 -67.06
CA THR D 247 -28.37 5.22 -68.46
C THR D 247 -28.62 6.45 -69.33
N ALA D 248 -29.35 7.43 -68.78
CA ALA D 248 -29.66 8.66 -69.50
C ALA D 248 -29.81 9.81 -68.51
N THR D 249 -29.95 11.02 -69.05
CA THR D 249 -30.05 12.22 -68.22
C THR D 249 -30.90 13.31 -68.89
N ALA D 250 -31.48 14.16 -68.06
CA ALA D 250 -32.26 15.31 -68.52
C ALA D 250 -32.06 16.47 -67.55
N ILE D 251 -32.50 17.65 -67.96
CA ILE D 251 -32.41 18.84 -67.09
C ILE D 251 -33.27 18.70 -65.83
N ASP D 252 -34.42 18.03 -65.95
N ASP D 252 -34.42 18.05 -65.95
CA ASP D 252 -35.38 17.91 -64.86
CA ASP D 252 -35.38 17.91 -64.84
C ASP D 252 -35.33 16.56 -64.15
C ASP D 252 -35.33 16.55 -64.14
N GLN D 253 -34.55 15.61 -64.68
CA GLN D 253 -34.46 14.26 -64.11
C GLN D 253 -33.28 13.44 -64.63
N VAL D 254 -33.07 12.27 -64.01
CA VAL D 254 -31.99 11.34 -64.40
C VAL D 254 -32.53 9.92 -64.48
N GLN D 255 -32.12 9.19 -65.52
CA GLN D 255 -32.52 7.79 -65.69
C GLN D 255 -31.42 6.85 -65.21
N VAL D 256 -31.83 5.71 -64.63
CA VAL D 256 -30.90 4.72 -64.09
C VAL D 256 -31.41 3.29 -64.33
N GLU D 257 -30.48 2.34 -64.39
CA GLU D 257 -30.79 0.94 -64.65
C GLU D 257 -30.55 0.09 -63.39
N LEU D 258 -31.57 -0.68 -63.01
CA LEU D 258 -31.49 -1.56 -61.84
C LEU D 258 -30.53 -2.73 -62.08
N PRO D 259 -30.05 -3.38 -61.01
CA PRO D 259 -29.08 -4.46 -61.16
C PRO D 259 -29.71 -5.83 -61.41
N MET D 260 -31.03 -5.87 -61.60
CA MET D 260 -31.76 -7.14 -61.74
C MET D 260 -31.57 -7.76 -63.12
N PRO D 261 -31.86 -9.06 -63.24
CA PRO D 261 -31.95 -9.70 -64.56
C PRO D 261 -32.98 -9.00 -65.45
N ASN D 262 -34.16 -8.74 -64.89
CA ASN D 262 -35.11 -7.83 -65.50
C ASN D 262 -34.57 -6.41 -65.33
N ARG D 263 -33.71 -6.01 -66.26
CA ARG D 263 -32.98 -4.74 -66.13
C ARG D 263 -33.88 -3.52 -66.39
N GLN D 264 -34.79 -3.28 -65.47
CA GLN D 264 -35.76 -2.21 -65.60
C GLN D 264 -35.09 -0.87 -65.41
N GLN D 265 -35.61 0.16 -66.09
CA GLN D 265 -35.07 1.51 -66.01
C GLN D 265 -36.13 2.47 -65.50
N VAL D 266 -35.70 3.55 -64.86
CA VAL D 266 -36.63 4.52 -64.31
C VAL D 266 -36.00 5.91 -64.19
N TRP D 267 -36.76 6.93 -64.55
CA TRP D 267 -36.33 8.33 -64.42
C TRP D 267 -36.60 8.82 -63.01
N LEU D 268 -35.60 9.41 -62.37
CA LEU D 268 -35.73 10.00 -61.04
C LEU D 268 -35.71 11.52 -61.12
N PRO D 269 -36.69 12.19 -60.49
CA PRO D 269 -36.65 13.65 -60.41
C PRO D 269 -35.53 14.09 -59.47
N VAL D 270 -34.35 14.31 -60.05
CA VAL D 270 -33.14 14.54 -59.28
C VAL D 270 -32.12 15.36 -60.08
N GLU D 271 -31.33 16.16 -59.39
CA GLU D 271 -30.28 16.99 -60.01
C GLU D 271 -29.37 16.15 -60.90
N SER D 272 -29.43 16.41 -62.20
CA SER D 272 -28.57 15.72 -63.17
C SER D 272 -27.19 16.38 -63.30
N ARG D 273 -27.05 17.57 -62.72
CA ARG D 273 -25.79 18.30 -62.75
C ARG D 273 -24.66 17.46 -62.15
N ASP D 274 -23.58 17.31 -62.93
CA ASP D 274 -22.37 16.61 -62.50
C ASP D 274 -22.57 15.09 -62.38
N VAL D 275 -23.34 14.52 -63.31
CA VAL D 275 -23.50 13.06 -63.41
C VAL D 275 -23.20 12.59 -64.84
N GLN D 276 -22.75 11.35 -64.97
CA GLN D 276 -22.38 10.81 -66.27
C GLN D 276 -23.10 9.48 -66.54
N VAL D 277 -23.35 9.21 -67.82
CA VAL D 277 -23.94 7.94 -68.23
C VAL D 277 -22.92 6.81 -68.13
N GLY D 278 -23.39 5.62 -67.75
CA GLY D 278 -22.51 4.47 -67.53
C GLY D 278 -21.83 4.48 -66.18
N ALA D 279 -22.29 5.36 -65.29
CA ALA D 279 -21.72 5.49 -63.95
C ALA D 279 -22.51 4.64 -62.97
N ASN D 280 -21.82 4.04 -62.00
CA ASN D 280 -22.45 3.23 -60.97
C ASN D 280 -22.82 4.07 -59.75
N MET D 281 -24.07 3.98 -59.33
CA MET D 281 -24.60 4.84 -58.26
C MET D 281 -25.54 4.06 -57.35
N SER D 282 -25.86 4.64 -56.20
CA SER D 282 -26.77 4.01 -55.24
C SER D 282 -28.13 4.67 -55.30
N LEU D 283 -29.15 3.87 -55.58
CA LEU D 283 -30.53 4.35 -55.53
C LEU D 283 -30.99 4.30 -54.08
N GLY D 284 -31.26 5.46 -53.51
CA GLY D 284 -31.80 5.56 -52.16
C GLY D 284 -33.32 5.46 -52.18
N ILE D 285 -33.87 4.69 -51.27
CA ILE D 285 -35.33 4.55 -51.13
C ILE D 285 -35.67 4.06 -49.72
N ARG D 286 -36.40 4.88 -48.98
CA ARG D 286 -36.73 4.56 -47.60
C ARG D 286 -37.84 3.49 -47.54
N PRO D 287 -37.71 2.53 -46.60
CA PRO D 287 -38.71 1.47 -46.38
C PRO D 287 -40.15 1.99 -46.24
N GLU D 288 -40.30 3.20 -45.72
CA GLU D 288 -41.62 3.79 -45.50
C GLU D 288 -42.24 4.24 -46.81
N HIS D 289 -41.40 4.69 -47.73
CA HIS D 289 -41.86 5.30 -48.98
C HIS D 289 -42.23 4.27 -50.06
N LEU D 290 -41.76 3.03 -49.91
CA LEU D 290 -42.12 1.96 -50.84
C LEU D 290 -43.62 1.74 -50.81
N LEU D 291 -44.20 1.50 -51.99
CA LEU D 291 -45.64 1.31 -52.14
C LEU D 291 -45.96 -0.17 -52.35
N PRO D 292 -47.23 -0.55 -52.15
CA PRO D 292 -47.67 -1.88 -52.59
C PRO D 292 -47.54 -2.08 -54.09
N SER D 293 -47.39 -3.33 -54.52
CA SER D 293 -47.11 -3.67 -55.92
C SER D 293 -48.21 -3.23 -56.89
N ASP D 294 -49.46 -3.38 -56.49
CA ASP D 294 -50.60 -3.05 -57.36
C ASP D 294 -50.64 -1.57 -57.78
N ILE D 295 -50.13 -0.68 -56.93
CA ILE D 295 -50.15 0.76 -57.21
C ILE D 295 -49.09 1.13 -58.25
N ALA D 296 -47.82 1.01 -57.87
CA ALA D 296 -46.70 1.48 -58.70
C ALA D 296 -46.45 0.56 -59.88
N ASP D 297 -45.82 1.10 -60.93
CA ASP D 297 -45.46 0.34 -62.12
C ASP D 297 -44.12 -0.37 -61.97
N VAL D 298 -43.19 0.26 -61.26
CA VAL D 298 -41.87 -0.33 -61.02
C VAL D 298 -41.97 -1.32 -59.85
N ILE D 299 -42.09 -2.60 -60.19
CA ILE D 299 -42.24 -3.67 -59.20
C ILE D 299 -40.88 -4.22 -58.81
N LEU D 300 -40.76 -4.64 -57.55
CA LEU D 300 -39.59 -5.36 -57.06
C LEU D 300 -40.08 -6.59 -56.31
N GLU D 301 -39.69 -7.77 -56.79
CA GLU D 301 -40.22 -9.02 -56.26
C GLU D 301 -39.11 -9.96 -55.78
N GLY D 302 -39.37 -10.67 -54.69
CA GLY D 302 -38.41 -11.61 -54.13
C GLY D 302 -38.95 -12.41 -52.96
N GLU D 303 -38.11 -13.26 -52.38
CA GLU D 303 -38.49 -14.10 -51.25
C GLU D 303 -38.40 -13.33 -49.94
N VAL D 304 -39.43 -13.44 -49.11
CA VAL D 304 -39.45 -12.80 -47.80
C VAL D 304 -38.63 -13.63 -46.82
N GLN D 305 -37.67 -12.99 -46.15
CA GLN D 305 -36.82 -13.66 -45.17
C GLN D 305 -37.36 -13.42 -43.76
N VAL D 306 -37.49 -12.15 -43.38
CA VAL D 306 -37.88 -11.77 -42.03
C VAL D 306 -39.14 -10.91 -42.06
N VAL D 307 -40.04 -11.16 -41.12
CA VAL D 307 -41.27 -10.37 -40.95
C VAL D 307 -41.41 -9.96 -39.49
N GLU D 308 -41.05 -8.72 -39.19
CA GLU D 308 -41.13 -8.19 -37.83
C GLU D 308 -42.50 -7.55 -37.58
N GLN D 309 -43.31 -8.20 -36.75
CA GLN D 309 -44.62 -7.68 -36.37
C GLN D 309 -44.51 -6.76 -35.16
N LEU D 310 -44.54 -5.45 -35.41
CA LEU D 310 -44.43 -4.44 -34.36
C LEU D 310 -45.80 -4.05 -33.80
N GLY D 311 -46.88 -4.58 -34.38
CA GLY D 311 -48.23 -4.25 -33.95
C GLY D 311 -48.76 -3.03 -34.68
N ASN D 312 -48.18 -1.88 -34.38
CA ASN D 312 -48.52 -0.63 -35.07
C ASN D 312 -48.13 -0.63 -36.55
N GLU D 313 -47.19 -1.50 -36.90
CA GLU D 313 -46.73 -1.64 -38.28
C GLU D 313 -46.17 -3.03 -38.50
N THR D 314 -45.75 -3.30 -39.72
CA THR D 314 -45.08 -4.56 -40.07
C THR D 314 -43.87 -4.26 -40.93
N GLN D 315 -42.74 -4.84 -40.56
CA GLN D 315 -41.48 -4.62 -41.28
C GLN D 315 -41.01 -5.90 -41.94
N ILE D 316 -40.99 -5.90 -43.28
CA ILE D 316 -40.72 -7.09 -44.06
C ILE D 316 -39.37 -6.96 -44.77
N HIS D 317 -38.50 -7.95 -44.57
CA HIS D 317 -37.20 -8.01 -45.23
C HIS D 317 -37.29 -9.00 -46.38
N ILE D 318 -37.00 -8.53 -47.59
CA ILE D 318 -37.20 -9.32 -48.80
C ILE D 318 -35.87 -9.59 -49.51
N GLN D 319 -35.61 -10.86 -49.78
CA GLN D 319 -34.43 -11.26 -50.55
C GLN D 319 -34.72 -11.12 -52.04
N ILE D 320 -34.28 -9.99 -52.61
CA ILE D 320 -34.41 -9.76 -54.04
C ILE D 320 -33.22 -10.47 -54.72
N PRO D 321 -33.50 -11.46 -55.58
CA PRO D 321 -32.42 -12.20 -56.23
C PRO D 321 -31.73 -11.36 -57.32
N SER D 322 -30.93 -10.41 -56.88
CA SER D 322 -30.31 -9.40 -57.75
C SER D 322 -29.28 -8.59 -56.97
N ILE D 323 -29.70 -8.09 -55.82
CA ILE D 323 -28.82 -7.41 -54.86
C ILE D 323 -28.76 -8.23 -53.58
N ARG D 324 -27.54 -8.53 -53.12
CA ARG D 324 -27.34 -9.30 -51.88
C ARG D 324 -27.38 -8.38 -50.66
N GLN D 325 -28.56 -7.83 -50.42
CA GLN D 325 -28.81 -6.91 -49.31
C GLN D 325 -30.33 -6.76 -49.19
N ASN D 326 -30.91 -7.50 -48.25
CA ASN D 326 -32.37 -7.62 -48.15
C ASN D 326 -33.07 -6.26 -48.12
N LEU D 327 -34.11 -6.15 -48.95
CA LEU D 327 -34.87 -4.92 -49.09
C LEU D 327 -35.89 -4.83 -47.96
N VAL D 328 -35.83 -3.75 -47.17
CA VAL D 328 -36.70 -3.57 -46.02
C VAL D 328 -37.96 -2.83 -46.41
N TYR D 329 -39.12 -3.46 -46.22
CA TYR D 329 -40.42 -2.83 -46.46
C TYR D 329 -41.08 -2.48 -45.13
N ARG D 330 -41.93 -1.47 -45.16
CA ARG D 330 -42.61 -0.97 -43.95
C ARG D 330 -44.05 -0.60 -44.28
N GLN D 331 -44.98 -0.98 -43.41
CA GLN D 331 -46.41 -0.74 -43.64
C GLN D 331 -47.21 -0.71 -42.35
N ASN D 332 -48.15 0.23 -42.25
CA ASN D 332 -48.97 0.40 -41.05
C ASN D 332 -49.96 -0.73 -40.84
N ASP D 333 -50.41 -0.87 -39.59
CA ASP D 333 -51.28 -1.98 -39.19
C ASP D 333 -50.55 -3.31 -39.37
N VAL D 334 -51.25 -4.42 -39.17
CA VAL D 334 -50.65 -5.74 -39.35
C VAL D 334 -50.82 -6.24 -40.79
N VAL D 335 -49.79 -6.91 -41.30
CA VAL D 335 -49.81 -7.47 -42.65
C VAL D 335 -49.46 -8.95 -42.57
N LEU D 336 -50.45 -9.81 -42.79
CA LEU D 336 -50.26 -11.26 -42.71
C LEU D 336 -49.42 -11.75 -43.88
N VAL D 337 -48.12 -11.88 -43.65
CA VAL D 337 -47.19 -12.38 -44.64
C VAL D 337 -46.33 -13.49 -44.03
N GLU D 338 -46.43 -14.70 -44.59
CA GLU D 338 -45.64 -15.82 -44.12
C GLU D 338 -44.19 -15.66 -44.55
N GLU D 339 -43.27 -16.06 -43.67
CA GLU D 339 -41.84 -15.97 -43.96
C GLU D 339 -41.45 -17.09 -44.93
N GLY D 340 -40.72 -16.71 -45.98
CA GLY D 340 -40.39 -17.63 -47.08
C GLY D 340 -41.30 -17.46 -48.28
N ALA D 341 -42.42 -16.77 -48.11
CA ALA D 341 -43.39 -16.54 -49.18
C ALA D 341 -42.94 -15.43 -50.11
N THR D 342 -43.43 -15.47 -51.35
CA THR D 342 -43.13 -14.43 -52.34
C THR D 342 -43.88 -13.14 -52.01
N PHE D 343 -43.25 -12.00 -52.29
CA PHE D 343 -43.83 -10.69 -51.99
C PHE D 343 -43.27 -9.64 -52.94
N ALA D 344 -44.16 -8.82 -53.50
CA ALA D 344 -43.79 -7.77 -54.43
C ALA D 344 -44.07 -6.40 -53.83
N ILE D 345 -43.25 -5.41 -54.18
CA ILE D 345 -43.43 -4.03 -53.72
C ILE D 345 -43.17 -3.02 -54.82
N GLY D 346 -43.85 -1.88 -54.71
CA GLY D 346 -43.75 -0.80 -55.69
C GLY D 346 -42.70 0.23 -55.31
N LEU D 347 -41.95 0.68 -56.31
CA LEU D 347 -40.92 1.69 -56.14
C LEU D 347 -41.41 3.00 -56.75
N PRO D 348 -41.70 4.01 -55.92
CA PRO D 348 -42.11 5.32 -56.43
C PRO D 348 -40.90 6.18 -56.78
N PRO D 349 -40.84 6.69 -58.02
CA PRO D 349 -39.67 7.46 -58.46
C PRO D 349 -39.55 8.83 -57.77
N GLU D 350 -40.68 9.42 -57.40
CA GLU D 350 -40.71 10.74 -56.78
C GLU D 350 -39.96 10.74 -55.44
N ARG D 351 -40.02 9.62 -54.74
CA ARG D 351 -39.41 9.48 -53.41
C ARG D 351 -38.09 8.68 -53.49
N CYS D 352 -37.24 9.00 -54.46
CA CYS D 352 -36.00 8.25 -54.67
C CYS D 352 -34.77 9.16 -54.67
N HIS D 353 -33.79 8.81 -53.85
CA HIS D 353 -32.51 9.53 -53.81
C HIS D 353 -31.53 8.87 -54.77
N LEU D 354 -30.47 9.59 -55.11
CA LEU D 354 -29.44 9.07 -55.99
C LEU D 354 -28.07 9.63 -55.61
N PHE D 355 -27.16 8.73 -55.20
CA PHE D 355 -25.84 9.11 -54.69
C PHE D 355 -24.74 8.66 -55.63
N ARG D 356 -23.75 9.53 -55.85
CA ARG D 356 -22.67 9.28 -56.81
C ARG D 356 -21.63 8.26 -56.32
N GLU D 357 -20.57 8.08 -57.10
CA GLU D 357 -19.45 7.19 -56.72
C GLU D 357 -18.77 7.66 -55.45
N ASP D 358 -18.55 8.96 -55.34
CA ASP D 358 -17.94 9.56 -54.13
C ASP D 358 -18.90 9.56 -52.94
N GLY D 359 -20.20 9.36 -53.21
CA GLY D 359 -21.21 9.29 -52.16
C GLY D 359 -22.13 10.49 -52.12
N THR D 360 -21.71 11.57 -52.79
CA THR D 360 -22.47 12.81 -52.82
C THR D 360 -23.85 12.59 -53.45
N ALA D 361 -24.89 13.07 -52.78
CA ALA D 361 -26.26 12.89 -53.22
C ALA D 361 -26.59 13.84 -54.35
N CYS D 362 -27.30 13.34 -55.36
CA CYS D 362 -27.89 14.19 -56.38
C CYS D 362 -29.08 14.91 -55.77
N ARG D 363 -29.02 16.24 -55.75
CA ARG D 363 -30.05 17.06 -55.13
C ARG D 363 -31.44 16.72 -55.70
N ARG D 364 -32.32 16.21 -54.83
CA ARG D 364 -33.69 15.87 -55.25
C ARG D 364 -34.44 17.10 -55.73
N LEU D 365 -35.29 16.91 -56.74
CA LEU D 365 -36.10 18.00 -57.30
C LEU D 365 -37.55 17.96 -56.84
N HIS D 366 -38.01 16.80 -56.36
CA HIS D 366 -39.37 16.68 -55.83
C HIS D 366 -39.49 17.44 -54.52
N LYS D 367 -40.35 18.45 -54.50
CA LYS D 367 -40.57 19.26 -53.30
C LYS D 367 -41.35 18.45 -52.25
N GLU D 368 -40.87 18.49 -51.02
CA GLU D 368 -41.48 17.76 -49.91
C GLU D 368 -42.01 18.74 -48.87
N PRO D 369 -43.02 18.32 -48.08
CA PRO D 369 -43.62 19.25 -47.13
C PRO D 369 -42.72 19.51 -45.91
N GLY D 370 -42.89 20.67 -45.30
CA GLY D 370 -42.15 21.04 -44.09
C GLY D 370 -40.70 21.41 -44.35
N VAL D 371 -40.45 22.10 -45.45
CA VAL D 371 -39.10 22.54 -45.82
C VAL D 371 -39.12 23.95 -46.38
N ALA E 2 -33.28 -28.59 -23.49
CA ALA E 2 -33.73 -27.88 -24.73
C ALA E 2 -35.16 -27.35 -24.57
N SER E 3 -36.04 -28.20 -24.05
CA SER E 3 -37.42 -27.80 -23.72
C SER E 3 -37.48 -27.34 -22.27
N VAL E 4 -37.07 -26.10 -22.02
CA VAL E 4 -37.02 -25.58 -20.65
C VAL E 4 -38.41 -25.19 -20.14
N GLN E 5 -38.68 -25.49 -18.87
CA GLN E 5 -39.97 -25.15 -18.26
C GLN E 5 -39.84 -25.01 -16.74
N LEU E 6 -40.58 -24.04 -16.19
CA LEU E 6 -40.54 -23.71 -14.77
C LEU E 6 -41.89 -24.00 -14.10
N GLN E 7 -41.85 -24.50 -12.88
CA GLN E 7 -43.06 -24.81 -12.11
C GLN E 7 -43.00 -24.14 -10.73
N ASN E 8 -43.74 -23.04 -10.59
CA ASN E 8 -43.78 -22.28 -9.34
C ASN E 8 -42.39 -21.97 -8.79
N VAL E 9 -41.50 -21.54 -9.68
CA VAL E 9 -40.14 -21.17 -9.29
C VAL E 9 -40.19 -19.86 -8.51
N THR E 10 -39.44 -19.83 -7.40
CA THR E 10 -39.44 -18.68 -6.49
C THR E 10 -38.00 -18.26 -6.18
N LYS E 11 -37.81 -16.96 -5.94
CA LYS E 11 -36.52 -16.45 -5.49
C LYS E 11 -36.71 -15.52 -4.30
N ALA E 12 -35.84 -15.64 -3.32
CA ALA E 12 -35.84 -14.79 -2.14
C ALA E 12 -34.46 -14.77 -1.51
N TRP E 13 -34.27 -13.87 -0.55
CA TRP E 13 -33.00 -13.73 0.16
C TRP E 13 -33.23 -13.84 1.67
N GLY E 14 -33.77 -14.98 2.09
CA GLY E 14 -34.00 -15.26 3.51
C GLY E 14 -35.44 -15.04 3.95
N GLU E 15 -36.02 -13.92 3.53
CA GLU E 15 -37.38 -13.55 3.94
C GLU E 15 -38.14 -12.82 2.83
N VAL E 16 -37.58 -11.72 2.33
CA VAL E 16 -38.23 -10.91 1.30
C VAL E 16 -38.19 -11.61 -0.05
N VAL E 17 -39.37 -11.86 -0.62
CA VAL E 17 -39.49 -12.54 -1.91
C VAL E 17 -39.44 -11.54 -3.05
N VAL E 18 -38.34 -11.55 -3.80
CA VAL E 18 -38.18 -10.65 -4.95
C VAL E 18 -38.99 -11.13 -6.16
N SER E 19 -39.10 -12.44 -6.33
CA SER E 19 -39.83 -13.04 -7.46
C SER E 19 -40.84 -14.08 -6.95
N LYS E 20 -42.12 -13.87 -7.27
CA LYS E 20 -43.21 -14.73 -6.80
C LYS E 20 -43.18 -16.10 -7.48
N ASP E 21 -44.04 -17.00 -7.01
CA ASP E 21 -44.17 -18.33 -7.63
C ASP E 21 -44.76 -18.20 -9.05
N ILE E 22 -43.91 -18.41 -10.05
CA ILE E 22 -44.30 -18.18 -11.45
C ILE E 22 -43.97 -19.38 -12.33
N ASN E 23 -44.80 -19.57 -13.36
CA ASN E 23 -44.71 -20.71 -14.25
C ASN E 23 -44.39 -20.29 -15.68
N LEU E 24 -43.53 -21.06 -16.34
CA LEU E 24 -43.22 -20.87 -17.75
C LEU E 24 -43.15 -22.22 -18.46
N ASP E 25 -43.67 -22.26 -19.68
CA ASP E 25 -43.67 -23.47 -20.49
C ASP E 25 -43.06 -23.14 -21.84
N ILE E 26 -41.73 -23.16 -21.91
CA ILE E 26 -40.98 -22.79 -23.10
C ILE E 26 -40.73 -24.03 -23.97
N HIS E 27 -41.34 -24.07 -25.15
CA HIS E 27 -41.26 -25.22 -26.04
C HIS E 27 -39.90 -25.29 -26.76
N GLU E 28 -39.69 -26.39 -27.46
CA GLU E 28 -38.46 -26.63 -28.20
C GLU E 28 -38.25 -25.61 -29.32
N GLY E 29 -37.03 -25.11 -29.44
CA GLY E 29 -36.67 -24.18 -30.51
C GLY E 29 -37.39 -22.84 -30.50
N GLU E 30 -37.95 -22.48 -29.33
CA GLU E 30 -38.81 -21.30 -29.24
C GLU E 30 -38.03 -20.10 -28.72
N PHE E 31 -38.04 -19.02 -29.49
CA PHE E 31 -37.41 -17.77 -29.09
C PHE E 31 -38.29 -17.11 -28.03
N VAL E 32 -37.78 -17.02 -26.82
CA VAL E 32 -38.51 -16.41 -25.71
C VAL E 32 -37.76 -15.19 -25.19
N VAL E 33 -38.50 -14.10 -24.98
CA VAL E 33 -37.93 -12.84 -24.53
C VAL E 33 -38.56 -12.42 -23.21
N PHE E 34 -37.71 -12.23 -22.19
CA PHE E 34 -38.15 -11.63 -20.94
C PHE E 34 -38.01 -10.12 -21.06
N VAL E 35 -39.10 -9.39 -20.79
CA VAL E 35 -39.08 -7.92 -20.82
C VAL E 35 -39.56 -7.30 -19.51
N GLY E 36 -39.23 -6.03 -19.33
CA GLY E 36 -39.58 -5.27 -18.14
C GLY E 36 -38.53 -4.21 -17.83
N PRO E 37 -38.82 -3.29 -16.88
CA PRO E 37 -37.83 -2.29 -16.48
C PRO E 37 -36.60 -2.90 -15.79
N SER E 38 -35.66 -2.05 -15.39
CA SER E 38 -34.46 -2.51 -14.71
C SER E 38 -34.77 -2.93 -13.28
N GLY E 39 -34.11 -3.99 -12.82
CA GLY E 39 -34.26 -4.48 -11.46
C GLY E 39 -35.60 -5.12 -11.14
N CYS E 40 -36.29 -5.60 -12.18
CA CYS E 40 -37.60 -6.25 -12.00
C CYS E 40 -37.51 -7.78 -12.07
N GLY E 41 -36.29 -8.31 -11.99
CA GLY E 41 -36.08 -9.76 -11.91
C GLY E 41 -36.10 -10.48 -13.24
N LYS E 42 -35.54 -9.84 -14.28
CA LYS E 42 -35.41 -10.48 -15.59
C LYS E 42 -34.15 -11.34 -15.57
N SER E 43 -33.03 -10.71 -15.20
CA SER E 43 -31.73 -11.37 -15.11
C SER E 43 -31.74 -12.46 -14.04
N THR E 44 -32.43 -12.19 -12.94
CA THR E 44 -32.58 -13.17 -11.87
C THR E 44 -33.20 -14.47 -12.42
N LEU E 45 -34.27 -14.31 -13.21
CA LEU E 45 -34.90 -15.45 -13.87
C LEU E 45 -33.96 -16.19 -14.79
N LEU E 46 -33.25 -15.44 -15.64
CA LEU E 46 -32.30 -16.03 -16.58
C LEU E 46 -31.15 -16.73 -15.85
N ARG E 47 -30.66 -16.09 -14.79
CA ARG E 47 -29.57 -16.66 -13.99
C ARG E 47 -30.02 -17.88 -13.18
N MET E 48 -31.27 -17.90 -12.75
CA MET E 48 -31.84 -19.08 -12.09
C MET E 48 -31.96 -20.24 -13.07
N ILE E 49 -32.34 -19.94 -14.31
CA ILE E 49 -32.34 -20.93 -15.39
C ILE E 49 -30.90 -21.35 -15.71
N ALA E 50 -30.00 -20.37 -15.75
CA ALA E 50 -28.59 -20.60 -16.07
C ALA E 50 -27.87 -21.43 -15.00
N GLY E 51 -28.27 -21.26 -13.75
CA GLY E 51 -27.61 -21.91 -12.62
C GLY E 51 -26.67 -20.99 -11.88
N LEU E 52 -26.54 -19.75 -12.35
CA LEU E 52 -25.73 -18.74 -11.68
C LEU E 52 -26.39 -18.25 -10.39
N GLU E 53 -27.71 -18.44 -10.29
CA GLU E 53 -28.46 -18.16 -9.08
C GLU E 53 -29.25 -19.39 -8.67
N THR E 54 -29.42 -19.59 -7.36
CA THR E 54 -30.15 -20.74 -6.84
C THR E 54 -31.65 -20.48 -6.80
N ILE E 55 -32.43 -21.54 -6.98
CA ILE E 55 -33.89 -21.46 -6.95
C ILE E 55 -34.36 -21.69 -5.51
N THR E 56 -34.84 -20.63 -4.87
CA THR E 56 -35.26 -20.70 -3.47
C THR E 56 -36.35 -21.75 -3.26
N SER E 57 -37.28 -21.85 -4.20
CA SER E 57 -38.33 -22.85 -4.16
C SER E 57 -38.89 -23.11 -5.55
N GLY E 58 -39.50 -24.28 -5.73
CA GLY E 58 -40.06 -24.67 -7.02
C GLY E 58 -39.17 -25.64 -7.77
N ASP E 59 -39.48 -25.85 -9.04
CA ASP E 59 -38.77 -26.83 -9.86
C ASP E 59 -38.50 -26.28 -11.26
N LEU E 60 -37.24 -26.34 -11.69
CA LEU E 60 -36.85 -25.98 -13.05
C LEU E 60 -36.54 -27.25 -13.82
N PHE E 61 -36.93 -27.29 -15.08
CA PHE E 61 -36.67 -28.45 -15.94
C PHE E 61 -36.11 -28.00 -17.29
N ILE E 62 -34.95 -28.54 -17.64
CA ILE E 62 -34.34 -28.31 -18.96
C ILE E 62 -34.18 -29.66 -19.65
N GLY E 63 -34.88 -29.84 -20.76
CA GLY E 63 -34.90 -31.13 -21.46
C GLY E 63 -35.66 -32.18 -20.65
N GLU E 64 -36.63 -31.72 -19.87
CA GLU E 64 -37.51 -32.59 -19.09
C GLU E 64 -36.81 -33.35 -17.93
N LYS E 65 -35.70 -32.80 -17.44
CA LYS E 65 -35.07 -33.29 -16.19
C LYS E 65 -34.80 -32.13 -15.25
N ARG E 66 -34.89 -32.38 -13.94
CA ARG E 66 -34.83 -31.33 -12.92
C ARG E 66 -33.40 -30.81 -12.73
N MET E 67 -33.25 -29.49 -12.70
CA MET E 67 -31.93 -28.83 -12.70
C MET E 67 -31.64 -27.93 -11.49
N ASN E 68 -32.57 -27.83 -10.55
CA ASN E 68 -32.40 -26.94 -9.39
C ASN E 68 -31.06 -27.18 -8.68
N ASP E 69 -30.76 -28.44 -8.40
CA ASP E 69 -29.53 -28.83 -7.71
C ASP E 69 -28.37 -29.00 -8.68
N THR E 70 -28.68 -29.16 -9.97
CA THR E 70 -27.68 -29.37 -11.01
C THR E 70 -26.88 -28.09 -11.28
N PRO E 71 -25.53 -28.20 -11.37
CA PRO E 71 -24.70 -27.03 -11.63
C PRO E 71 -24.77 -26.57 -13.09
N PRO E 72 -24.41 -25.30 -13.36
CA PRO E 72 -24.58 -24.67 -14.68
C PRO E 72 -23.98 -25.42 -15.85
N ALA E 73 -22.77 -25.95 -15.66
CA ALA E 73 -22.00 -26.55 -16.74
C ALA E 73 -22.66 -27.78 -17.37
N GLU E 74 -23.42 -28.52 -16.57
CA GLU E 74 -24.08 -29.75 -17.02
C GLU E 74 -25.58 -29.54 -17.25
N ARG E 75 -25.97 -28.31 -17.62
CA ARG E 75 -27.36 -28.00 -17.94
C ARG E 75 -27.61 -27.91 -19.45
N GLY E 76 -26.58 -28.13 -20.25
CA GLY E 76 -26.68 -28.02 -21.71
C GLY E 76 -27.11 -26.63 -22.13
N VAL E 77 -26.48 -25.62 -21.54
CA VAL E 77 -26.88 -24.23 -21.72
C VAL E 77 -25.65 -23.33 -21.88
N GLY E 78 -25.84 -22.20 -22.54
CA GLY E 78 -24.80 -21.18 -22.69
C GLY E 78 -25.37 -19.81 -22.39
N MET E 79 -24.51 -18.88 -21.99
CA MET E 79 -24.94 -17.52 -21.70
C MET E 79 -24.05 -16.49 -22.38
N VAL E 80 -24.69 -15.47 -22.92
CA VAL E 80 -24.01 -14.25 -23.34
C VAL E 80 -24.28 -13.22 -22.27
N PHE E 81 -23.21 -12.81 -21.57
CA PHE E 81 -23.34 -11.91 -20.42
C PHE E 81 -23.45 -10.46 -20.86
N GLN E 82 -24.11 -9.65 -20.04
CA GLN E 82 -24.39 -8.24 -20.39
C GLN E 82 -23.10 -7.48 -20.69
N SER E 83 -22.08 -7.70 -19.86
CA SER E 83 -20.76 -7.09 -20.05
C SER E 83 -19.86 -7.95 -20.94
N TYR E 84 -20.46 -8.87 -21.70
CA TYR E 84 -19.75 -9.78 -22.60
C TYR E 84 -18.90 -10.86 -21.90
N ALA E 85 -18.43 -10.57 -20.69
CA ALA E 85 -17.66 -11.53 -19.89
C ALA E 85 -16.45 -12.07 -20.64
N LEU E 86 -15.79 -11.19 -21.40
CA LEU E 86 -14.63 -11.60 -22.18
C LEU E 86 -13.38 -11.63 -21.30
N TYR E 87 -12.61 -12.70 -21.39
CA TYR E 87 -11.38 -12.84 -20.61
C TYR E 87 -10.31 -11.95 -21.24
N PRO E 88 -9.93 -10.85 -20.56
CA PRO E 88 -9.07 -9.85 -21.18
C PRO E 88 -7.61 -10.28 -21.35
N HIS E 89 -7.20 -11.32 -20.63
CA HIS E 89 -5.85 -11.87 -20.74
C HIS E 89 -5.75 -12.92 -21.85
N LEU E 90 -6.86 -13.20 -22.52
CA LEU E 90 -6.90 -14.14 -23.62
C LEU E 90 -7.33 -13.43 -24.91
N SER E 91 -7.01 -14.05 -26.04
CA SER E 91 -7.42 -13.55 -27.35
C SER E 91 -8.87 -13.96 -27.63
N VAL E 92 -9.39 -13.52 -28.78
CA VAL E 92 -10.74 -13.89 -29.21
C VAL E 92 -10.84 -15.39 -29.41
N ALA E 93 -9.92 -15.95 -30.18
CA ALA E 93 -9.88 -17.38 -30.45
C ALA E 93 -9.82 -18.19 -29.17
N GLU E 94 -8.96 -17.75 -28.24
CA GLU E 94 -8.86 -18.39 -26.93
C GLU E 94 -10.11 -18.16 -26.08
N ASN E 95 -10.73 -16.99 -26.22
CA ASN E 95 -12.00 -16.68 -25.56
C ASN E 95 -13.12 -17.61 -26.01
N MET E 96 -13.27 -17.73 -27.33
CA MET E 96 -14.34 -18.52 -27.91
C MET E 96 -14.15 -20.02 -27.67
N SER E 97 -12.88 -20.45 -27.70
CA SER E 97 -12.54 -21.86 -27.53
C SER E 97 -12.30 -22.25 -26.07
N PHE E 98 -12.47 -21.30 -25.15
CA PHE E 98 -12.22 -21.54 -23.73
C PHE E 98 -13.08 -22.67 -23.17
N GLY E 99 -14.34 -22.71 -23.59
CA GLY E 99 -15.32 -23.67 -23.05
C GLY E 99 -14.94 -25.12 -23.19
N LEU E 100 -14.43 -25.50 -24.36
CA LEU E 100 -14.05 -26.88 -24.64
C LEU E 100 -12.53 -27.08 -24.71
N LYS E 101 -11.76 -26.01 -24.50
CA LYS E 101 -10.31 -26.14 -24.32
C LYS E 101 -10.07 -26.94 -23.04
N LEU E 102 -10.62 -26.44 -21.93
CA LEU E 102 -10.70 -27.21 -20.70
C LEU E 102 -11.79 -28.27 -20.88
N ALA E 103 -11.60 -29.42 -20.25
CA ALA E 103 -12.49 -30.57 -20.42
C ALA E 103 -12.49 -31.07 -21.88
N GLY E 104 -11.60 -32.01 -22.18
CA GLY E 104 -11.47 -32.56 -23.52
C GLY E 104 -10.64 -31.66 -24.42
N ALA E 105 -9.33 -31.70 -24.23
CA ALA E 105 -8.39 -30.89 -25.00
C ALA E 105 -8.30 -31.40 -26.45
N LYS E 106 -8.89 -30.63 -27.38
CA LYS E 106 -8.95 -31.02 -28.79
C LYS E 106 -8.44 -29.90 -29.69
N LYS E 107 -7.33 -30.13 -30.38
CA LYS E 107 -6.69 -29.11 -31.21
C LYS E 107 -7.48 -28.85 -32.49
N GLU E 108 -7.77 -29.91 -33.23
CA GLU E 108 -8.43 -29.80 -34.52
C GLU E 108 -9.91 -29.45 -34.40
N VAL E 109 -10.55 -29.89 -33.31
CA VAL E 109 -11.97 -29.63 -33.09
C VAL E 109 -12.21 -28.17 -32.74
N ILE E 110 -11.30 -27.58 -31.98
CA ILE E 110 -11.36 -26.15 -31.64
C ILE E 110 -11.25 -25.30 -32.90
N ASN E 111 -10.16 -25.50 -33.65
CA ASN E 111 -9.91 -24.74 -34.87
C ASN E 111 -11.09 -24.77 -35.83
N GLN E 112 -11.74 -25.92 -35.95
CA GLN E 112 -12.93 -26.07 -36.79
C GLN E 112 -14.07 -25.18 -36.30
N ARG E 113 -14.53 -25.44 -35.07
CA ARG E 113 -15.67 -24.70 -34.50
C ARG E 113 -15.40 -23.20 -34.38
N VAL E 114 -14.17 -22.84 -34.05
CA VAL E 114 -13.78 -21.42 -33.95
C VAL E 114 -13.91 -20.73 -35.30
N ASN E 115 -13.25 -21.28 -36.32
CA ASN E 115 -13.29 -20.71 -37.66
C ASN E 115 -14.68 -20.79 -38.30
N GLN E 116 -15.43 -21.84 -37.98
CA GLN E 116 -16.81 -22.00 -38.45
C GLN E 116 -17.69 -20.87 -37.94
N VAL E 117 -17.61 -20.60 -36.64
CA VAL E 117 -18.38 -19.52 -36.02
C VAL E 117 -17.81 -18.15 -36.39
N ALA E 118 -16.48 -18.06 -36.49
CA ALA E 118 -15.82 -16.82 -36.89
C ALA E 118 -16.26 -16.37 -38.28
N GLU E 119 -16.51 -17.34 -39.17
CA GLU E 119 -16.99 -17.07 -40.52
C GLU E 119 -18.31 -16.31 -40.48
N VAL E 120 -19.29 -16.87 -39.78
CA VAL E 120 -20.65 -16.32 -39.77
C VAL E 120 -20.79 -15.00 -39.00
N LEU E 121 -19.88 -14.76 -38.06
CA LEU E 121 -19.89 -13.51 -37.27
C LEU E 121 -18.89 -12.47 -37.78
N GLN E 122 -18.01 -12.89 -38.70
CA GLN E 122 -16.97 -12.02 -39.27
C GLN E 122 -15.92 -11.61 -38.22
N LEU E 123 -15.46 -12.59 -37.45
CA LEU E 123 -14.42 -12.39 -36.44
C LEU E 123 -13.16 -13.19 -36.80
N ALA E 124 -13.06 -13.61 -38.06
CA ALA E 124 -11.93 -14.41 -38.52
C ALA E 124 -10.61 -13.63 -38.51
N HIS E 125 -10.70 -12.34 -38.81
CA HIS E 125 -9.54 -11.45 -38.80
C HIS E 125 -9.23 -10.90 -37.39
N LEU E 126 -10.18 -11.04 -36.47
CA LEU E 126 -10.01 -10.58 -35.09
C LEU E 126 -9.63 -11.72 -34.13
N LEU E 127 -9.40 -12.92 -34.66
CA LEU E 127 -9.05 -14.08 -33.83
C LEU E 127 -7.81 -13.85 -32.98
N ASP E 128 -6.84 -13.15 -33.54
CA ASP E 128 -5.54 -12.93 -32.91
C ASP E 128 -5.56 -11.74 -31.96
N ARG E 129 -6.60 -10.92 -32.05
CA ARG E 129 -6.71 -9.69 -31.27
C ARG E 129 -7.10 -9.95 -29.82
N LYS E 130 -7.13 -8.89 -29.01
CA LYS E 130 -7.49 -8.98 -27.60
C LYS E 130 -8.70 -8.07 -27.31
N PRO E 131 -9.58 -8.46 -26.37
CA PRO E 131 -10.82 -7.73 -26.06
C PRO E 131 -10.69 -6.21 -25.89
N LYS E 132 -9.55 -5.75 -25.39
CA LYS E 132 -9.31 -4.31 -25.21
C LYS E 132 -9.20 -3.61 -26.57
N ALA E 133 -8.62 -4.30 -27.55
CA ALA E 133 -8.44 -3.74 -28.90
C ALA E 133 -9.75 -3.63 -29.66
N LEU E 134 -10.71 -4.50 -29.34
CA LEU E 134 -11.96 -4.58 -30.08
C LEU E 134 -12.95 -3.50 -29.68
N SER E 135 -13.90 -3.23 -30.58
CA SER E 135 -14.96 -2.25 -30.34
C SER E 135 -16.12 -2.92 -29.64
N GLY E 136 -17.06 -2.11 -29.15
CA GLY E 136 -18.25 -2.63 -28.47
C GLY E 136 -19.01 -3.64 -29.31
N GLY E 137 -19.21 -3.31 -30.58
CA GLY E 137 -19.88 -4.20 -31.52
C GLY E 137 -19.13 -5.50 -31.74
N GLN E 138 -17.82 -5.41 -31.92
CA GLN E 138 -16.98 -6.58 -32.14
C GLN E 138 -16.93 -7.48 -30.92
N ARG E 139 -16.73 -6.89 -29.75
CA ARG E 139 -16.73 -7.62 -28.47
C ARG E 139 -18.05 -8.34 -28.25
N GLN E 140 -19.14 -7.69 -28.61
CA GLN E 140 -20.49 -8.25 -28.48
C GLN E 140 -20.66 -9.50 -29.34
N ARG E 141 -20.06 -9.51 -30.52
CA ARG E 141 -20.09 -10.67 -31.40
C ARG E 141 -19.20 -11.80 -30.87
N VAL E 142 -18.07 -11.45 -30.28
CA VAL E 142 -17.16 -12.44 -29.67
C VAL E 142 -17.86 -13.16 -28.52
N ALA E 143 -18.70 -12.43 -27.79
CA ALA E 143 -19.47 -13.00 -26.69
C ALA E 143 -20.45 -14.07 -27.18
N ILE E 144 -21.18 -13.75 -28.25
CA ILE E 144 -22.12 -14.71 -28.86
C ILE E 144 -21.34 -15.85 -29.52
N GLY E 145 -20.22 -15.50 -30.15
CA GLY E 145 -19.32 -16.49 -30.75
C GLY E 145 -18.87 -17.56 -29.79
N ARG E 146 -18.69 -17.20 -28.52
CA ARG E 146 -18.33 -18.16 -27.48
C ARG E 146 -19.40 -19.21 -27.27
N THR E 147 -20.65 -18.76 -27.14
CA THR E 147 -21.78 -19.67 -26.93
C THR E 147 -22.05 -20.54 -28.17
N LEU E 148 -21.82 -19.97 -29.36
CA LEU E 148 -22.00 -20.71 -30.61
C LEU E 148 -20.95 -21.81 -30.79
N VAL E 149 -19.74 -21.57 -30.31
CA VAL E 149 -18.69 -22.60 -30.33
C VAL E 149 -19.03 -23.72 -29.35
N ALA E 150 -19.64 -23.36 -28.22
CA ALA E 150 -20.08 -24.34 -27.23
C ALA E 150 -21.22 -25.22 -27.75
N GLU E 151 -22.11 -24.63 -28.56
CA GLU E 151 -23.27 -25.32 -29.14
C GLU E 151 -24.19 -25.94 -28.08
N PRO E 152 -24.66 -25.13 -27.12
CA PRO E 152 -25.58 -25.62 -26.11
C PRO E 152 -26.98 -25.75 -26.67
N SER E 153 -27.80 -26.59 -26.04
CA SER E 153 -29.18 -26.80 -26.49
C SER E 153 -30.07 -25.59 -26.22
N VAL E 154 -29.73 -24.83 -25.18
CA VAL E 154 -30.46 -23.62 -24.82
C VAL E 154 -29.53 -22.40 -24.81
N PHE E 155 -29.99 -21.29 -25.36
CA PHE E 155 -29.22 -20.04 -25.38
C PHE E 155 -29.84 -19.03 -24.43
N LEU E 156 -29.01 -18.51 -23.51
CA LEU E 156 -29.44 -17.46 -22.60
C LEU E 156 -28.66 -16.19 -22.93
N LEU E 157 -29.36 -15.07 -22.99
CA LEU E 157 -28.73 -13.79 -23.34
C LEU E 157 -29.27 -12.68 -22.45
N ASP E 158 -28.38 -12.07 -21.66
CA ASP E 158 -28.78 -11.02 -20.72
C ASP E 158 -28.52 -9.64 -21.30
N GLU E 159 -29.45 -9.17 -22.12
CA GLU E 159 -29.36 -7.84 -22.75
C GLU E 159 -28.11 -7.71 -23.60
N PRO E 160 -28.04 -8.49 -24.70
CA PRO E 160 -26.83 -8.54 -25.52
C PRO E 160 -26.54 -7.26 -26.33
N LEU E 161 -27.57 -6.48 -26.62
CA LEU E 161 -27.43 -5.29 -27.46
C LEU E 161 -27.60 -3.99 -26.66
N SER E 162 -27.45 -4.09 -25.34
CA SER E 162 -27.82 -3.01 -24.43
C SER E 162 -26.96 -1.75 -24.59
N ASN E 163 -25.67 -1.94 -24.84
CA ASN E 163 -24.71 -0.83 -24.88
C ASN E 163 -24.25 -0.40 -26.28
N LEU E 164 -24.73 -1.08 -27.32
CA LEU E 164 -24.37 -0.73 -28.70
C LEU E 164 -25.12 0.51 -29.16
N ASP E 165 -24.63 1.14 -30.23
CA ASP E 165 -25.35 2.26 -30.86
C ASP E 165 -26.72 1.79 -31.32
N ALA E 166 -27.65 2.74 -31.43
CA ALA E 166 -29.01 2.43 -31.86
C ALA E 166 -29.03 1.82 -33.26
N ALA E 167 -28.24 2.38 -34.17
CA ALA E 167 -28.16 1.88 -35.54
C ALA E 167 -27.59 0.46 -35.57
N LEU E 168 -26.56 0.22 -34.77
CA LEU E 168 -25.95 -1.10 -34.66
C LEU E 168 -26.86 -2.07 -33.91
N ARG E 169 -27.57 -1.57 -32.90
CA ARG E 169 -28.56 -2.36 -32.18
C ARG E 169 -29.68 -2.81 -33.13
N VAL E 170 -30.20 -1.87 -33.91
CA VAL E 170 -31.22 -2.16 -34.92
C VAL E 170 -30.74 -3.27 -35.86
N GLN E 171 -29.47 -3.20 -36.25
CA GLN E 171 -28.88 -4.15 -37.18
C GLN E 171 -28.71 -5.53 -36.56
N MET E 172 -28.35 -5.57 -35.27
CA MET E 172 -28.03 -6.83 -34.60
C MET E 172 -29.24 -7.67 -34.25
N ARG E 173 -30.45 -7.10 -34.29
CA ARG E 173 -31.67 -7.89 -34.12
C ARG E 173 -31.91 -8.76 -35.35
N ILE E 174 -31.67 -8.19 -36.53
CA ILE E 174 -31.82 -8.92 -37.79
C ILE E 174 -30.83 -10.09 -37.84
N GLU E 175 -29.61 -9.84 -37.35
CA GLU E 175 -28.58 -10.88 -37.29
C GLU E 175 -28.98 -11.97 -36.31
N ILE E 176 -29.55 -11.57 -35.17
CA ILE E 176 -30.01 -12.50 -34.13
C ILE E 176 -31.17 -13.37 -34.63
N SER E 177 -32.13 -12.75 -35.32
CA SER E 177 -33.29 -13.47 -35.84
C SER E 177 -32.88 -14.48 -36.89
N ARG E 178 -32.05 -14.05 -37.85
CA ARG E 178 -31.56 -14.92 -38.91
C ARG E 178 -30.64 -16.01 -38.37
N LEU E 179 -29.98 -15.73 -37.25
CA LEU E 179 -29.17 -16.73 -36.57
C LEU E 179 -30.04 -17.76 -35.85
N HIS E 180 -31.10 -17.29 -35.20
CA HIS E 180 -32.00 -18.17 -34.45
C HIS E 180 -32.75 -19.14 -35.36
N LYS E 181 -33.33 -18.62 -36.43
CA LYS E 181 -34.09 -19.43 -37.38
C LYS E 181 -33.19 -20.40 -38.16
N ARG E 182 -31.89 -20.10 -38.22
CA ARG E 182 -30.92 -20.99 -38.84
C ARG E 182 -30.63 -22.18 -37.94
N LEU E 183 -30.26 -21.90 -36.69
CA LEU E 183 -29.98 -22.95 -35.70
C LEU E 183 -31.26 -23.64 -35.24
N GLY E 184 -32.31 -22.86 -35.02
CA GLY E 184 -33.61 -23.39 -34.62
C GLY E 184 -33.67 -23.91 -33.20
N ARG E 185 -32.70 -23.52 -32.37
CA ARG E 185 -32.63 -23.96 -30.97
C ARG E 185 -33.23 -22.93 -30.02
N THR E 186 -33.68 -23.40 -28.86
CA THR E 186 -34.36 -22.58 -27.87
C THR E 186 -33.47 -21.43 -27.41
N MET E 187 -34.04 -20.23 -27.35
CA MET E 187 -33.33 -19.05 -26.87
C MET E 187 -34.15 -18.30 -25.84
N ILE E 188 -33.51 -17.99 -24.71
CA ILE E 188 -34.07 -17.07 -23.71
C ILE E 188 -33.26 -15.79 -23.79
N TYR E 189 -33.96 -14.67 -23.83
CA TYR E 189 -33.36 -13.39 -24.22
C TYR E 189 -33.93 -12.28 -23.35
N VAL E 190 -33.11 -11.73 -22.47
CA VAL E 190 -33.55 -10.66 -21.57
C VAL E 190 -33.27 -9.31 -22.22
N THR E 191 -34.21 -8.38 -22.08
CA THR E 191 -34.07 -7.04 -22.64
C THR E 191 -35.11 -6.09 -22.03
N HIS E 192 -34.73 -4.82 -21.88
CA HIS E 192 -35.66 -3.79 -21.41
C HIS E 192 -36.43 -3.17 -22.57
N ASP E 193 -35.90 -3.32 -23.78
CA ASP E 193 -36.46 -2.69 -24.98
C ASP E 193 -37.62 -3.53 -25.51
N GLN E 194 -38.84 -3.02 -25.31
CA GLN E 194 -40.05 -3.69 -25.80
C GLN E 194 -40.02 -3.91 -27.32
N VAL E 195 -39.25 -3.09 -28.03
CA VAL E 195 -39.09 -3.21 -29.48
C VAL E 195 -38.36 -4.52 -29.83
N GLU E 196 -37.30 -4.83 -29.08
CA GLU E 196 -36.54 -6.07 -29.30
C GLU E 196 -37.41 -7.31 -29.10
N ALA E 197 -38.24 -7.30 -28.06
CA ALA E 197 -39.14 -8.41 -27.80
C ALA E 197 -40.11 -8.59 -28.96
N MET E 198 -40.79 -7.52 -29.33
CA MET E 198 -41.77 -7.56 -30.42
C MET E 198 -41.18 -8.11 -31.72
N THR E 199 -39.95 -7.71 -32.04
CA THR E 199 -39.30 -8.14 -33.27
C THR E 199 -38.72 -9.54 -33.19
N LEU E 200 -38.21 -9.93 -32.03
CA LEU E 200 -37.51 -11.22 -31.87
C LEU E 200 -38.40 -12.36 -31.36
N ALA E 201 -39.25 -12.05 -30.38
CA ALA E 201 -39.93 -13.08 -29.58
C ALA E 201 -41.00 -13.86 -30.33
N ASP E 202 -40.93 -15.18 -30.22
CA ASP E 202 -42.06 -16.05 -30.53
C ASP E 202 -43.00 -16.04 -29.32
N LYS E 203 -42.43 -15.80 -28.14
CA LYS E 203 -43.19 -15.71 -26.90
C LYS E 203 -42.59 -14.63 -25.99
N ILE E 204 -43.39 -13.63 -25.66
CA ILE E 204 -42.97 -12.56 -24.75
C ILE E 204 -43.45 -12.85 -23.33
N VAL E 205 -42.54 -12.71 -22.37
CA VAL E 205 -42.87 -12.80 -20.95
C VAL E 205 -42.61 -11.44 -20.33
N VAL E 206 -43.67 -10.73 -19.96
CA VAL E 206 -43.53 -9.41 -19.36
C VAL E 206 -43.49 -9.52 -17.84
N LEU E 207 -42.55 -8.82 -17.22
CA LEU E 207 -42.33 -8.88 -15.78
C LEU E 207 -42.53 -7.51 -15.12
N ASP E 208 -43.32 -7.50 -14.05
CA ASP E 208 -43.61 -6.28 -13.30
C ASP E 208 -43.17 -6.44 -11.85
N ALA E 209 -42.00 -5.89 -11.52
CA ALA E 209 -41.44 -5.97 -10.17
C ALA E 209 -41.34 -7.41 -9.67
N GLY E 210 -40.85 -8.30 -10.54
CA GLY E 210 -40.71 -9.71 -10.19
C GLY E 210 -42.04 -10.44 -10.16
N ARG E 211 -42.78 -10.34 -11.26
CA ARG E 211 -44.09 -10.97 -11.38
C ARG E 211 -44.47 -11.04 -12.86
N VAL E 212 -44.78 -12.24 -13.34
CA VAL E 212 -45.15 -12.41 -14.74
C VAL E 212 -46.54 -11.82 -14.97
N ALA E 213 -46.58 -10.69 -15.66
CA ALA E 213 -47.82 -9.99 -15.96
C ALA E 213 -48.63 -10.73 -17.02
N GLN E 214 -47.95 -11.16 -18.08
CA GLN E 214 -48.61 -11.86 -19.18
C GLN E 214 -47.61 -12.64 -20.03
N VAL E 215 -48.08 -13.74 -20.62
CA VAL E 215 -47.27 -14.57 -21.51
C VAL E 215 -48.03 -14.81 -22.82
N GLY E 216 -47.32 -14.71 -23.94
CA GLY E 216 -47.92 -14.93 -25.25
C GLY E 216 -47.11 -14.36 -26.40
N LYS E 217 -47.65 -14.45 -27.61
CA LYS E 217 -46.98 -13.93 -28.81
C LYS E 217 -46.96 -12.41 -28.79
N PRO E 218 -45.95 -11.79 -29.43
CA PRO E 218 -45.83 -10.34 -29.40
C PRO E 218 -47.10 -9.62 -29.83
N LEU E 219 -47.70 -10.09 -30.92
CA LEU E 219 -48.91 -9.48 -31.47
C LEU E 219 -50.12 -9.74 -30.58
N GLU E 220 -50.04 -10.79 -29.77
CA GLU E 220 -51.08 -11.13 -28.80
C GLU E 220 -51.02 -10.16 -27.61
N LEU E 221 -49.82 -9.94 -27.10
CA LEU E 221 -49.56 -9.00 -26.01
C LEU E 221 -49.85 -7.55 -26.44
N TYR E 222 -49.59 -7.25 -27.70
CA TYR E 222 -49.82 -5.92 -28.26
C TYR E 222 -51.31 -5.60 -28.34
N HIS E 223 -52.04 -6.45 -29.07
CA HIS E 223 -53.48 -6.23 -29.28
C HIS E 223 -54.28 -6.45 -27.99
N TYR E 224 -53.93 -7.47 -27.22
CA TYR E 224 -54.66 -7.83 -25.99
C TYR E 224 -53.74 -7.85 -24.77
N PRO E 225 -53.56 -6.69 -24.12
CA PRO E 225 -52.85 -6.66 -22.84
C PRO E 225 -53.72 -7.21 -21.70
N ALA E 226 -53.08 -7.89 -20.75
CA ALA E 226 -53.80 -8.44 -19.59
C ALA E 226 -54.08 -7.35 -18.57
N ASP E 227 -53.12 -6.44 -18.39
CA ASP E 227 -53.25 -5.35 -17.42
C ASP E 227 -52.66 -4.04 -17.95
N ARG E 228 -52.86 -2.97 -17.18
CA ARG E 228 -52.44 -1.62 -17.55
C ARG E 228 -50.93 -1.50 -17.78
N PHE E 229 -50.14 -2.33 -17.10
CA PHE E 229 -48.69 -2.31 -17.25
C PHE E 229 -48.26 -2.87 -18.60
N VAL E 230 -48.79 -4.04 -18.96
CA VAL E 230 -48.46 -4.70 -20.23
C VAL E 230 -48.87 -3.81 -21.41
N ALA E 231 -50.04 -3.19 -21.30
CA ALA E 231 -50.49 -2.23 -22.29
C ALA E 231 -49.55 -1.04 -22.35
N GLY E 232 -49.21 -0.52 -21.17
CA GLY E 232 -48.34 0.65 -21.06
C GLY E 232 -46.90 0.38 -21.45
N PHE E 233 -46.47 -0.87 -21.32
CA PHE E 233 -45.09 -1.24 -21.64
C PHE E 233 -44.87 -1.37 -23.15
N ILE E 234 -45.70 -2.20 -23.80
CA ILE E 234 -45.53 -2.50 -25.24
C ILE E 234 -46.23 -1.47 -26.12
N GLY E 235 -45.46 -0.85 -27.02
CA GLY E 235 -45.93 0.24 -27.87
C GLY E 235 -44.84 1.29 -28.02
N SER E 236 -44.56 1.71 -29.25
CA SER E 236 -43.43 2.61 -29.54
C SER E 236 -43.55 3.94 -28.76
N PRO E 237 -44.55 4.76 -29.07
CA PRO E 237 -44.94 5.77 -28.07
C PRO E 237 -45.92 5.14 -27.10
N LYS E 238 -45.91 5.60 -25.84
CA LYS E 238 -46.71 4.97 -24.80
C LYS E 238 -48.21 5.16 -25.06
N MET E 239 -49.02 4.17 -24.68
CA MET E 239 -50.46 4.21 -24.86
C MET E 239 -51.07 5.33 -24.03
N ASN E 240 -52.08 5.99 -24.60
CA ASN E 240 -52.78 7.08 -23.92
C ASN E 240 -53.79 6.52 -22.91
N PHE E 241 -53.74 7.04 -21.69
CA PHE E 241 -54.66 6.61 -20.62
C PHE E 241 -55.52 7.77 -20.13
N LEU E 242 -56.82 7.67 -20.37
CA LEU E 242 -57.78 8.71 -19.98
C LEU E 242 -58.71 8.15 -18.90
N PRO E 243 -58.74 8.77 -17.70
CA PRO E 243 -59.71 8.35 -16.69
C PRO E 243 -61.15 8.58 -17.16
N VAL E 244 -62.00 7.57 -16.98
CA VAL E 244 -63.39 7.64 -17.44
C VAL E 244 -64.35 7.00 -16.43
N LYS E 245 -65.59 7.47 -16.43
CA LYS E 245 -66.64 6.97 -15.55
C LYS E 245 -67.59 6.05 -16.34
N VAL E 246 -67.92 4.90 -15.75
CA VAL E 246 -68.83 3.96 -16.39
C VAL E 246 -70.28 4.46 -16.23
N THR E 247 -71.08 4.25 -17.27
CA THR E 247 -72.49 4.66 -17.25
C THR E 247 -73.43 3.47 -17.46
N ALA E 248 -73.27 2.80 -18.60
CA ALA E 248 -74.05 1.61 -18.94
C ALA E 248 -73.19 0.35 -18.81
N THR E 249 -73.82 -0.81 -18.95
CA THR E 249 -73.13 -2.09 -18.83
C THR E 249 -73.95 -3.24 -19.44
N ALA E 250 -73.98 -3.27 -20.77
CA ALA E 250 -74.69 -4.33 -21.51
C ALA E 250 -73.89 -5.63 -21.49
N ILE E 251 -74.55 -6.73 -21.78
CA ILE E 251 -73.92 -8.06 -21.81
C ILE E 251 -72.91 -8.18 -22.96
N ASP E 252 -73.17 -7.48 -24.05
CA ASP E 252 -72.32 -7.53 -25.24
C ASP E 252 -71.10 -6.60 -25.12
N GLN E 253 -71.32 -5.40 -24.58
CA GLN E 253 -70.27 -4.37 -24.52
C GLN E 253 -70.47 -3.39 -23.36
N VAL E 254 -69.42 -2.66 -23.04
CA VAL E 254 -69.42 -1.71 -21.91
C VAL E 254 -69.30 -0.26 -22.40
N GLN E 255 -69.99 0.65 -21.71
CA GLN E 255 -70.00 2.07 -22.05
C GLN E 255 -69.22 2.87 -21.01
N VAL E 256 -68.73 4.04 -21.42
CA VAL E 256 -67.99 4.93 -20.52
C VAL E 256 -68.30 6.41 -20.79
N GLU E 257 -68.02 7.24 -19.79
CA GLU E 257 -68.24 8.68 -19.86
C GLU E 257 -66.90 9.41 -19.77
N LEU E 258 -66.63 10.29 -20.74
CA LEU E 258 -65.37 11.03 -20.78
C LEU E 258 -65.37 12.17 -19.75
N PRO E 259 -64.18 12.60 -19.32
CA PRO E 259 -64.06 13.67 -18.32
C PRO E 259 -64.06 15.09 -18.91
N MET E 260 -64.22 15.22 -20.22
CA MET E 260 -64.16 16.51 -20.90
C MET E 260 -65.32 17.42 -20.52
N PRO E 261 -65.21 18.74 -20.78
CA PRO E 261 -66.30 19.69 -20.52
C PRO E 261 -67.64 19.20 -21.06
N ASN E 262 -67.65 18.73 -22.30
CA ASN E 262 -68.81 18.06 -22.88
C ASN E 262 -68.74 16.57 -22.54
N ARG E 263 -69.60 16.13 -21.61
CA ARG E 263 -69.59 14.74 -21.16
C ARG E 263 -70.11 13.77 -22.24
N GLN E 264 -69.22 13.42 -23.16
CA GLN E 264 -69.55 12.53 -24.28
C GLN E 264 -69.62 11.08 -23.80
N GLN E 265 -70.39 10.27 -24.52
CA GLN E 265 -70.55 8.85 -24.21
C GLN E 265 -70.26 7.99 -25.45
N VAL E 266 -69.80 6.77 -25.22
CA VAL E 266 -69.45 5.85 -26.31
C VAL E 266 -69.41 4.40 -25.83
N TRP E 267 -69.96 3.51 -26.65
CA TRP E 267 -69.94 2.07 -26.37
C TRP E 267 -68.61 1.47 -26.82
N LEU E 268 -68.15 0.45 -26.10
CA LEU E 268 -66.88 -0.20 -26.38
C LEU E 268 -67.02 -1.73 -26.36
N PRO E 269 -66.78 -2.40 -27.50
CA PRO E 269 -66.88 -3.86 -27.54
C PRO E 269 -65.82 -4.54 -26.66
N VAL E 270 -66.25 -4.95 -25.46
CA VAL E 270 -65.33 -5.49 -24.46
C VAL E 270 -66.07 -6.42 -23.51
N GLU E 271 -65.34 -7.36 -22.90
CA GLU E 271 -65.89 -8.30 -21.93
C GLU E 271 -66.54 -7.53 -20.77
N SER E 272 -67.84 -7.73 -20.59
CA SER E 272 -68.61 -7.00 -19.58
C SER E 272 -68.85 -7.80 -18.30
N ARG E 273 -68.26 -8.99 -18.21
CA ARG E 273 -68.39 -9.84 -17.03
C ARG E 273 -67.72 -9.16 -15.83
N ASP E 274 -68.47 -9.03 -14.74
CA ASP E 274 -68.00 -8.36 -13.52
C ASP E 274 -67.71 -6.87 -13.75
N VAL E 277 -71.42 0.19 -12.18
CA VAL E 277 -71.16 1.43 -12.92
C VAL E 277 -70.60 2.51 -11.99
N GLY E 278 -70.24 3.66 -12.57
CA GLY E 278 -69.65 4.76 -11.81
C GLY E 278 -68.23 4.45 -11.34
N ALA E 279 -67.56 3.57 -12.06
CA ALA E 279 -66.19 3.17 -11.73
C ALA E 279 -65.19 4.02 -12.50
N ASN E 280 -64.17 4.51 -11.80
CA ASN E 280 -63.13 5.34 -12.42
C ASN E 280 -62.13 4.50 -13.22
N MET E 281 -62.54 4.08 -14.41
CA MET E 281 -61.72 3.23 -15.27
C MET E 281 -60.81 4.05 -16.16
N SER E 282 -59.77 3.41 -16.69
CA SER E 282 -58.85 4.03 -17.64
C SER E 282 -59.17 3.60 -19.06
N LEU E 283 -59.24 4.58 -19.96
CA LEU E 283 -59.52 4.30 -21.37
C LEU E 283 -58.20 4.22 -22.14
N GLY E 284 -57.79 2.99 -22.44
CA GLY E 284 -56.56 2.75 -23.19
C GLY E 284 -56.79 2.91 -24.68
N ILE E 285 -55.90 3.65 -25.34
CA ILE E 285 -55.93 3.81 -26.79
C ILE E 285 -54.54 4.25 -27.26
N ARG E 286 -54.04 3.59 -28.31
CA ARG E 286 -52.71 3.90 -28.83
C ARG E 286 -52.78 5.09 -29.80
N PRO E 287 -51.70 5.88 -29.89
CA PRO E 287 -51.65 7.02 -30.82
C PRO E 287 -51.88 6.66 -32.29
N GLU E 288 -51.52 5.43 -32.66
CA GLU E 288 -51.63 4.98 -34.05
C GLU E 288 -53.09 4.69 -34.41
N HIS E 289 -53.83 4.15 -33.44
CA HIS E 289 -55.23 3.76 -33.65
C HIS E 289 -56.19 4.93 -33.67
N LEU E 290 -55.73 6.11 -33.25
CA LEU E 290 -56.51 7.33 -33.35
C LEU E 290 -56.68 7.73 -34.83
N LEU E 291 -57.84 8.30 -35.15
CA LEU E 291 -58.19 8.66 -36.53
C LEU E 291 -58.17 10.18 -36.73
N PRO E 292 -58.28 10.62 -37.99
CA PRO E 292 -58.62 12.02 -38.29
C PRO E 292 -60.03 12.37 -37.80
N SER E 293 -60.23 13.63 -37.42
CA SER E 293 -61.49 14.07 -36.81
C SER E 293 -62.67 14.10 -37.80
N ASP E 294 -62.38 14.31 -39.08
CA ASP E 294 -63.43 14.35 -40.11
C ASP E 294 -64.11 12.99 -40.35
N ILE E 295 -63.36 11.91 -40.14
CA ILE E 295 -63.86 10.56 -40.37
C ILE E 295 -64.76 10.09 -39.23
N ALA E 296 -64.18 9.91 -38.05
CA ALA E 296 -64.90 9.36 -36.90
C ALA E 296 -65.90 10.35 -36.31
N ASP E 297 -66.90 9.81 -35.60
CA ASP E 297 -67.93 10.64 -34.97
C ASP E 297 -67.53 11.11 -33.56
N VAL E 298 -66.66 10.35 -32.90
CA VAL E 298 -66.14 10.72 -31.57
C VAL E 298 -64.89 11.57 -31.74
N ILE E 299 -64.98 12.84 -31.33
CA ILE E 299 -63.89 13.82 -31.52
C ILE E 299 -63.20 14.14 -30.20
N LEU E 300 -61.91 14.44 -30.27
CA LEU E 300 -61.12 14.83 -29.11
C LEU E 300 -60.22 16.00 -29.48
N GLU E 301 -60.74 17.22 -29.34
CA GLU E 301 -59.99 18.42 -29.70
C GLU E 301 -59.18 18.96 -28.52
N GLY E 302 -58.03 19.55 -28.83
CA GLY E 302 -57.16 20.13 -27.81
C GLY E 302 -56.06 21.00 -28.39
N GLU E 303 -55.18 21.47 -27.52
CA GLU E 303 -54.08 22.36 -27.91
C GLU E 303 -52.82 21.55 -28.14
N VAL E 304 -52.19 21.76 -29.30
CA VAL E 304 -50.96 21.05 -29.66
C VAL E 304 -49.79 21.58 -28.84
N GLN E 305 -49.24 20.74 -27.97
CA GLN E 305 -48.12 21.15 -27.10
C GLN E 305 -46.78 20.89 -27.79
N VAL E 306 -46.52 19.64 -28.14
CA VAL E 306 -45.26 19.23 -28.76
C VAL E 306 -45.54 18.50 -30.07
N VAL E 307 -44.71 18.75 -31.08
CA VAL E 307 -44.81 18.06 -32.37
C VAL E 307 -43.45 17.46 -32.74
N GLU E 308 -43.39 16.13 -32.74
CA GLU E 308 -42.17 15.42 -33.11
C GLU E 308 -42.20 15.04 -34.58
N GLN E 309 -41.48 15.78 -35.41
CA GLN E 309 -41.38 15.47 -36.84
C GLN E 309 -40.29 14.43 -37.07
N LEU E 310 -40.72 13.17 -37.21
CA LEU E 310 -39.80 12.04 -37.37
C LEU E 310 -39.50 11.72 -38.84
N GLY E 311 -40.08 12.47 -39.77
CA GLY E 311 -39.89 12.23 -41.20
C GLY E 311 -40.84 11.17 -41.71
N ASN E 312 -40.68 9.94 -41.21
CA ASN E 312 -41.59 8.84 -41.54
C ASN E 312 -43.00 9.06 -40.97
N GLU E 313 -43.08 9.89 -39.93
CA GLU E 313 -44.36 10.16 -39.27
C GLU E 313 -44.29 11.46 -38.47
N THR E 314 -45.44 11.85 -37.92
CA THR E 314 -45.53 13.01 -37.05
C THR E 314 -46.26 12.63 -35.78
N GLN E 315 -45.54 12.63 -34.65
CA GLN E 315 -46.14 12.34 -33.36
C GLN E 315 -46.49 13.65 -32.67
N ILE E 316 -47.78 13.85 -32.39
CA ILE E 316 -48.30 15.11 -31.89
C ILE E 316 -48.94 14.94 -30.51
N HIS E 317 -48.53 15.78 -29.57
CA HIS E 317 -49.07 15.77 -28.21
C HIS E 317 -50.17 16.82 -28.08
N ILE E 318 -51.37 16.38 -27.70
CA ILE E 318 -52.55 17.24 -27.65
C ILE E 318 -53.03 17.42 -26.19
N GLN E 319 -53.04 18.67 -25.74
CA GLN E 319 -53.58 19.00 -24.42
C GLN E 319 -55.11 19.00 -24.47
N ILE E 320 -55.70 17.87 -24.11
CA ILE E 320 -57.15 17.73 -24.05
C ILE E 320 -57.63 18.39 -22.76
N PRO E 321 -58.75 19.15 -22.81
CA PRO E 321 -59.25 19.76 -21.57
C PRO E 321 -59.77 18.74 -20.55
N SER E 322 -59.61 19.08 -19.27
CA SER E 322 -60.03 18.23 -18.14
C SER E 322 -59.31 16.88 -18.10
N ILE E 323 -57.99 16.93 -18.19
CA ILE E 323 -57.14 15.74 -18.05
C ILE E 323 -55.65 16.14 -18.02
N ARG E 324 -54.96 15.73 -16.96
CA ARG E 324 -53.52 15.99 -16.83
C ARG E 324 -52.71 14.92 -17.56
N GLN E 325 -52.94 14.81 -18.87
CA GLN E 325 -52.28 13.81 -19.70
C GLN E 325 -52.42 14.21 -21.17
N ASN E 326 -51.29 14.52 -21.80
CA ASN E 326 -51.28 14.91 -23.21
C ASN E 326 -51.63 13.72 -24.09
N LEU E 327 -52.72 13.87 -24.85
CA LEU E 327 -53.16 12.82 -25.77
C LEU E 327 -52.21 12.79 -26.98
N VAL E 328 -51.42 11.72 -27.07
CA VAL E 328 -50.44 11.59 -28.14
C VAL E 328 -51.11 11.02 -29.39
N TYR E 329 -50.80 11.63 -30.54
CA TYR E 329 -51.31 11.19 -31.84
C TYR E 329 -50.15 10.77 -32.73
N ARG E 330 -50.44 9.88 -33.68
CA ARG E 330 -49.42 9.35 -34.58
C ARG E 330 -50.00 9.12 -35.98
N GLN E 331 -49.27 9.55 -37.00
CA GLN E 331 -49.72 9.44 -38.39
C GLN E 331 -48.52 9.37 -39.34
N ASN E 332 -48.61 8.52 -40.36
CA ASN E 332 -47.53 8.35 -41.34
C ASN E 332 -47.30 9.59 -42.20
N ASP E 333 -46.06 9.72 -42.67
CA ASP E 333 -45.61 10.90 -43.42
C ASP E 333 -45.61 12.17 -42.56
N VAL E 334 -45.04 13.24 -43.09
CA VAL E 334 -44.98 14.52 -42.36
C VAL E 334 -46.34 15.22 -42.36
N VAL E 335 -46.65 15.89 -41.26
CA VAL E 335 -47.91 16.64 -41.12
C VAL E 335 -47.62 18.05 -40.61
N LEU E 336 -48.06 19.05 -41.37
CA LEU E 336 -47.80 20.45 -41.04
C LEU E 336 -48.77 20.95 -39.97
N VAL E 337 -48.30 21.01 -38.72
CA VAL E 337 -49.06 21.56 -37.60
C VAL E 337 -48.13 22.37 -36.69
N GLU E 338 -48.64 23.49 -36.18
CA GLU E 338 -47.83 24.40 -35.34
C GLU E 338 -47.97 24.05 -33.86
N GLU E 339 -46.93 24.35 -33.09
CA GLU E 339 -46.95 24.15 -31.64
C GLU E 339 -47.83 25.22 -30.98
N GLY E 340 -49.02 24.81 -30.56
CA GLY E 340 -49.98 25.72 -29.92
C GLY E 340 -51.28 25.88 -30.68
N ALA E 341 -51.32 25.37 -31.91
CA ALA E 341 -52.51 25.45 -32.75
C ALA E 341 -53.60 24.49 -32.26
N THR E 342 -54.86 24.87 -32.47
CA THR E 342 -55.99 24.01 -32.13
C THR E 342 -56.05 22.82 -33.09
N PHE E 343 -56.22 21.62 -32.55
CA PHE E 343 -56.19 20.39 -33.33
C PHE E 343 -57.10 19.34 -32.72
N ALA E 344 -57.85 18.64 -33.57
CA ALA E 344 -58.76 17.59 -33.14
C ALA E 344 -58.46 16.28 -33.84
N ILE E 345 -58.83 15.18 -33.19
CA ILE E 345 -58.63 13.83 -33.73
C ILE E 345 -59.82 12.93 -33.40
N GLY E 346 -59.96 11.87 -34.19
CA GLY E 346 -61.05 10.90 -34.02
C GLY E 346 -60.66 9.75 -33.13
N LEU E 347 -61.66 9.20 -32.42
CA LEU E 347 -61.45 8.10 -31.48
C LEU E 347 -62.37 6.93 -31.86
N PRO E 348 -61.82 5.87 -32.50
CA PRO E 348 -62.66 4.73 -32.88
C PRO E 348 -62.92 3.80 -31.69
N PRO E 349 -64.19 3.44 -31.45
CA PRO E 349 -64.52 2.57 -30.33
C PRO E 349 -64.05 1.13 -30.53
N GLU E 350 -63.87 0.71 -31.78
CA GLU E 350 -63.42 -0.64 -32.11
C GLU E 350 -61.97 -0.93 -31.71
N ARG E 351 -61.19 0.12 -31.43
CA ARG E 351 -59.77 -0.02 -31.10
C ARG E 351 -59.38 0.45 -29.69
N CYS E 352 -60.37 0.64 -28.82
CA CYS E 352 -60.11 1.13 -27.45
C CYS E 352 -60.00 -0.02 -26.45
N HIS E 353 -59.00 0.05 -25.57
CA HIS E 353 -58.86 -0.90 -24.46
C HIS E 353 -59.62 -0.37 -23.24
N LEU E 354 -59.80 -1.25 -22.25
CA LEU E 354 -60.48 -0.87 -21.01
C LEU E 354 -59.82 -1.53 -19.81
N PHE E 355 -59.57 -0.74 -18.77
CA PHE E 355 -58.88 -1.21 -17.57
C PHE E 355 -59.62 -0.79 -16.30
N ARG E 356 -59.58 -1.65 -15.28
CA ARG E 356 -60.26 -1.40 -14.01
C ARG E 356 -59.39 -0.52 -13.10
N GLU E 357 -59.93 -0.15 -11.94
CA GLU E 357 -59.19 0.67 -10.97
C GLU E 357 -57.91 -0.03 -10.51
N ASP E 358 -58.01 -1.33 -10.26
CA ASP E 358 -56.87 -2.13 -9.82
C ASP E 358 -55.74 -2.20 -10.85
N GLY E 359 -56.09 -2.26 -12.14
CA GLY E 359 -55.11 -2.33 -13.22
C GLY E 359 -55.37 -3.43 -14.24
N THR E 360 -56.23 -4.39 -13.89
CA THR E 360 -56.56 -5.50 -14.79
C THR E 360 -57.43 -5.02 -15.95
N ALA E 361 -57.23 -5.62 -17.12
CA ALA E 361 -57.89 -5.18 -18.35
C ALA E 361 -59.12 -6.02 -18.67
N CYS E 362 -60.18 -5.37 -19.14
CA CYS E 362 -61.37 -6.06 -19.66
C CYS E 362 -61.07 -6.52 -21.07
N ARG E 363 -61.31 -7.80 -21.35
CA ARG E 363 -60.93 -8.40 -22.64
C ARG E 363 -61.76 -7.82 -23.79
N ARG E 364 -61.07 -7.28 -24.79
CA ARG E 364 -61.72 -6.76 -25.99
C ARG E 364 -62.27 -7.90 -26.84
N LEU E 365 -63.50 -7.71 -27.33
CA LEU E 365 -64.16 -8.73 -28.16
C LEU E 365 -63.96 -8.48 -29.66
N HIS E 366 -63.20 -7.42 -29.99
CA HIS E 366 -62.89 -7.11 -31.38
C HIS E 366 -61.86 -8.08 -31.94
N LYS E 367 -62.21 -8.77 -33.02
CA LYS E 367 -61.32 -9.77 -33.63
C LYS E 367 -60.18 -9.10 -34.39
N GLU E 368 -59.07 -8.85 -33.69
CA GLU E 368 -57.89 -8.25 -34.31
C GLU E 368 -57.20 -9.26 -35.21
N PRO E 369 -56.72 -8.80 -36.39
CA PRO E 369 -56.00 -9.71 -37.28
C PRO E 369 -54.59 -9.99 -36.78
N GLY E 370 -54.14 -11.23 -36.94
CA GLY E 370 -52.82 -11.65 -36.48
C GLY E 370 -52.89 -12.75 -35.42
N VAL E 371 -53.82 -12.60 -34.48
CA VAL E 371 -53.96 -13.56 -33.38
C VAL E 371 -54.71 -14.81 -33.85
C1 GLC F . 31.33 -11.13 32.79
C2 GLC F . 32.71 -10.65 33.21
C3 GLC F . 33.54 -10.22 32.01
C4 GLC F . 33.50 -11.25 30.89
C5 GLC F . 32.08 -11.74 30.61
C6 GLC F . 32.07 -12.94 29.66
O1 GLC F . 30.56 -10.07 32.27
O2 GLC F . 32.57 -9.57 34.10
O3 GLC F . 34.87 -9.98 32.41
O4 GLC F . 34.03 -10.66 29.72
O5 GLC F . 31.46 -12.16 31.81
O6 GLC F . 30.76 -13.13 29.17
C1 GLC F . 35.41 -11.01 29.48
C2 GLC F . 36.19 -9.77 29.08
C3 GLC F . 35.64 -9.22 27.76
C4 GLC F . 35.47 -10.30 26.70
C5 GLC F . 34.88 -11.59 27.25
C6 GLC F . 35.04 -12.72 26.24
O2 GLC F . 36.07 -8.79 30.09
O3 GLC F . 36.51 -8.23 27.25
O4 GLC F . 34.63 -9.81 25.68
O5 GLC F . 35.54 -11.96 28.44
O6 GLC F . 34.34 -13.85 26.69
C1 GLC F . 35.33 -9.52 24.45
C2 GLC F . 34.87 -8.17 23.94
C3 GLC F . 33.36 -8.19 23.66
C4 GLC F . 32.96 -9.40 22.80
C5 GLC F . 33.68 -10.68 23.24
C6 GLC F . 33.55 -11.78 22.19
O2 GLC F . 35.18 -7.19 24.88
O3 GLC F . 33.04 -6.98 23.03
O4 GLC F . 31.57 -9.65 22.89
O5 GLC F . 35.06 -10.46 23.44
O6 GLC F . 34.39 -12.86 22.53
C1 GLC F . 30.80 -8.90 21.91
C2 GLC F . 29.33 -8.85 22.33
C3 GLC F . 28.65 -10.20 22.12
C4 GLC F . 28.81 -10.60 20.67
C5 GLC F . 30.30 -10.64 20.29
C6 GLC F . 30.46 -10.93 18.80
O2 GLC F . 29.20 -8.45 23.68
O3 GLC F . 27.28 -10.10 22.43
O4 GLC F . 28.24 -11.88 20.45
O5 GLC F . 30.94 -9.40 20.59
O6 GLC F . 31.56 -10.24 18.28
O4 GLC G . 7.91 -2.38 1.49
C1 GLC G . 6.69 -3.15 1.60
C2 GLC G . 6.15 -3.07 3.03
C3 GLC G . 6.95 -3.91 4.01
C4 GLC G . 7.05 -5.33 3.48
C5 GLC G . 7.64 -5.32 2.07
C6 GLC G . 7.70 -6.74 1.51
O2 GLC G . 6.12 -1.73 3.48
O3 GLC G . 6.31 -3.94 5.26
O4 GLC G . 7.82 -6.14 4.35
O5 GLC G . 6.88 -4.50 1.20
O6 GLC G . 7.60 -6.71 0.11
C1 GLC G . 7.10 -7.29 4.85
C2 GLC G . 7.31 -7.43 6.34
C3 GLC G . 8.72 -7.87 6.68
C4 GLC G . 9.17 -9.06 5.83
C5 GLC G . 8.83 -8.85 4.35
C6 GLC G . 9.11 -10.11 3.55
O2 GLC G . 7.06 -6.18 6.96
O3 GLC G . 8.77 -8.23 8.04
O4 GLC G . 10.56 -9.27 5.99
O5 GLC G . 7.48 -8.49 4.21
O6 GLC G . 8.61 -9.97 2.25
P PGV H . -13.91 -20.60 -7.13
C01 PGV H . -11.02 -21.02 -4.02
C02 PGV H . -11.64 -22.36 -4.38
C03 PGV H . -12.89 -22.18 -5.25
C04 PGV H . -14.68 -18.08 -7.21
C05 PGV H . -14.66 -16.80 -6.36
C06 PGV H . -15.48 -15.72 -7.05
O01 PGV H . -11.99 -23.07 -3.18
O02 PGV H . -12.43 -25.18 -4.03
O03 PGV H . -10.05 -20.67 -5.00
O04 PGV H . -7.99 -20.56 -3.99
O05 PGV H . -13.31 -16.37 -6.18
O06 PGV H . -15.68 -14.62 -6.15
O11 PGV H . -12.68 -21.21 -6.27
O12 PGV H . -14.11 -19.15 -6.47
O13 PGV H . -15.14 -21.43 -6.87
O14 PGV H . -13.41 -20.41 -8.54
C1 PGV H . -11.76 -24.51 -3.26
C2 PGV H . -10.72 -25.16 -2.39
C3 PGV H . -9.58 -25.72 -3.23
C4 PGV H . -8.51 -26.37 -2.36
C5 PGV H . -7.20 -25.56 -2.37
C6 PGV H . -6.13 -26.19 -1.49
C7 PGV H . -4.77 -25.60 -1.80
C8 PGV H . -3.83 -25.70 -0.59
C9 PGV H . -3.97 -24.48 0.32
C10 PGV H . -3.03 -24.57 1.52
C11 PGV H . -3.04 -23.30 2.36
C12 PGV H . -1.66 -22.67 2.49
C13 PGV H . -1.19 -22.03 1.18
C14 PGV H . 0.10 -22.65 0.68
C15 PGV H . 0.45 -22.16 -0.73
C16 PGV H . 0.77 -23.32 -1.67
C17 PGV H . 1.58 -22.84 -2.87
C18 PGV H . 3.06 -22.75 -2.56
C19 PGV H . -8.67 -21.10 -4.84
C20 PGV H . -8.11 -22.21 -5.70
C21 PGV H . -7.15 -23.10 -4.93
C22 PGV H . -5.68 -22.68 -5.09
C23 PGV H . -4.78 -23.85 -5.49
C24 PGV H . -3.45 -23.38 -6.07
C25 PGV H . -2.26 -23.78 -5.22
C26 PGV H . -0.95 -23.73 -6.00
C27 PGV H . -0.64 -22.31 -6.49
C28 PGV H . 0.84 -22.19 -6.89
C29 PGV H . 1.11 -20.95 -7.73
C30 PGV H . 1.65 -19.82 -6.86
C31 PGV H . 1.72 -18.49 -7.62
C32 PGV H . 3.03 -18.33 -8.39
C33 PGV H . 3.33 -16.86 -8.66
C34 PGV H . 4.16 -16.67 -9.91
#